data_7FIA
# 
_entry.id   7FIA 
# 
_audit_conform.dict_name       mmcif_pdbx.dic 
_audit_conform.dict_version    5.392 
_audit_conform.dict_location   http://mmcif.pdb.org/dictionaries/ascii/mmcif_pdbx.dic 
# 
loop_
_database_2.database_id 
_database_2.database_code 
_database_2.pdbx_database_accession 
_database_2.pdbx_DOI 
PDB   7FIA         pdb_00007fia 10.2210/pdb7fia/pdb 
WWPDB D_1300023638 ?            ?                   
# 
loop_
_pdbx_audit_revision_history.ordinal 
_pdbx_audit_revision_history.data_content_type 
_pdbx_audit_revision_history.major_revision 
_pdbx_audit_revision_history.minor_revision 
_pdbx_audit_revision_history.revision_date 
1 'Structure model' 1 0 2022-07-27 
2 'Structure model' 1 1 2024-05-29 
# 
_pdbx_audit_revision_details.ordinal             1 
_pdbx_audit_revision_details.revision_ordinal    1 
_pdbx_audit_revision_details.data_content_type   'Structure model' 
_pdbx_audit_revision_details.provider            repository 
_pdbx_audit_revision_details.type                'Initial release' 
_pdbx_audit_revision_details.description         ? 
_pdbx_audit_revision_details.details             ? 
# 
_pdbx_audit_revision_group.ordinal             1 
_pdbx_audit_revision_group.revision_ordinal    2 
_pdbx_audit_revision_group.data_content_type   'Structure model' 
_pdbx_audit_revision_group.group               'Data collection' 
# 
loop_
_pdbx_audit_revision_category.ordinal 
_pdbx_audit_revision_category.revision_ordinal 
_pdbx_audit_revision_category.data_content_type 
_pdbx_audit_revision_category.category 
1 2 'Structure model' chem_comp_atom 
2 2 'Structure model' chem_comp_bond 
# 
_pdbx_database_status.status_code                     REL 
_pdbx_database_status.status_code_sf                  REL 
_pdbx_database_status.status_code_mr                  ? 
_pdbx_database_status.entry_id                        7FIA 
_pdbx_database_status.recvd_initial_deposition_date   2021-07-30 
_pdbx_database_status.SG_entry                        N 
_pdbx_database_status.deposit_site                    PDBJ 
_pdbx_database_status.process_site                    PDBJ 
_pdbx_database_status.status_code_cs                  ? 
_pdbx_database_status.status_code_nmr_data            ? 
_pdbx_database_status.methods_development_category    ? 
_pdbx_database_status.pdb_format_compatible           Y 
# 
_pdbx_contact_author.id                 2 
_pdbx_contact_author.email              forest66318@163.com 
_pdbx_contact_author.name_first         Yue 
_pdbx_contact_author.name_last          Feng 
_pdbx_contact_author.name_mi            ? 
_pdbx_contact_author.role               'principal investigator/group leader' 
_pdbx_contact_author.identifier_ORCID   0000-0002-1576-1385 
# 
loop_
_audit_author.name 
_audit_author.pdbx_ordinal 
_audit_author.identifier_ORCID 
'Ren, J.' 1 ? 
'Yue, F.' 2 ? 
# 
_citation.abstract                  ? 
_citation.abstract_id_CAS           ? 
_citation.book_id_ISBN              ? 
_citation.book_publisher            ? 
_citation.book_publisher_city       ? 
_citation.book_title                ? 
_citation.coordinate_linkage        ? 
_citation.country                   US 
_citation.database_id_Medline       ? 
_citation.details                   ? 
_citation.id                        primary 
_citation.journal_abbrev            J.Biol.Chem. 
_citation.journal_id_ASTM           JBCHA3 
_citation.journal_id_CSD            0071 
_citation.journal_id_ISSN           1083-351X 
_citation.journal_full              ? 
_citation.journal_issue             ? 
_citation.journal_volume            298 
_citation.language                  ? 
_citation.page_first                102124 
_citation.page_last                 102124 
_citation.title                     
'Structural and mechanistic insights into the inhibition of type I-F CRISPR-Cas system by anti-CRISPR protein AcrIF23.' 
_citation.year                      2022 
_citation.database_id_CSD           ? 
_citation.pdbx_database_id_DOI      10.1016/j.jbc.2022.102124 
_citation.pdbx_database_id_PubMed   35697070 
_citation.pdbx_database_id_patent   ? 
_citation.unpublished_flag          ? 
# 
loop_
_citation_author.citation_id 
_citation_author.name 
_citation_author.ordinal 
_citation_author.identifier_ORCID 
primary 'Ren, J.'   1 ? 
primary 'Wang, H.'  2 ? 
primary 'Yang, L.'  3 ? 
primary 'Li, F.'    4 ? 
primary 'Wu, Y.'    5 ? 
primary 'Luo, Z.'   6 ? 
primary 'Chen, Z.'  7 ? 
primary 'Zhang, Y.' 8 ? 
primary 'Feng, Y.'  9 ? 
# 
loop_
_entity.id 
_entity.type 
_entity.src_method 
_entity.pdbx_description 
_entity.formula_weight 
_entity.pdbx_number_of_molecules 
_entity.pdbx_ec 
_entity.pdbx_mutation 
_entity.pdbx_fragment 
_entity.details 
1 polymer man AcrIF23 17716.770 1   ? ? ? ? 
2 water   nat water   18.015    133 ? ? ? ? 
# 
_entity_poly.entity_id                      1 
_entity_poly.type                           'polypeptide(L)' 
_entity_poly.nstd_linkage                   no 
_entity_poly.nstd_monomer                   no 
_entity_poly.pdbx_seq_one_letter_code       
;GSMTNFQTWLDSADIPVQQNGQWIDLETGIAYDPSYNYAANTRRASLSPRGIDARAVAKTFGGRALTGTARQKEWAEKIR
AEKVQQMNQDQAEMACDPSGLLTAAKFWIENRNDSAQEIAGFVMQQKALLAQHRSAKAAGQADKVAKIAAEYNALTARWG
F
;
_entity_poly.pdbx_seq_one_letter_code_can   
;GSMTNFQTWLDSADIPVQQNGQWIDLETGIAYDPSYNYAANTRRASLSPRGIDARAVAKTFGGRALTGTARQKEWAEKIR
AEKVQQMNQDQAEMACDPSGLLTAAKFWIENRNDSAQEIAGFVMQQKALLAQHRSAKAAGQADKVAKIAAEYNALTARWG
F
;
_entity_poly.pdbx_strand_id                 A 
_entity_poly.pdbx_target_identifier         ? 
# 
_pdbx_entity_nonpoly.entity_id   2 
_pdbx_entity_nonpoly.name        water 
_pdbx_entity_nonpoly.comp_id     HOH 
# 
loop_
_entity_poly_seq.entity_id 
_entity_poly_seq.num 
_entity_poly_seq.mon_id 
_entity_poly_seq.hetero 
1 1   GLY n 
1 2   SER n 
1 3   MET n 
1 4   THR n 
1 5   ASN n 
1 6   PHE n 
1 7   GLN n 
1 8   THR n 
1 9   TRP n 
1 10  LEU n 
1 11  ASP n 
1 12  SER n 
1 13  ALA n 
1 14  ASP n 
1 15  ILE n 
1 16  PRO n 
1 17  VAL n 
1 18  GLN n 
1 19  GLN n 
1 20  ASN n 
1 21  GLY n 
1 22  GLN n 
1 23  TRP n 
1 24  ILE n 
1 25  ASP n 
1 26  LEU n 
1 27  GLU n 
1 28  THR n 
1 29  GLY n 
1 30  ILE n 
1 31  ALA n 
1 32  TYR n 
1 33  ASP n 
1 34  PRO n 
1 35  SER n 
1 36  TYR n 
1 37  ASN n 
1 38  TYR n 
1 39  ALA n 
1 40  ALA n 
1 41  ASN n 
1 42  THR n 
1 43  ARG n 
1 44  ARG n 
1 45  ALA n 
1 46  SER n 
1 47  LEU n 
1 48  SER n 
1 49  PRO n 
1 50  ARG n 
1 51  GLY n 
1 52  ILE n 
1 53  ASP n 
1 54  ALA n 
1 55  ARG n 
1 56  ALA n 
1 57  VAL n 
1 58  ALA n 
1 59  LYS n 
1 60  THR n 
1 61  PHE n 
1 62  GLY n 
1 63  GLY n 
1 64  ARG n 
1 65  ALA n 
1 66  LEU n 
1 67  THR n 
1 68  GLY n 
1 69  THR n 
1 70  ALA n 
1 71  ARG n 
1 72  GLN n 
1 73  LYS n 
1 74  GLU n 
1 75  TRP n 
1 76  ALA n 
1 77  GLU n 
1 78  LYS n 
1 79  ILE n 
1 80  ARG n 
1 81  ALA n 
1 82  GLU n 
1 83  LYS n 
1 84  VAL n 
1 85  GLN n 
1 86  GLN n 
1 87  MET n 
1 88  ASN n 
1 89  GLN n 
1 90  ASP n 
1 91  GLN n 
1 92  ALA n 
1 93  GLU n 
1 94  MET n 
1 95  ALA n 
1 96  CYS n 
1 97  ASP n 
1 98  PRO n 
1 99  SER n 
1 100 GLY n 
1 101 LEU n 
1 102 LEU n 
1 103 THR n 
1 104 ALA n 
1 105 ALA n 
1 106 LYS n 
1 107 PHE n 
1 108 TRP n 
1 109 ILE n 
1 110 GLU n 
1 111 ASN n 
1 112 ARG n 
1 113 ASN n 
1 114 ASP n 
1 115 SER n 
1 116 ALA n 
1 117 GLN n 
1 118 GLU n 
1 119 ILE n 
1 120 ALA n 
1 121 GLY n 
1 122 PHE n 
1 123 VAL n 
1 124 MET n 
1 125 GLN n 
1 126 GLN n 
1 127 LYS n 
1 128 ALA n 
1 129 LEU n 
1 130 LEU n 
1 131 ALA n 
1 132 GLN n 
1 133 HIS n 
1 134 ARG n 
1 135 SER n 
1 136 ALA n 
1 137 LYS n 
1 138 ALA n 
1 139 ALA n 
1 140 GLY n 
1 141 GLN n 
1 142 ALA n 
1 143 ASP n 
1 144 LYS n 
1 145 VAL n 
1 146 ALA n 
1 147 LYS n 
1 148 ILE n 
1 149 ALA n 
1 150 ALA n 
1 151 GLU n 
1 152 TYR n 
1 153 ASN n 
1 154 ALA n 
1 155 LEU n 
1 156 THR n 
1 157 ALA n 
1 158 ARG n 
1 159 TRP n 
1 160 GLY n 
1 161 PHE n 
# 
_entity_src_gen.entity_id                          1 
_entity_src_gen.pdbx_src_id                        1 
_entity_src_gen.pdbx_alt_source_flag               sample 
_entity_src_gen.pdbx_seq_type                      'Biological sequence' 
_entity_src_gen.pdbx_beg_seq_num                   1 
_entity_src_gen.pdbx_end_seq_num                   161 
_entity_src_gen.gene_src_common_name               ? 
_entity_src_gen.gene_src_genus                     ? 
_entity_src_gen.pdbx_gene_src_gene                 ? 
_entity_src_gen.gene_src_species                   ? 
_entity_src_gen.gene_src_strain                    ? 
_entity_src_gen.gene_src_tissue                    ? 
_entity_src_gen.gene_src_tissue_fraction           ? 
_entity_src_gen.gene_src_details                   ? 
_entity_src_gen.pdbx_gene_src_fragment             ? 
_entity_src_gen.pdbx_gene_src_scientific_name      'Pseudomonas aeruginosa' 
_entity_src_gen.pdbx_gene_src_ncbi_taxonomy_id     287 
_entity_src_gen.pdbx_gene_src_variant              ? 
_entity_src_gen.pdbx_gene_src_cell_line            ? 
_entity_src_gen.pdbx_gene_src_atcc                 ? 
_entity_src_gen.pdbx_gene_src_organ                ? 
_entity_src_gen.pdbx_gene_src_organelle            ? 
_entity_src_gen.pdbx_gene_src_cell                 ? 
_entity_src_gen.pdbx_gene_src_cellular_location    ? 
_entity_src_gen.host_org_common_name               ? 
_entity_src_gen.pdbx_host_org_scientific_name      'Escherichia coli' 
_entity_src_gen.pdbx_host_org_ncbi_taxonomy_id     562 
_entity_src_gen.host_org_genus                     ? 
_entity_src_gen.pdbx_host_org_gene                 ? 
_entity_src_gen.pdbx_host_org_organ                ? 
_entity_src_gen.host_org_species                   ? 
_entity_src_gen.pdbx_host_org_tissue               ? 
_entity_src_gen.pdbx_host_org_tissue_fraction      ? 
_entity_src_gen.pdbx_host_org_strain               ? 
_entity_src_gen.pdbx_host_org_variant              ? 
_entity_src_gen.pdbx_host_org_cell_line            ? 
_entity_src_gen.pdbx_host_org_atcc                 ? 
_entity_src_gen.pdbx_host_org_culture_collection   ? 
_entity_src_gen.pdbx_host_org_cell                 ? 
_entity_src_gen.pdbx_host_org_organelle            ? 
_entity_src_gen.pdbx_host_org_cellular_location    ? 
_entity_src_gen.pdbx_host_org_vector_type          ? 
_entity_src_gen.pdbx_host_org_vector               ? 
_entity_src_gen.host_org_details                   ? 
_entity_src_gen.expression_system_id               ? 
_entity_src_gen.plasmid_name                       ? 
_entity_src_gen.plasmid_details                    ? 
_entity_src_gen.pdbx_description                   ? 
# 
loop_
_chem_comp.id 
_chem_comp.type 
_chem_comp.mon_nstd_flag 
_chem_comp.name 
_chem_comp.pdbx_synonyms 
_chem_comp.formula 
_chem_comp.formula_weight 
ALA 'L-peptide linking' y ALANINE         ? 'C3 H7 N O2'     89.093  
ARG 'L-peptide linking' y ARGININE        ? 'C6 H15 N4 O2 1' 175.209 
ASN 'L-peptide linking' y ASPARAGINE      ? 'C4 H8 N2 O3'    132.118 
ASP 'L-peptide linking' y 'ASPARTIC ACID' ? 'C4 H7 N O4'     133.103 
CYS 'L-peptide linking' y CYSTEINE        ? 'C3 H7 N O2 S'   121.158 
GLN 'L-peptide linking' y GLUTAMINE       ? 'C5 H10 N2 O3'   146.144 
GLU 'L-peptide linking' y 'GLUTAMIC ACID' ? 'C5 H9 N O4'     147.129 
GLY 'peptide linking'   y GLYCINE         ? 'C2 H5 N O2'     75.067  
HIS 'L-peptide linking' y HISTIDINE       ? 'C6 H10 N3 O2 1' 156.162 
HOH non-polymer         . WATER           ? 'H2 O'           18.015  
ILE 'L-peptide linking' y ISOLEUCINE      ? 'C6 H13 N O2'    131.173 
LEU 'L-peptide linking' y LEUCINE         ? 'C6 H13 N O2'    131.173 
LYS 'L-peptide linking' y LYSINE          ? 'C6 H15 N2 O2 1' 147.195 
MET 'L-peptide linking' y METHIONINE      ? 'C5 H11 N O2 S'  149.211 
PHE 'L-peptide linking' y PHENYLALANINE   ? 'C9 H11 N O2'    165.189 
PRO 'L-peptide linking' y PROLINE         ? 'C5 H9 N O2'     115.130 
SER 'L-peptide linking' y SERINE          ? 'C3 H7 N O3'     105.093 
THR 'L-peptide linking' y THREONINE       ? 'C4 H9 N O3'     119.119 
TRP 'L-peptide linking' y TRYPTOPHAN      ? 'C11 H12 N2 O2'  204.225 
TYR 'L-peptide linking' y TYROSINE        ? 'C9 H11 N O3'    181.189 
VAL 'L-peptide linking' y VALINE          ? 'C5 H11 N O2'    117.146 
# 
loop_
_pdbx_poly_seq_scheme.asym_id 
_pdbx_poly_seq_scheme.entity_id 
_pdbx_poly_seq_scheme.seq_id 
_pdbx_poly_seq_scheme.mon_id 
_pdbx_poly_seq_scheme.ndb_seq_num 
_pdbx_poly_seq_scheme.pdb_seq_num 
_pdbx_poly_seq_scheme.auth_seq_num 
_pdbx_poly_seq_scheme.pdb_mon_id 
_pdbx_poly_seq_scheme.auth_mon_id 
_pdbx_poly_seq_scheme.pdb_strand_id 
_pdbx_poly_seq_scheme.pdb_ins_code 
_pdbx_poly_seq_scheme.hetero 
A 1 1   GLY 1   -1  ?   ?   ?   A . n 
A 1 2   SER 2   0   0   SER SER A . n 
A 1 3   MET 3   1   1   MET MET A . n 
A 1 4   THR 4   2   2   THR THR A . n 
A 1 5   ASN 5   3   3   ASN ASN A . n 
A 1 6   PHE 6   4   4   PHE PHE A . n 
A 1 7   GLN 7   5   5   GLN GLN A . n 
A 1 8   THR 8   6   6   THR THR A . n 
A 1 9   TRP 9   7   7   TRP TRP A . n 
A 1 10  LEU 10  8   8   LEU LEU A . n 
A 1 11  ASP 11  9   9   ASP ASP A . n 
A 1 12  SER 12  10  10  SER SER A . n 
A 1 13  ALA 13  11  11  ALA ALA A . n 
A 1 14  ASP 14  12  12  ASP ASP A . n 
A 1 15  ILE 15  13  13  ILE ILE A . n 
A 1 16  PRO 16  14  14  PRO PRO A . n 
A 1 17  VAL 17  15  15  VAL VAL A . n 
A 1 18  GLN 18  16  16  GLN GLN A . n 
A 1 19  GLN 19  17  17  GLN GLN A . n 
A 1 20  ASN 20  18  18  ASN ASN A . n 
A 1 21  GLY 21  19  19  GLY GLY A . n 
A 1 22  GLN 22  20  20  GLN GLN A . n 
A 1 23  TRP 23  21  21  TRP TRP A . n 
A 1 24  ILE 24  22  22  ILE ILE A . n 
A 1 25  ASP 25  23  23  ASP ASP A . n 
A 1 26  LEU 26  24  24  LEU LEU A . n 
A 1 27  GLU 27  25  25  GLU GLU A . n 
A 1 28  THR 28  26  26  THR THR A . n 
A 1 29  GLY 29  27  27  GLY GLY A . n 
A 1 30  ILE 30  28  28  ILE ILE A . n 
A 1 31  ALA 31  29  29  ALA ALA A . n 
A 1 32  TYR 32  30  30  TYR TYR A . n 
A 1 33  ASP 33  31  31  ASP ASP A . n 
A 1 34  PRO 34  32  32  PRO PRO A . n 
A 1 35  SER 35  33  33  SER SER A . n 
A 1 36  TYR 36  34  34  TYR TYR A . n 
A 1 37  ASN 37  35  35  ASN ASN A . n 
A 1 38  TYR 38  36  36  TYR TYR A . n 
A 1 39  ALA 39  37  37  ALA ALA A . n 
A 1 40  ALA 40  38  38  ALA ALA A . n 
A 1 41  ASN 41  39  39  ASN ASN A . n 
A 1 42  THR 42  40  40  THR THR A . n 
A 1 43  ARG 43  41  41  ARG ARG A . n 
A 1 44  ARG 44  42  42  ARG ARG A . n 
A 1 45  ALA 45  43  43  ALA ALA A . n 
A 1 46  SER 46  44  44  SER SER A . n 
A 1 47  LEU 47  45  45  LEU LEU A . n 
A 1 48  SER 48  46  46  SER SER A . n 
A 1 49  PRO 49  47  47  PRO PRO A . n 
A 1 50  ARG 50  48  48  ARG ARG A . n 
A 1 51  GLY 51  49  49  GLY GLY A . n 
A 1 52  ILE 52  50  50  ILE ILE A . n 
A 1 53  ASP 53  51  51  ASP ASP A . n 
A 1 54  ALA 54  52  52  ALA ALA A . n 
A 1 55  ARG 55  53  53  ARG ARG A . n 
A 1 56  ALA 56  54  54  ALA ALA A . n 
A 1 57  VAL 57  55  55  VAL VAL A . n 
A 1 58  ALA 58  56  56  ALA ALA A . n 
A 1 59  LYS 59  57  57  LYS LYS A . n 
A 1 60  THR 60  58  58  THR THR A . n 
A 1 61  PHE 61  59  59  PHE PHE A . n 
A 1 62  GLY 62  60  60  GLY GLY A . n 
A 1 63  GLY 63  61  61  GLY GLY A . n 
A 1 64  ARG 64  62  62  ARG ARG A . n 
A 1 65  ALA 65  63  63  ALA ALA A . n 
A 1 66  LEU 66  64  64  LEU LEU A . n 
A 1 67  THR 67  65  65  THR THR A . n 
A 1 68  GLY 68  66  66  GLY GLY A . n 
A 1 69  THR 69  67  67  THR THR A . n 
A 1 70  ALA 70  68  68  ALA ALA A . n 
A 1 71  ARG 71  69  69  ARG ARG A . n 
A 1 72  GLN 72  70  70  GLN GLN A . n 
A 1 73  LYS 73  71  71  LYS LYS A . n 
A 1 74  GLU 74  72  72  GLU GLU A . n 
A 1 75  TRP 75  73  73  TRP TRP A . n 
A 1 76  ALA 76  74  74  ALA ALA A . n 
A 1 77  GLU 77  75  75  GLU GLU A . n 
A 1 78  LYS 78  76  76  LYS LYS A . n 
A 1 79  ILE 79  77  77  ILE ILE A . n 
A 1 80  ARG 80  78  78  ARG ARG A . n 
A 1 81  ALA 81  79  79  ALA ALA A . n 
A 1 82  GLU 82  80  80  GLU GLU A . n 
A 1 83  LYS 83  81  81  LYS LYS A . n 
A 1 84  VAL 84  82  82  VAL VAL A . n 
A 1 85  GLN 85  83  83  GLN GLN A . n 
A 1 86  GLN 86  84  84  GLN GLN A . n 
A 1 87  MET 87  85  85  MET MET A . n 
A 1 88  ASN 88  86  86  ASN ASN A . n 
A 1 89  GLN 89  87  87  GLN GLN A . n 
A 1 90  ASP 90  88  88  ASP ASP A . n 
A 1 91  GLN 91  89  89  GLN GLN A . n 
A 1 92  ALA 92  90  90  ALA ALA A . n 
A 1 93  GLU 93  91  91  GLU GLU A . n 
A 1 94  MET 94  92  92  MET MET A . n 
A 1 95  ALA 95  93  93  ALA ALA A . n 
A 1 96  CYS 96  94  94  CYS CYS A . n 
A 1 97  ASP 97  95  95  ASP ASP A . n 
A 1 98  PRO 98  96  96  PRO PRO A . n 
A 1 99  SER 99  97  97  SER SER A . n 
A 1 100 GLY 100 98  98  GLY GLY A . n 
A 1 101 LEU 101 99  99  LEU LEU A . n 
A 1 102 LEU 102 100 100 LEU LEU A . n 
A 1 103 THR 103 101 101 THR THR A . n 
A 1 104 ALA 104 102 102 ALA ALA A . n 
A 1 105 ALA 105 103 103 ALA ALA A . n 
A 1 106 LYS 106 104 104 LYS LYS A . n 
A 1 107 PHE 107 105 105 PHE PHE A . n 
A 1 108 TRP 108 106 106 TRP TRP A . n 
A 1 109 ILE 109 107 107 ILE ILE A . n 
A 1 110 GLU 110 108 108 GLU GLU A . n 
A 1 111 ASN 111 109 109 ASN ASN A . n 
A 1 112 ARG 112 110 110 ARG ARG A . n 
A 1 113 ASN 113 111 111 ASN ASN A . n 
A 1 114 ASP 114 112 112 ASP ASP A . n 
A 1 115 SER 115 113 113 SER SER A . n 
A 1 116 ALA 116 114 114 ALA ALA A . n 
A 1 117 GLN 117 115 115 GLN GLN A . n 
A 1 118 GLU 118 116 116 GLU GLU A . n 
A 1 119 ILE 119 117 117 ILE ILE A . n 
A 1 120 ALA 120 118 118 ALA ALA A . n 
A 1 121 GLY 121 119 119 GLY GLY A . n 
A 1 122 PHE 122 120 120 PHE PHE A . n 
A 1 123 VAL 123 121 121 VAL VAL A . n 
A 1 124 MET 124 122 122 MET MET A . n 
A 1 125 GLN 125 123 123 GLN GLN A . n 
A 1 126 GLN 126 124 124 GLN GLN A . n 
A 1 127 LYS 127 125 125 LYS LYS A . n 
A 1 128 ALA 128 126 126 ALA ALA A . n 
A 1 129 LEU 129 127 127 LEU LEU A . n 
A 1 130 LEU 130 128 128 LEU LEU A . n 
A 1 131 ALA 131 129 129 ALA ALA A . n 
A 1 132 GLN 132 130 130 GLN GLN A . n 
A 1 133 HIS 133 131 131 HIS HIS A . n 
A 1 134 ARG 134 132 132 ARG ARG A . n 
A 1 135 SER 135 133 133 SER SER A . n 
A 1 136 ALA 136 134 134 ALA ALA A . n 
A 1 137 LYS 137 135 135 LYS LYS A . n 
A 1 138 ALA 138 136 136 ALA ALA A . n 
A 1 139 ALA 139 137 137 ALA ALA A . n 
A 1 140 GLY 140 138 138 GLY GLY A . n 
A 1 141 GLN 141 139 139 GLN GLN A . n 
A 1 142 ALA 142 140 140 ALA ALA A . n 
A 1 143 ASP 143 141 141 ASP ASP A . n 
A 1 144 LYS 144 142 142 LYS LYS A . n 
A 1 145 VAL 145 143 143 VAL VAL A . n 
A 1 146 ALA 146 144 144 ALA ALA A . n 
A 1 147 LYS 147 145 145 LYS LYS A . n 
A 1 148 ILE 148 146 146 ILE ILE A . n 
A 1 149 ALA 149 147 147 ALA ALA A . n 
A 1 150 ALA 150 148 148 ALA ALA A . n 
A 1 151 GLU 151 149 149 GLU GLU A . n 
A 1 152 TYR 152 150 150 TYR TYR A . n 
A 1 153 ASN 153 151 151 ASN ASN A . n 
A 1 154 ALA 154 152 152 ALA ALA A . n 
A 1 155 LEU 155 153 153 LEU LEU A . n 
A 1 156 THR 156 154 154 THR THR A . n 
A 1 157 ALA 157 155 155 ALA ALA A . n 
A 1 158 ARG 158 156 156 ARG ARG A . n 
A 1 159 TRP 159 157 157 TRP TRP A . n 
A 1 160 GLY 160 158 158 GLY GLY A . n 
A 1 161 PHE 161 159 159 PHE PHE A . n 
# 
loop_
_pdbx_nonpoly_scheme.asym_id 
_pdbx_nonpoly_scheme.entity_id 
_pdbx_nonpoly_scheme.mon_id 
_pdbx_nonpoly_scheme.ndb_seq_num 
_pdbx_nonpoly_scheme.pdb_seq_num 
_pdbx_nonpoly_scheme.auth_seq_num 
_pdbx_nonpoly_scheme.pdb_mon_id 
_pdbx_nonpoly_scheme.auth_mon_id 
_pdbx_nonpoly_scheme.pdb_strand_id 
_pdbx_nonpoly_scheme.pdb_ins_code 
B 2 HOH 1   201 18  HOH HOH A . 
B 2 HOH 2   202 37  HOH HOH A . 
B 2 HOH 3   203 7   HOH HOH A . 
B 2 HOH 4   204 8   HOH HOH A . 
B 2 HOH 5   205 77  HOH HOH A . 
B 2 HOH 6   206 111 HOH HOH A . 
B 2 HOH 7   207 96  HOH HOH A . 
B 2 HOH 8   208 74  HOH HOH A . 
B 2 HOH 9   209 101 HOH HOH A . 
B 2 HOH 10  210 130 HOH HOH A . 
B 2 HOH 11  211 53  HOH HOH A . 
B 2 HOH 12  212 52  HOH HOH A . 
B 2 HOH 13  213 107 HOH HOH A . 
B 2 HOH 14  214 9   HOH HOH A . 
B 2 HOH 15  215 10  HOH HOH A . 
B 2 HOH 16  216 66  HOH HOH A . 
B 2 HOH 17  217 100 HOH HOH A . 
B 2 HOH 18  218 38  HOH HOH A . 
B 2 HOH 19  219 56  HOH HOH A . 
B 2 HOH 20  220 50  HOH HOH A . 
B 2 HOH 21  221 22  HOH HOH A . 
B 2 HOH 22  222 138 HOH HOH A . 
B 2 HOH 23  223 15  HOH HOH A . 
B 2 HOH 24  224 55  HOH HOH A . 
B 2 HOH 25  225 47  HOH HOH A . 
B 2 HOH 26  227 87  HOH HOH A . 
B 2 HOH 27  228 30  HOH HOH A . 
B 2 HOH 28  229 135 HOH HOH A . 
B 2 HOH 29  230 78  HOH HOH A . 
B 2 HOH 30  231 46  HOH HOH A . 
B 2 HOH 31  232 71  HOH HOH A . 
B 2 HOH 32  233 11  HOH HOH A . 
B 2 HOH 33  234 3   HOH HOH A . 
B 2 HOH 34  235 25  HOH HOH A . 
B 2 HOH 35  236 49  HOH HOH A . 
B 2 HOH 36  237 27  HOH HOH A . 
B 2 HOH 37  238 72  HOH HOH A . 
B 2 HOH 38  239 75  HOH HOH A . 
B 2 HOH 39  240 63  HOH HOH A . 
B 2 HOH 40  241 64  HOH HOH A . 
B 2 HOH 41  242 85  HOH HOH A . 
B 2 HOH 42  243 14  HOH HOH A . 
B 2 HOH 43  244 120 HOH HOH A . 
B 2 HOH 44  245 20  HOH HOH A . 
B 2 HOH 45  246 28  HOH HOH A . 
B 2 HOH 46  247 51  HOH HOH A . 
B 2 HOH 47  248 103 HOH HOH A . 
B 2 HOH 48  249 95  HOH HOH A . 
B 2 HOH 49  250 42  HOH HOH A . 
B 2 HOH 50  251 23  HOH HOH A . 
B 2 HOH 51  252 117 HOH HOH A . 
B 2 HOH 52  253 32  HOH HOH A . 
B 2 HOH 53  254 31  HOH HOH A . 
B 2 HOH 54  255 12  HOH HOH A . 
B 2 HOH 55  256 105 HOH HOH A . 
B 2 HOH 56  257 41  HOH HOH A . 
B 2 HOH 57  258 128 HOH HOH A . 
B 2 HOH 58  259 54  HOH HOH A . 
B 2 HOH 59  260 69  HOH HOH A . 
B 2 HOH 60  261 57  HOH HOH A . 
B 2 HOH 61  262 112 HOH HOH A . 
B 2 HOH 62  263 19  HOH HOH A . 
B 2 HOH 63  264 109 HOH HOH A . 
B 2 HOH 64  265 43  HOH HOH A . 
B 2 HOH 65  266 60  HOH HOH A . 
B 2 HOH 66  267 29  HOH HOH A . 
B 2 HOH 67  268 4   HOH HOH A . 
B 2 HOH 68  269 21  HOH HOH A . 
B 2 HOH 69  270 33  HOH HOH A . 
B 2 HOH 70  271 97  HOH HOH A . 
B 2 HOH 71  272 58  HOH HOH A . 
B 2 HOH 72  273 67  HOH HOH A . 
B 2 HOH 73  274 35  HOH HOH A . 
B 2 HOH 74  275 17  HOH HOH A . 
B 2 HOH 75  276 92  HOH HOH A . 
B 2 HOH 76  277 94  HOH HOH A . 
B 2 HOH 77  278 48  HOH HOH A . 
B 2 HOH 78  279 16  HOH HOH A . 
B 2 HOH 79  280 34  HOH HOH A . 
B 2 HOH 80  281 68  HOH HOH A . 
B 2 HOH 81  282 115 HOH HOH A . 
B 2 HOH 82  283 102 HOH HOH A . 
B 2 HOH 83  284 129 HOH HOH A . 
B 2 HOH 84  285 24  HOH HOH A . 
B 2 HOH 85  286 82  HOH HOH A . 
B 2 HOH 86  287 73  HOH HOH A . 
B 2 HOH 87  288 125 HOH HOH A . 
B 2 HOH 88  289 13  HOH HOH A . 
B 2 HOH 89  290 79  HOH HOH A . 
B 2 HOH 90  291 45  HOH HOH A . 
B 2 HOH 91  292 6   HOH HOH A . 
B 2 HOH 92  293 80  HOH HOH A . 
B 2 HOH 93  294 84  HOH HOH A . 
B 2 HOH 94  295 131 HOH HOH A . 
B 2 HOH 95  296 76  HOH HOH A . 
B 2 HOH 96  297 116 HOH HOH A . 
B 2 HOH 97  298 61  HOH HOH A . 
B 2 HOH 98  299 90  HOH HOH A . 
B 2 HOH 99  300 39  HOH HOH A . 
B 2 HOH 100 301 5   HOH HOH A . 
B 2 HOH 101 302 91  HOH HOH A . 
B 2 HOH 102 303 81  HOH HOH A . 
B 2 HOH 103 304 83  HOH HOH A . 
B 2 HOH 104 305 132 HOH HOH A . 
B 2 HOH 105 306 106 HOH HOH A . 
B 2 HOH 106 307 88  HOH HOH A . 
B 2 HOH 107 308 36  HOH HOH A . 
B 2 HOH 108 309 137 HOH HOH A . 
B 2 HOH 109 310 113 HOH HOH A . 
B 2 HOH 110 311 104 HOH HOH A . 
B 2 HOH 111 312 133 HOH HOH A . 
B 2 HOH 112 313 139 HOH HOH A . 
B 2 HOH 113 314 70  HOH HOH A . 
B 2 HOH 114 315 89  HOH HOH A . 
B 2 HOH 115 316 127 HOH HOH A . 
B 2 HOH 116 317 118 HOH HOH A . 
B 2 HOH 117 318 59  HOH HOH A . 
B 2 HOH 118 319 26  HOH HOH A . 
B 2 HOH 119 320 86  HOH HOH A . 
B 2 HOH 120 321 108 HOH HOH A . 
B 2 HOH 121 322 93  HOH HOH A . 
B 2 HOH 122 323 110 HOH HOH A . 
B 2 HOH 123 324 98  HOH HOH A . 
B 2 HOH 124 325 134 HOH HOH A . 
B 2 HOH 125 326 119 HOH HOH A . 
B 2 HOH 126 327 126 HOH HOH A . 
B 2 HOH 127 328 122 HOH HOH A . 
B 2 HOH 128 329 99  HOH HOH A . 
B 2 HOH 129 330 136 HOH HOH A . 
B 2 HOH 130 331 124 HOH HOH A . 
B 2 HOH 131 332 62  HOH HOH A . 
B 2 HOH 132 333 44  HOH HOH A . 
B 2 HOH 133 334 123 HOH HOH A . 
# 
loop_
_software.citation_id 
_software.classification 
_software.compiler_name 
_software.compiler_version 
_software.contact_author 
_software.contact_author_email 
_software.date 
_software.description 
_software.dependencies 
_software.hardware 
_software.language 
_software.location 
_software.mods 
_software.name 
_software.os 
_software.os_version 
_software.type 
_software.version 
_software.pdbx_ordinal 
? refinement        ? ? ? ? ? ? ? ? ? ? ? PHENIX      ? ? ? 1.17.1_3660 1 
? 'data extraction' ? ? ? ? ? ? ? ? ? ? ? PDB_EXTRACT ? ? ? 3.27        2 
? 'data reduction'  ? ? ? ? ? ? ? ? ? ? ? HKL-3000    ? ? ? .           3 
? 'data scaling'    ? ? ? ? ? ? ? ? ? ? ? SCALEPACK   ? ? ? .           4 
? phasing           ? ? ? ? ? ? ? ? ? ? ? AutoSol     ? ? ? .           5 
# 
_cell.angle_alpha                  90.000 
_cell.angle_alpha_esd              ? 
_cell.angle_beta                   90.000 
_cell.angle_beta_esd               ? 
_cell.angle_gamma                  90.000 
_cell.angle_gamma_esd              ? 
_cell.entry_id                     7FIA 
_cell.details                      ? 
_cell.formula_units_Z              ? 
_cell.length_a                     65.569 
_cell.length_a_esd                 ? 
_cell.length_b                     65.569 
_cell.length_b_esd                 ? 
_cell.length_c                     95.053 
_cell.length_c_esd                 ? 
_cell.volume                       ? 
_cell.volume_esd                   ? 
_cell.Z_PDB                        8 
_cell.reciprocal_angle_alpha       ? 
_cell.reciprocal_angle_beta        ? 
_cell.reciprocal_angle_gamma       ? 
_cell.reciprocal_angle_alpha_esd   ? 
_cell.reciprocal_angle_beta_esd    ? 
_cell.reciprocal_angle_gamma_esd   ? 
_cell.reciprocal_length_a          ? 
_cell.reciprocal_length_b          ? 
_cell.reciprocal_length_c          ? 
_cell.reciprocal_length_a_esd      ? 
_cell.reciprocal_length_b_esd      ? 
_cell.reciprocal_length_c_esd      ? 
_cell.pdbx_unique_axis             ? 
# 
_symmetry.entry_id                         7FIA 
_symmetry.cell_setting                     ? 
_symmetry.Int_Tables_number                92 
_symmetry.space_group_name_Hall            ? 
_symmetry.space_group_name_H-M             'P 41 21 2' 
_symmetry.pdbx_full_space_group_name_H-M   ? 
# 
_exptl.absorpt_coefficient_mu     ? 
_exptl.absorpt_correction_T_max   ? 
_exptl.absorpt_correction_T_min   ? 
_exptl.absorpt_correction_type    ? 
_exptl.absorpt_process_details    ? 
_exptl.entry_id                   7FIA 
_exptl.crystals_number            1 
_exptl.details                    ? 
_exptl.method                     'X-RAY DIFFRACTION' 
_exptl.method_details             ? 
# 
_exptl_crystal.colour                      ? 
_exptl_crystal.density_diffrn              ? 
_exptl_crystal.density_Matthews            2.88 
_exptl_crystal.density_method              ? 
_exptl_crystal.density_percent_sol         57.34 
_exptl_crystal.description                 ? 
_exptl_crystal.F_000                       ? 
_exptl_crystal.id                          1 
_exptl_crystal.preparation                 ? 
_exptl_crystal.size_max                    ? 
_exptl_crystal.size_mid                    ? 
_exptl_crystal.size_min                    ? 
_exptl_crystal.size_rad                    ? 
_exptl_crystal.colour_lustre               ? 
_exptl_crystal.colour_modifier             ? 
_exptl_crystal.colour_primary              ? 
_exptl_crystal.density_meas                ? 
_exptl_crystal.density_meas_esd            ? 
_exptl_crystal.density_meas_gt             ? 
_exptl_crystal.density_meas_lt             ? 
_exptl_crystal.density_meas_temp           ? 
_exptl_crystal.density_meas_temp_esd       ? 
_exptl_crystal.density_meas_temp_gt        ? 
_exptl_crystal.density_meas_temp_lt        ? 
_exptl_crystal.pdbx_crystal_image_url      ? 
_exptl_crystal.pdbx_crystal_image_format   ? 
_exptl_crystal.pdbx_mosaicity              ? 
_exptl_crystal.pdbx_mosaicity_esd          ? 
# 
_exptl_crystal_grow.apparatus       ? 
_exptl_crystal_grow.atmosphere      ? 
_exptl_crystal_grow.crystal_id      1 
_exptl_crystal_grow.details         ? 
_exptl_crystal_grow.method          'VAPOR DIFFUSION' 
_exptl_crystal_grow.method_ref      ? 
_exptl_crystal_grow.pH              ? 
_exptl_crystal_grow.pressure        ? 
_exptl_crystal_grow.pressure_esd    ? 
_exptl_crystal_grow.seeding         ? 
_exptl_crystal_grow.seeding_ref     ? 
_exptl_crystal_grow.temp            293 
_exptl_crystal_grow.temp_details    ? 
_exptl_crystal_grow.temp_esd        ? 
_exptl_crystal_grow.time            ? 
_exptl_crystal_grow.pdbx_details    'Sodium fluoride' 
_exptl_crystal_grow.pdbx_pH_range   ? 
# 
_diffrn.ambient_environment              ? 
_diffrn.ambient_temp                     100 
_diffrn.ambient_temp_details             ? 
_diffrn.ambient_temp_esd                 ? 
_diffrn.crystal_id                       1 
_diffrn.crystal_support                  ? 
_diffrn.crystal_treatment                ? 
_diffrn.details                          ? 
_diffrn.id                               1 
_diffrn.ambient_pressure                 ? 
_diffrn.ambient_pressure_esd             ? 
_diffrn.ambient_pressure_gt              ? 
_diffrn.ambient_pressure_lt              ? 
_diffrn.ambient_temp_gt                  ? 
_diffrn.ambient_temp_lt                  ? 
_diffrn.pdbx_serial_crystal_experiment   N 
# 
_diffrn_detector.details                      ? 
_diffrn_detector.detector                     PIXEL 
_diffrn_detector.diffrn_id                    1 
_diffrn_detector.type                         'DECTRIS PILATUS3 6M' 
_diffrn_detector.area_resol_mean              ? 
_diffrn_detector.dtime                        ? 
_diffrn_detector.pdbx_frames_total            ? 
_diffrn_detector.pdbx_collection_time_total   ? 
_diffrn_detector.pdbx_collection_date         2020-07-20 
_diffrn_detector.pdbx_frequency               ? 
# 
_diffrn_radiation.collimation                      ? 
_diffrn_radiation.diffrn_id                        1 
_diffrn_radiation.filter_edge                      ? 
_diffrn_radiation.inhomogeneity                    ? 
_diffrn_radiation.monochromator                    ? 
_diffrn_radiation.polarisn_norm                    ? 
_diffrn_radiation.polarisn_ratio                   ? 
_diffrn_radiation.probe                            ? 
_diffrn_radiation.type                             ? 
_diffrn_radiation.xray_symbol                      ? 
_diffrn_radiation.wavelength_id                    1 
_diffrn_radiation.pdbx_monochromatic_or_laue_m_l   M 
_diffrn_radiation.pdbx_wavelength_list             ? 
_diffrn_radiation.pdbx_wavelength                  ? 
_diffrn_radiation.pdbx_diffrn_protocol             'SINGLE WAVELENGTH' 
_diffrn_radiation.pdbx_analyzer                    ? 
_diffrn_radiation.pdbx_scattering_type             x-ray 
# 
_diffrn_radiation_wavelength.id           1 
_diffrn_radiation_wavelength.wavelength   0.979 
_diffrn_radiation_wavelength.wt           1.0 
# 
_diffrn_source.current                     ? 
_diffrn_source.details                     ? 
_diffrn_source.diffrn_id                   1 
_diffrn_source.power                       ? 
_diffrn_source.size                        ? 
_diffrn_source.source                      SYNCHROTRON 
_diffrn_source.target                      ? 
_diffrn_source.type                        'SSRF BEAMLINE BL19U1' 
_diffrn_source.voltage                     ? 
_diffrn_source.take-off_angle              ? 
_diffrn_source.pdbx_wavelength_list        0.979 
_diffrn_source.pdbx_wavelength             ? 
_diffrn_source.pdbx_synchrotron_beamline   BL19U1 
_diffrn_source.pdbx_synchrotron_site       SSRF 
# 
_reflns.B_iso_Wilson_estimate                          ? 
_reflns.entry_id                                       7FIA 
_reflns.data_reduction_details                         ? 
_reflns.data_reduction_method                          ? 
_reflns.d_resolution_high                              2.13 
_reflns.d_resolution_low                               50 
_reflns.details                                        ? 
_reflns.limit_h_max                                    ? 
_reflns.limit_h_min                                    ? 
_reflns.limit_k_max                                    ? 
_reflns.limit_k_min                                    ? 
_reflns.limit_l_max                                    ? 
_reflns.limit_l_min                                    ? 
_reflns.number_all                                     ? 
_reflns.number_obs                                     12158 
_reflns.observed_criterion                             ? 
_reflns.observed_criterion_F_max                       ? 
_reflns.observed_criterion_F_min                       ? 
_reflns.observed_criterion_I_max                       ? 
_reflns.observed_criterion_I_min                       ? 
_reflns.observed_criterion_sigma_F                     ? 
_reflns.observed_criterion_sigma_I                     ? 
_reflns.percent_possible_obs                           99.86 
_reflns.R_free_details                                 ? 
_reflns.Rmerge_F_all                                   ? 
_reflns.Rmerge_F_obs                                   ? 
_reflns.Friedel_coverage                               ? 
_reflns.number_gt                                      ? 
_reflns.threshold_expression                           ? 
_reflns.pdbx_redundancy                                24.6 
_reflns.pdbx_Rmerge_I_obs                              0.104 
_reflns.pdbx_Rmerge_I_all                              ? 
_reflns.pdbx_Rsym_value                                ? 
_reflns.pdbx_netI_over_av_sigmaI                       ? 
_reflns.pdbx_netI_over_sigmaI                          34.8 
_reflns.pdbx_res_netI_over_av_sigmaI_2                 ? 
_reflns.pdbx_res_netI_over_sigmaI_2                    ? 
_reflns.pdbx_chi_squared                               ? 
_reflns.pdbx_scaling_rejects                           ? 
_reflns.pdbx_d_res_high_opt                            ? 
_reflns.pdbx_d_res_low_opt                             ? 
_reflns.pdbx_d_res_opt_method                          ? 
_reflns.phase_calculation_details                      ? 
_reflns.pdbx_Rrim_I_all                                ? 
_reflns.pdbx_Rpim_I_all                                ? 
_reflns.pdbx_d_opt                                     ? 
_reflns.pdbx_number_measured_all                       ? 
_reflns.pdbx_diffrn_id                                 1 
_reflns.pdbx_ordinal                                   1 
_reflns.pdbx_CC_half                                   ? 
_reflns.pdbx_CC_star                                   ? 
_reflns.pdbx_R_split                                   ? 
_reflns.pdbx_aniso_diffraction_limit_axis_1_ortho[1]   ? 
_reflns.pdbx_aniso_diffraction_limit_axis_1_ortho[2]   ? 
_reflns.pdbx_aniso_diffraction_limit_axis_1_ortho[3]   ? 
_reflns.pdbx_aniso_diffraction_limit_axis_2_ortho[1]   ? 
_reflns.pdbx_aniso_diffraction_limit_axis_2_ortho[2]   ? 
_reflns.pdbx_aniso_diffraction_limit_axis_2_ortho[3]   ? 
_reflns.pdbx_aniso_diffraction_limit_axis_3_ortho[1]   ? 
_reflns.pdbx_aniso_diffraction_limit_axis_3_ortho[2]   ? 
_reflns.pdbx_aniso_diffraction_limit_axis_3_ortho[3]   ? 
_reflns.pdbx_aniso_diffraction_limit_1                 ? 
_reflns.pdbx_aniso_diffraction_limit_2                 ? 
_reflns.pdbx_aniso_diffraction_limit_3                 ? 
_reflns.pdbx_aniso_B_tensor_eigenvector_1_ortho[1]     ? 
_reflns.pdbx_aniso_B_tensor_eigenvector_1_ortho[2]     ? 
_reflns.pdbx_aniso_B_tensor_eigenvector_1_ortho[3]     ? 
_reflns.pdbx_aniso_B_tensor_eigenvector_2_ortho[1]     ? 
_reflns.pdbx_aniso_B_tensor_eigenvector_2_ortho[2]     ? 
_reflns.pdbx_aniso_B_tensor_eigenvector_2_ortho[3]     ? 
_reflns.pdbx_aniso_B_tensor_eigenvector_3_ortho[1]     ? 
_reflns.pdbx_aniso_B_tensor_eigenvector_3_ortho[2]     ? 
_reflns.pdbx_aniso_B_tensor_eigenvector_3_ortho[3]     ? 
_reflns.pdbx_aniso_B_tensor_eigenvalue_1               ? 
_reflns.pdbx_aniso_B_tensor_eigenvalue_2               ? 
_reflns.pdbx_aniso_B_tensor_eigenvalue_3               ? 
_reflns.pdbx_orthogonalization_convention              ? 
_reflns.pdbx_percent_possible_ellipsoidal              ? 
_reflns.pdbx_percent_possible_spherical                ? 
_reflns.pdbx_percent_possible_ellipsoidal_anomalous    ? 
_reflns.pdbx_percent_possible_spherical_anomalous      ? 
_reflns.pdbx_redundancy_anomalous                      ? 
_reflns.pdbx_CC_half_anomalous                         ? 
_reflns.pdbx_absDiff_over_sigma_anomalous              ? 
_reflns.pdbx_percent_possible_anomalous                ? 
_reflns.pdbx_observed_signal_threshold                 ? 
_reflns.pdbx_signal_type                               ? 
_reflns.pdbx_signal_details                            ? 
_reflns.pdbx_signal_software_id                        ? 
# 
_reflns_shell.d_res_high                                    2.13 
_reflns_shell.d_res_low                                     2.21 
_reflns_shell.meanI_over_sigI_all                           ? 
_reflns_shell.meanI_over_sigI_obs                           ? 
_reflns_shell.number_measured_all                           ? 
_reflns_shell.number_measured_obs                           ? 
_reflns_shell.number_possible                               ? 
_reflns_shell.number_unique_all                             ? 
_reflns_shell.number_unique_obs                             1180 
_reflns_shell.percent_possible_all                          ? 
_reflns_shell.percent_possible_obs                          ? 
_reflns_shell.Rmerge_F_all                                  ? 
_reflns_shell.Rmerge_F_obs                                  ? 
_reflns_shell.Rmerge_I_all                                  ? 
_reflns_shell.Rmerge_I_obs                                  0.702 
_reflns_shell.meanI_over_sigI_gt                            ? 
_reflns_shell.meanI_over_uI_all                             ? 
_reflns_shell.meanI_over_uI_gt                              ? 
_reflns_shell.number_measured_gt                            ? 
_reflns_shell.number_unique_gt                              ? 
_reflns_shell.percent_possible_gt                           ? 
_reflns_shell.Rmerge_F_gt                                   ? 
_reflns_shell.Rmerge_I_gt                                   ? 
_reflns_shell.pdbx_redundancy                               ? 
_reflns_shell.pdbx_Rsym_value                               ? 
_reflns_shell.pdbx_chi_squared                              ? 
_reflns_shell.pdbx_netI_over_sigmaI_all                     ? 
_reflns_shell.pdbx_netI_over_sigmaI_obs                     ? 
_reflns_shell.pdbx_Rrim_I_all                               ? 
_reflns_shell.pdbx_Rpim_I_all                               ? 
_reflns_shell.pdbx_rejects                                  ? 
_reflns_shell.pdbx_ordinal                                  1 
_reflns_shell.pdbx_diffrn_id                                1 
_reflns_shell.pdbx_CC_half                                  ? 
_reflns_shell.pdbx_CC_star                                  ? 
_reflns_shell.pdbx_R_split                                  ? 
_reflns_shell.pdbx_percent_possible_ellipsoidal             ? 
_reflns_shell.pdbx_percent_possible_spherical               ? 
_reflns_shell.pdbx_percent_possible_ellipsoidal_anomalous   ? 
_reflns_shell.pdbx_percent_possible_spherical_anomalous     ? 
_reflns_shell.pdbx_redundancy_anomalous                     ? 
_reflns_shell.pdbx_CC_half_anomalous                        ? 
_reflns_shell.pdbx_absDiff_over_sigma_anomalous             ? 
_reflns_shell.pdbx_percent_possible_anomalous               ? 
# 
_refine.aniso_B[1][1]                            ? 
_refine.aniso_B[1][2]                            ? 
_refine.aniso_B[1][3]                            ? 
_refine.aniso_B[2][2]                            ? 
_refine.aniso_B[2][3]                            ? 
_refine.aniso_B[3][3]                            ? 
_refine.B_iso_max                                78.710 
_refine.B_iso_mean                               28.7366 
_refine.B_iso_min                                11.700 
_refine.correlation_coeff_Fo_to_Fc               ? 
_refine.correlation_coeff_Fo_to_Fc_free          ? 
_refine.details                                  ? 
_refine.diff_density_max                         ? 
_refine.diff_density_max_esd                     ? 
_refine.diff_density_min                         ? 
_refine.diff_density_min_esd                     ? 
_refine.diff_density_rms                         ? 
_refine.diff_density_rms_esd                     ? 
_refine.entry_id                                 7FIA 
_refine.pdbx_refine_id                           'X-RAY DIFFRACTION' 
_refine.ls_abs_structure_details                 ? 
_refine.ls_abs_structure_Flack                   ? 
_refine.ls_abs_structure_Flack_esd               ? 
_refine.ls_abs_structure_Rogers                  ? 
_refine.ls_abs_structure_Rogers_esd              ? 
_refine.ls_d_res_high                            2.1300 
_refine.ls_d_res_low                             32.7800 
_refine.ls_extinction_coef                       ? 
_refine.ls_extinction_coef_esd                   ? 
_refine.ls_extinction_expression                 ? 
_refine.ls_extinction_method                     ? 
_refine.ls_goodness_of_fit_all                   ? 
_refine.ls_goodness_of_fit_all_esd               ? 
_refine.ls_goodness_of_fit_obs                   ? 
_refine.ls_goodness_of_fit_obs_esd               ? 
_refine.ls_hydrogen_treatment                    ? 
_refine.ls_matrix_type                           ? 
_refine.ls_number_constraints                    ? 
_refine.ls_number_parameters                     ? 
_refine.ls_number_reflns_all                     ? 
_refine.ls_number_reflns_obs                     12158 
_refine.ls_number_reflns_R_free                  618 
_refine.ls_number_reflns_R_work                  11540 
_refine.ls_number_restraints                     ? 
_refine.ls_percent_reflns_obs                    99.8500 
_refine.ls_percent_reflns_R_free                 5.0800 
_refine.ls_R_factor_all                          ? 
_refine.ls_R_factor_obs                          0.2065 
_refine.ls_R_factor_R_free                       0.2313 
_refine.ls_R_factor_R_free_error                 ? 
_refine.ls_R_factor_R_free_error_details         ? 
_refine.ls_R_factor_R_work                       0.2052 
_refine.ls_R_Fsqd_factor_obs                     ? 
_refine.ls_R_I_factor_obs                        ? 
_refine.ls_redundancy_reflns_all                 ? 
_refine.ls_redundancy_reflns_obs                 ? 
_refine.ls_restrained_S_all                      ? 
_refine.ls_restrained_S_obs                      ? 
_refine.ls_shift_over_esd_max                    ? 
_refine.ls_shift_over_esd_mean                   ? 
_refine.ls_structure_factor_coef                 ? 
_refine.ls_weighting_details                     ? 
_refine.ls_weighting_scheme                      ? 
_refine.ls_wR_factor_all                         ? 
_refine.ls_wR_factor_obs                         ? 
_refine.ls_wR_factor_R_free                      ? 
_refine.ls_wR_factor_R_work                      ? 
_refine.occupancy_max                            ? 
_refine.occupancy_min                            ? 
_refine.solvent_model_details                    'FLAT BULK SOLVENT MODEL' 
_refine.solvent_model_param_bsol                 ? 
_refine.solvent_model_param_ksol                 ? 
_refine.pdbx_R_complete                          ? 
_refine.ls_R_factor_gt                           ? 
_refine.ls_goodness_of_fit_gt                    ? 
_refine.ls_goodness_of_fit_ref                   ? 
_refine.ls_shift_over_su_max                     ? 
_refine.ls_shift_over_su_max_lt                  ? 
_refine.ls_shift_over_su_mean                    ? 
_refine.ls_shift_over_su_mean_lt                 ? 
_refine.pdbx_ls_sigma_I                          ? 
_refine.pdbx_ls_sigma_F                          1.360 
_refine.pdbx_ls_sigma_Fsqd                       ? 
_refine.pdbx_data_cutoff_high_absF               ? 
_refine.pdbx_data_cutoff_high_rms_absF           ? 
_refine.pdbx_data_cutoff_low_absF                ? 
_refine.pdbx_isotropic_thermal_model             ? 
_refine.pdbx_ls_cross_valid_method               THROUGHOUT 
_refine.pdbx_method_to_determine_struct          SAD 
_refine.pdbx_starting_model                      ? 
_refine.pdbx_stereochemistry_target_values       ML 
_refine.pdbx_R_Free_selection_details            RANDOM 
_refine.pdbx_stereochem_target_val_spec_case     ? 
_refine.pdbx_overall_ESU_R                       ? 
_refine.pdbx_overall_ESU_R_Free                  ? 
_refine.pdbx_solvent_vdw_probe_radii             1.1100 
_refine.pdbx_solvent_ion_probe_radii             ? 
_refine.pdbx_solvent_shrinkage_radii             0.9000 
_refine.pdbx_real_space_R                        ? 
_refine.pdbx_density_correlation                 ? 
_refine.pdbx_pd_number_of_powder_patterns        ? 
_refine.pdbx_pd_number_of_points                 ? 
_refine.pdbx_pd_meas_number_of_points            ? 
_refine.pdbx_pd_proc_ls_prof_R_factor            ? 
_refine.pdbx_pd_proc_ls_prof_wR_factor           ? 
_refine.pdbx_pd_Marquardt_correlation_coeff      ? 
_refine.pdbx_pd_Fsqrd_R_factor                   ? 
_refine.pdbx_pd_ls_matrix_band_width             ? 
_refine.pdbx_overall_phase_error                 22.5100 
_refine.pdbx_overall_SU_R_free_Cruickshank_DPI   ? 
_refine.pdbx_overall_SU_R_free_Blow_DPI          ? 
_refine.pdbx_overall_SU_R_Blow_DPI               ? 
_refine.pdbx_TLS_residual_ADP_flag               ? 
_refine.pdbx_diffrn_id                           1 
_refine.overall_SU_B                             ? 
_refine.overall_SU_ML                            0.1900 
_refine.overall_SU_R_Cruickshank_DPI             ? 
_refine.overall_SU_R_free                        ? 
_refine.overall_FOM_free_R_set                   ? 
_refine.overall_FOM_work_R_set                   ? 
_refine.pdbx_average_fsc_overall                 ? 
_refine.pdbx_average_fsc_work                    ? 
_refine.pdbx_average_fsc_free                    ? 
# 
_refine_hist.pdbx_refine_id                   'X-RAY DIFFRACTION' 
_refine_hist.cycle_id                         final 
_refine_hist.details                          ? 
_refine_hist.d_res_high                       2.1300 
_refine_hist.d_res_low                        32.7800 
_refine_hist.number_atoms_solvent             134 
_refine_hist.number_atoms_total               1375 
_refine_hist.number_reflns_all                ? 
_refine_hist.number_reflns_obs                ? 
_refine_hist.number_reflns_R_free             ? 
_refine_hist.number_reflns_R_work             ? 
_refine_hist.R_factor_all                     ? 
_refine_hist.R_factor_obs                     ? 
_refine_hist.R_factor_R_free                  ? 
_refine_hist.R_factor_R_work                  ? 
_refine_hist.pdbx_number_residues_total       160 
_refine_hist.pdbx_B_iso_mean_ligand           ? 
_refine_hist.pdbx_B_iso_mean_solvent          32.80 
_refine_hist.pdbx_number_atoms_protein        1241 
_refine_hist.pdbx_number_atoms_nucleic_acid   0 
_refine_hist.pdbx_number_atoms_ligand         0 
_refine_hist.pdbx_number_atoms_lipid          ? 
_refine_hist.pdbx_number_atoms_carb           ? 
_refine_hist.pdbx_pseudo_atom_details         ? 
# 
loop_
_refine_ls_shell.pdbx_refine_id 
_refine_ls_shell.d_res_high 
_refine_ls_shell.d_res_low 
_refine_ls_shell.number_reflns_all 
_refine_ls_shell.number_reflns_obs 
_refine_ls_shell.number_reflns_R_free 
_refine_ls_shell.number_reflns_R_work 
_refine_ls_shell.percent_reflns_obs 
_refine_ls_shell.percent_reflns_R_free 
_refine_ls_shell.R_factor_all 
_refine_ls_shell.R_factor_obs 
_refine_ls_shell.R_factor_R_free 
_refine_ls_shell.R_factor_R_free_error 
_refine_ls_shell.R_factor_R_work 
_refine_ls_shell.redundancy_reflns_all 
_refine_ls_shell.redundancy_reflns_obs 
_refine_ls_shell.wR_factor_all 
_refine_ls_shell.wR_factor_obs 
_refine_ls_shell.wR_factor_R_free 
_refine_ls_shell.wR_factor_R_work 
_refine_ls_shell.pdbx_R_complete 
_refine_ls_shell.pdbx_total_number_of_bins_used 
_refine_ls_shell.pdbx_phase_error 
_refine_ls_shell.pdbx_fsc_work 
_refine_ls_shell.pdbx_fsc_free 
'X-RAY DIFFRACTION' 2.1300 2.3400  2957 . 139 2818 100.0000 . . . 0.2731 0.0000 0.2263 . . . . . . . 4 . . . 
'X-RAY DIFFRACTION' 2.3400 2.6800  2987 . 158 2829 100.0000 . . . 0.2639 0.0000 0.2218 . . . . . . . 4 . . . 
'X-RAY DIFFRACTION' 2.6800 3.3800  3026 . 165 2861 100.0000 . . . 0.2348 0.0000 0.2154 . . . . . . . 4 . . . 
'X-RAY DIFFRACTION' 3.3800 32.7800 3188 . 156 3032 100.0000 . . . 0.2060 0.0000 0.1879 . . . . . . . 4 . . . 
# 
_struct.entry_id                     7FIA 
_struct.title                        'Structure of AcrIF23' 
_struct.pdbx_model_details           ? 
_struct.pdbx_formula_weight          ? 
_struct.pdbx_formula_weight_method   ? 
_struct.pdbx_model_type_details      ? 
_struct.pdbx_CASP_flag               N 
# 
_struct_keywords.entry_id        7FIA 
_struct_keywords.text            'inhibitor, VIRAL PROTEIN' 
_struct_keywords.pdbx_keywords   'VIRAL PROTEIN' 
# 
loop_
_struct_asym.id 
_struct_asym.pdbx_blank_PDB_chainid_flag 
_struct_asym.pdbx_modified 
_struct_asym.entity_id 
_struct_asym.details 
A N N 1 ? 
B N N 2 ? 
# 
_struct_ref.id                         1 
_struct_ref.db_name                    PDB 
_struct_ref.db_code                    7FIA 
_struct_ref.pdbx_db_accession          7FIA 
_struct_ref.pdbx_db_isoform            ? 
_struct_ref.entity_id                  1 
_struct_ref.pdbx_seq_one_letter_code   ? 
_struct_ref.pdbx_align_begin           1 
# 
_struct_ref_seq.align_id                      1 
_struct_ref_seq.ref_id                        1 
_struct_ref_seq.pdbx_PDB_id_code              7FIA 
_struct_ref_seq.pdbx_strand_id                A 
_struct_ref_seq.seq_align_beg                 1 
_struct_ref_seq.pdbx_seq_align_beg_ins_code   ? 
_struct_ref_seq.seq_align_end                 161 
_struct_ref_seq.pdbx_seq_align_end_ins_code   ? 
_struct_ref_seq.pdbx_db_accession             7FIA 
_struct_ref_seq.db_align_beg                  -1 
_struct_ref_seq.pdbx_db_align_beg_ins_code    ? 
_struct_ref_seq.db_align_end                  159 
_struct_ref_seq.pdbx_db_align_end_ins_code    ? 
_struct_ref_seq.pdbx_auth_seq_align_beg       -1 
_struct_ref_seq.pdbx_auth_seq_align_end       159 
# 
_pdbx_struct_assembly.id                   1 
_pdbx_struct_assembly.details              author_defined_assembly 
_pdbx_struct_assembly.method_details       ? 
_pdbx_struct_assembly.oligomeric_details   monomeric 
_pdbx_struct_assembly.oligomeric_count     1 
# 
loop_
_pdbx_struct_assembly_prop.biol_id 
_pdbx_struct_assembly_prop.type 
_pdbx_struct_assembly_prop.value 
_pdbx_struct_assembly_prop.details 
1 'ABSA (A^2)' 0     ? 
1 MORE         0     ? 
1 'SSA (A^2)'  10900 ? 
# 
_pdbx_struct_assembly_gen.assembly_id       1 
_pdbx_struct_assembly_gen.oper_expression   1 
_pdbx_struct_assembly_gen.asym_id_list      A,B 
# 
_pdbx_struct_assembly_auth_evidence.id                     1 
_pdbx_struct_assembly_auth_evidence.assembly_id            1 
_pdbx_struct_assembly_auth_evidence.experimental_support   'gel filtration' 
_pdbx_struct_assembly_auth_evidence.details                ? 
# 
_pdbx_struct_oper_list.id                   1 
_pdbx_struct_oper_list.type                 'identity operation' 
_pdbx_struct_oper_list.name                 1_555 
_pdbx_struct_oper_list.symmetry_operation   x,y,z 
_pdbx_struct_oper_list.matrix[1][1]         1.0000000000 
_pdbx_struct_oper_list.matrix[1][2]         0.0000000000 
_pdbx_struct_oper_list.matrix[1][3]         0.0000000000 
_pdbx_struct_oper_list.vector[1]            0.0000000000 
_pdbx_struct_oper_list.matrix[2][1]         0.0000000000 
_pdbx_struct_oper_list.matrix[2][2]         1.0000000000 
_pdbx_struct_oper_list.matrix[2][3]         0.0000000000 
_pdbx_struct_oper_list.vector[2]            0.0000000000 
_pdbx_struct_oper_list.matrix[3][1]         0.0000000000 
_pdbx_struct_oper_list.matrix[3][2]         0.0000000000 
_pdbx_struct_oper_list.matrix[3][3]         1.0000000000 
_pdbx_struct_oper_list.vector[3]            0.0000000000 
# 
loop_
_struct_conf.conf_type_id 
_struct_conf.id 
_struct_conf.pdbx_PDB_helix_id 
_struct_conf.beg_label_comp_id 
_struct_conf.beg_label_asym_id 
_struct_conf.beg_label_seq_id 
_struct_conf.pdbx_beg_PDB_ins_code 
_struct_conf.end_label_comp_id 
_struct_conf.end_label_asym_id 
_struct_conf.end_label_seq_id 
_struct_conf.pdbx_end_PDB_ins_code 
_struct_conf.beg_auth_comp_id 
_struct_conf.beg_auth_asym_id 
_struct_conf.beg_auth_seq_id 
_struct_conf.end_auth_comp_id 
_struct_conf.end_auth_asym_id 
_struct_conf.end_auth_seq_id 
_struct_conf.pdbx_PDB_helix_class 
_struct_conf.details 
_struct_conf.pdbx_PDB_helix_length 
HELX_P HELX_P1 AA1 THR A 4   ? ALA A 13  ? THR A 2   ALA A 11  1 ? 10 
HELX_P HELX_P2 AA2 SER A 48  ? ILE A 52  ? SER A 46  ILE A 50  5 ? 5  
HELX_P HELX_P3 AA3 ALA A 56  ? PHE A 61  ? ALA A 54  PHE A 59  1 ? 6  
HELX_P HELX_P4 AA4 THR A 69  ? GLN A 85  ? THR A 67  GLN A 83  1 ? 17 
HELX_P HELX_P5 AA5 ASN A 88  ? ASP A 97  ? ASN A 86  ASP A 95  1 ? 10 
HELX_P HELX_P6 AA6 ALA A 104 ? ASN A 111 ? ALA A 102 ASN A 109 1 ? 8  
HELX_P HELX_P7 AA7 SER A 115 ? ALA A 139 ? SER A 113 ALA A 137 1 ? 25 
HELX_P HELX_P8 AA8 GLN A 141 ? TRP A 159 ? GLN A 139 TRP A 157 1 ? 19 
# 
_struct_conf_type.id          HELX_P 
_struct_conf_type.criteria    ? 
_struct_conf_type.reference   ? 
# 
_struct_sheet.id               AA1 
_struct_sheet.type             ? 
_struct_sheet.number_strands   2 
_struct_sheet.details          ? 
# 
_struct_sheet_order.sheet_id     AA1 
_struct_sheet_order.range_id_1   1 
_struct_sheet_order.range_id_2   2 
_struct_sheet_order.offset       ? 
_struct_sheet_order.sense        anti-parallel 
# 
loop_
_struct_sheet_range.sheet_id 
_struct_sheet_range.id 
_struct_sheet_range.beg_label_comp_id 
_struct_sheet_range.beg_label_asym_id 
_struct_sheet_range.beg_label_seq_id 
_struct_sheet_range.pdbx_beg_PDB_ins_code 
_struct_sheet_range.end_label_comp_id 
_struct_sheet_range.end_label_asym_id 
_struct_sheet_range.end_label_seq_id 
_struct_sheet_range.pdbx_end_PDB_ins_code 
_struct_sheet_range.beg_auth_comp_id 
_struct_sheet_range.beg_auth_asym_id 
_struct_sheet_range.beg_auth_seq_id 
_struct_sheet_range.end_auth_comp_id 
_struct_sheet_range.end_auth_asym_id 
_struct_sheet_range.end_auth_seq_id 
AA1 1 TYR A 36 ? ASN A 37 ? TYR A 34 ASN A 35 
AA1 2 THR A 42 ? ARG A 43 ? THR A 40 ARG A 41 
# 
_pdbx_struct_sheet_hbond.sheet_id                AA1 
_pdbx_struct_sheet_hbond.range_id_1              1 
_pdbx_struct_sheet_hbond.range_id_2              2 
_pdbx_struct_sheet_hbond.range_1_label_atom_id   N 
_pdbx_struct_sheet_hbond.range_1_label_comp_id   ASN 
_pdbx_struct_sheet_hbond.range_1_label_asym_id   A 
_pdbx_struct_sheet_hbond.range_1_label_seq_id    37 
_pdbx_struct_sheet_hbond.range_1_PDB_ins_code    ? 
_pdbx_struct_sheet_hbond.range_1_auth_atom_id    N 
_pdbx_struct_sheet_hbond.range_1_auth_comp_id    ASN 
_pdbx_struct_sheet_hbond.range_1_auth_asym_id    A 
_pdbx_struct_sheet_hbond.range_1_auth_seq_id     35 
_pdbx_struct_sheet_hbond.range_2_label_atom_id   O 
_pdbx_struct_sheet_hbond.range_2_label_comp_id   THR 
_pdbx_struct_sheet_hbond.range_2_label_asym_id   A 
_pdbx_struct_sheet_hbond.range_2_label_seq_id    42 
_pdbx_struct_sheet_hbond.range_2_PDB_ins_code    ? 
_pdbx_struct_sheet_hbond.range_2_auth_atom_id    O 
_pdbx_struct_sheet_hbond.range_2_auth_comp_id    THR 
_pdbx_struct_sheet_hbond.range_2_auth_asym_id    A 
_pdbx_struct_sheet_hbond.range_2_auth_seq_id     40 
# 
_pdbx_validate_close_contact.id               1 
_pdbx_validate_close_contact.PDB_model_num    1 
_pdbx_validate_close_contact.auth_atom_id_1   OD2 
_pdbx_validate_close_contact.auth_asym_id_1   A 
_pdbx_validate_close_contact.auth_comp_id_1   ASP 
_pdbx_validate_close_contact.auth_seq_id_1    112 
_pdbx_validate_close_contact.PDB_ins_code_1   ? 
_pdbx_validate_close_contact.label_alt_id_1   ? 
_pdbx_validate_close_contact.auth_atom_id_2   O 
_pdbx_validate_close_contact.auth_asym_id_2   A 
_pdbx_validate_close_contact.auth_comp_id_2   HOH 
_pdbx_validate_close_contact.auth_seq_id_2    201 
_pdbx_validate_close_contact.PDB_ins_code_2   ? 
_pdbx_validate_close_contact.label_alt_id_2   ? 
_pdbx_validate_close_contact.dist             2.05 
# 
loop_
_pdbx_validate_torsion.id 
_pdbx_validate_torsion.PDB_model_num 
_pdbx_validate_torsion.auth_comp_id 
_pdbx_validate_torsion.auth_asym_id 
_pdbx_validate_torsion.auth_seq_id 
_pdbx_validate_torsion.PDB_ins_code 
_pdbx_validate_torsion.label_alt_id 
_pdbx_validate_torsion.phi 
_pdbx_validate_torsion.psi 
1 1 ASP A 12 ? ? -103.98 -61.60 
2 1 PHE A 59 ? ? -99.80  33.10  
3 1 ASP A 95 ? ? -37.67  111.50 
# 
_pdbx_entry_details.entry_id                 7FIA 
_pdbx_entry_details.nonpolymer_details       ? 
_pdbx_entry_details.sequence_details         ? 
_pdbx_entry_details.compound_details         ? 
_pdbx_entry_details.source_details           ? 
_pdbx_entry_details.has_ligand_of_interest   Y 
# 
_pdbx_unobs_or_zero_occ_residues.id               1 
_pdbx_unobs_or_zero_occ_residues.PDB_model_num    1 
_pdbx_unobs_or_zero_occ_residues.polymer_flag     Y 
_pdbx_unobs_or_zero_occ_residues.occupancy_flag   1 
_pdbx_unobs_or_zero_occ_residues.auth_asym_id     A 
_pdbx_unobs_or_zero_occ_residues.auth_comp_id     GLY 
_pdbx_unobs_or_zero_occ_residues.auth_seq_id      -1 
_pdbx_unobs_or_zero_occ_residues.PDB_ins_code     ? 
_pdbx_unobs_or_zero_occ_residues.label_asym_id    A 
_pdbx_unobs_or_zero_occ_residues.label_comp_id    GLY 
_pdbx_unobs_or_zero_occ_residues.label_seq_id     1 
# 
loop_
_chem_comp_atom.comp_id 
_chem_comp_atom.atom_id 
_chem_comp_atom.type_symbol 
_chem_comp_atom.pdbx_aromatic_flag 
_chem_comp_atom.pdbx_stereo_config 
_chem_comp_atom.pdbx_ordinal 
ALA N    N N N 1   
ALA CA   C N S 2   
ALA C    C N N 3   
ALA O    O N N 4   
ALA CB   C N N 5   
ALA OXT  O N N 6   
ALA H    H N N 7   
ALA H2   H N N 8   
ALA HA   H N N 9   
ALA HB1  H N N 10  
ALA HB2  H N N 11  
ALA HB3  H N N 12  
ALA HXT  H N N 13  
ARG N    N N N 14  
ARG CA   C N S 15  
ARG C    C N N 16  
ARG O    O N N 17  
ARG CB   C N N 18  
ARG CG   C N N 19  
ARG CD   C N N 20  
ARG NE   N N N 21  
ARG CZ   C N N 22  
ARG NH1  N N N 23  
ARG NH2  N N N 24  
ARG OXT  O N N 25  
ARG H    H N N 26  
ARG H2   H N N 27  
ARG HA   H N N 28  
ARG HB2  H N N 29  
ARG HB3  H N N 30  
ARG HG2  H N N 31  
ARG HG3  H N N 32  
ARG HD2  H N N 33  
ARG HD3  H N N 34  
ARG HE   H N N 35  
ARG HH11 H N N 36  
ARG HH12 H N N 37  
ARG HH21 H N N 38  
ARG HH22 H N N 39  
ARG HXT  H N N 40  
ASN N    N N N 41  
ASN CA   C N S 42  
ASN C    C N N 43  
ASN O    O N N 44  
ASN CB   C N N 45  
ASN CG   C N N 46  
ASN OD1  O N N 47  
ASN ND2  N N N 48  
ASN OXT  O N N 49  
ASN H    H N N 50  
ASN H2   H N N 51  
ASN HA   H N N 52  
ASN HB2  H N N 53  
ASN HB3  H N N 54  
ASN HD21 H N N 55  
ASN HD22 H N N 56  
ASN HXT  H N N 57  
ASP N    N N N 58  
ASP CA   C N S 59  
ASP C    C N N 60  
ASP O    O N N 61  
ASP CB   C N N 62  
ASP CG   C N N 63  
ASP OD1  O N N 64  
ASP OD2  O N N 65  
ASP OXT  O N N 66  
ASP H    H N N 67  
ASP H2   H N N 68  
ASP HA   H N N 69  
ASP HB2  H N N 70  
ASP HB3  H N N 71  
ASP HD2  H N N 72  
ASP HXT  H N N 73  
CYS N    N N N 74  
CYS CA   C N R 75  
CYS C    C N N 76  
CYS O    O N N 77  
CYS CB   C N N 78  
CYS SG   S N N 79  
CYS OXT  O N N 80  
CYS H    H N N 81  
CYS H2   H N N 82  
CYS HA   H N N 83  
CYS HB2  H N N 84  
CYS HB3  H N N 85  
CYS HG   H N N 86  
CYS HXT  H N N 87  
GLN N    N N N 88  
GLN CA   C N S 89  
GLN C    C N N 90  
GLN O    O N N 91  
GLN CB   C N N 92  
GLN CG   C N N 93  
GLN CD   C N N 94  
GLN OE1  O N N 95  
GLN NE2  N N N 96  
GLN OXT  O N N 97  
GLN H    H N N 98  
GLN H2   H N N 99  
GLN HA   H N N 100 
GLN HB2  H N N 101 
GLN HB3  H N N 102 
GLN HG2  H N N 103 
GLN HG3  H N N 104 
GLN HE21 H N N 105 
GLN HE22 H N N 106 
GLN HXT  H N N 107 
GLU N    N N N 108 
GLU CA   C N S 109 
GLU C    C N N 110 
GLU O    O N N 111 
GLU CB   C N N 112 
GLU CG   C N N 113 
GLU CD   C N N 114 
GLU OE1  O N N 115 
GLU OE2  O N N 116 
GLU OXT  O N N 117 
GLU H    H N N 118 
GLU H2   H N N 119 
GLU HA   H N N 120 
GLU HB2  H N N 121 
GLU HB3  H N N 122 
GLU HG2  H N N 123 
GLU HG3  H N N 124 
GLU HE2  H N N 125 
GLU HXT  H N N 126 
GLY N    N N N 127 
GLY CA   C N N 128 
GLY C    C N N 129 
GLY O    O N N 130 
GLY OXT  O N N 131 
GLY H    H N N 132 
GLY H2   H N N 133 
GLY HA2  H N N 134 
GLY HA3  H N N 135 
GLY HXT  H N N 136 
HIS N    N N N 137 
HIS CA   C N S 138 
HIS C    C N N 139 
HIS O    O N N 140 
HIS CB   C N N 141 
HIS CG   C Y N 142 
HIS ND1  N Y N 143 
HIS CD2  C Y N 144 
HIS CE1  C Y N 145 
HIS NE2  N Y N 146 
HIS OXT  O N N 147 
HIS H    H N N 148 
HIS H2   H N N 149 
HIS HA   H N N 150 
HIS HB2  H N N 151 
HIS HB3  H N N 152 
HIS HD1  H N N 153 
HIS HD2  H N N 154 
HIS HE1  H N N 155 
HIS HE2  H N N 156 
HIS HXT  H N N 157 
HOH O    O N N 158 
HOH H1   H N N 159 
HOH H2   H N N 160 
ILE N    N N N 161 
ILE CA   C N S 162 
ILE C    C N N 163 
ILE O    O N N 164 
ILE CB   C N S 165 
ILE CG1  C N N 166 
ILE CG2  C N N 167 
ILE CD1  C N N 168 
ILE OXT  O N N 169 
ILE H    H N N 170 
ILE H2   H N N 171 
ILE HA   H N N 172 
ILE HB   H N N 173 
ILE HG12 H N N 174 
ILE HG13 H N N 175 
ILE HG21 H N N 176 
ILE HG22 H N N 177 
ILE HG23 H N N 178 
ILE HD11 H N N 179 
ILE HD12 H N N 180 
ILE HD13 H N N 181 
ILE HXT  H N N 182 
LEU N    N N N 183 
LEU CA   C N S 184 
LEU C    C N N 185 
LEU O    O N N 186 
LEU CB   C N N 187 
LEU CG   C N N 188 
LEU CD1  C N N 189 
LEU CD2  C N N 190 
LEU OXT  O N N 191 
LEU H    H N N 192 
LEU H2   H N N 193 
LEU HA   H N N 194 
LEU HB2  H N N 195 
LEU HB3  H N N 196 
LEU HG   H N N 197 
LEU HD11 H N N 198 
LEU HD12 H N N 199 
LEU HD13 H N N 200 
LEU HD21 H N N 201 
LEU HD22 H N N 202 
LEU HD23 H N N 203 
LEU HXT  H N N 204 
LYS N    N N N 205 
LYS CA   C N S 206 
LYS C    C N N 207 
LYS O    O N N 208 
LYS CB   C N N 209 
LYS CG   C N N 210 
LYS CD   C N N 211 
LYS CE   C N N 212 
LYS NZ   N N N 213 
LYS OXT  O N N 214 
LYS H    H N N 215 
LYS H2   H N N 216 
LYS HA   H N N 217 
LYS HB2  H N N 218 
LYS HB3  H N N 219 
LYS HG2  H N N 220 
LYS HG3  H N N 221 
LYS HD2  H N N 222 
LYS HD3  H N N 223 
LYS HE2  H N N 224 
LYS HE3  H N N 225 
LYS HZ1  H N N 226 
LYS HZ2  H N N 227 
LYS HZ3  H N N 228 
LYS HXT  H N N 229 
MET N    N N N 230 
MET CA   C N S 231 
MET C    C N N 232 
MET O    O N N 233 
MET CB   C N N 234 
MET CG   C N N 235 
MET SD   S N N 236 
MET CE   C N N 237 
MET OXT  O N N 238 
MET H    H N N 239 
MET H2   H N N 240 
MET HA   H N N 241 
MET HB2  H N N 242 
MET HB3  H N N 243 
MET HG2  H N N 244 
MET HG3  H N N 245 
MET HE1  H N N 246 
MET HE2  H N N 247 
MET HE3  H N N 248 
MET HXT  H N N 249 
PHE N    N N N 250 
PHE CA   C N S 251 
PHE C    C N N 252 
PHE O    O N N 253 
PHE CB   C N N 254 
PHE CG   C Y N 255 
PHE CD1  C Y N 256 
PHE CD2  C Y N 257 
PHE CE1  C Y N 258 
PHE CE2  C Y N 259 
PHE CZ   C Y N 260 
PHE OXT  O N N 261 
PHE H    H N N 262 
PHE H2   H N N 263 
PHE HA   H N N 264 
PHE HB2  H N N 265 
PHE HB3  H N N 266 
PHE HD1  H N N 267 
PHE HD2  H N N 268 
PHE HE1  H N N 269 
PHE HE2  H N N 270 
PHE HZ   H N N 271 
PHE HXT  H N N 272 
PRO N    N N N 273 
PRO CA   C N S 274 
PRO C    C N N 275 
PRO O    O N N 276 
PRO CB   C N N 277 
PRO CG   C N N 278 
PRO CD   C N N 279 
PRO OXT  O N N 280 
PRO H    H N N 281 
PRO HA   H N N 282 
PRO HB2  H N N 283 
PRO HB3  H N N 284 
PRO HG2  H N N 285 
PRO HG3  H N N 286 
PRO HD2  H N N 287 
PRO HD3  H N N 288 
PRO HXT  H N N 289 
SER N    N N N 290 
SER CA   C N S 291 
SER C    C N N 292 
SER O    O N N 293 
SER CB   C N N 294 
SER OG   O N N 295 
SER OXT  O N N 296 
SER H    H N N 297 
SER H2   H N N 298 
SER HA   H N N 299 
SER HB2  H N N 300 
SER HB3  H N N 301 
SER HG   H N N 302 
SER HXT  H N N 303 
THR N    N N N 304 
THR CA   C N S 305 
THR C    C N N 306 
THR O    O N N 307 
THR CB   C N R 308 
THR OG1  O N N 309 
THR CG2  C N N 310 
THR OXT  O N N 311 
THR H    H N N 312 
THR H2   H N N 313 
THR HA   H N N 314 
THR HB   H N N 315 
THR HG1  H N N 316 
THR HG21 H N N 317 
THR HG22 H N N 318 
THR HG23 H N N 319 
THR HXT  H N N 320 
TRP N    N N N 321 
TRP CA   C N S 322 
TRP C    C N N 323 
TRP O    O N N 324 
TRP CB   C N N 325 
TRP CG   C Y N 326 
TRP CD1  C Y N 327 
TRP CD2  C Y N 328 
TRP NE1  N Y N 329 
TRP CE2  C Y N 330 
TRP CE3  C Y N 331 
TRP CZ2  C Y N 332 
TRP CZ3  C Y N 333 
TRP CH2  C Y N 334 
TRP OXT  O N N 335 
TRP H    H N N 336 
TRP H2   H N N 337 
TRP HA   H N N 338 
TRP HB2  H N N 339 
TRP HB3  H N N 340 
TRP HD1  H N N 341 
TRP HE1  H N N 342 
TRP HE3  H N N 343 
TRP HZ2  H N N 344 
TRP HZ3  H N N 345 
TRP HH2  H N N 346 
TRP HXT  H N N 347 
TYR N    N N N 348 
TYR CA   C N S 349 
TYR C    C N N 350 
TYR O    O N N 351 
TYR CB   C N N 352 
TYR CG   C Y N 353 
TYR CD1  C Y N 354 
TYR CD2  C Y N 355 
TYR CE1  C Y N 356 
TYR CE2  C Y N 357 
TYR CZ   C Y N 358 
TYR OH   O N N 359 
TYR OXT  O N N 360 
TYR H    H N N 361 
TYR H2   H N N 362 
TYR HA   H N N 363 
TYR HB2  H N N 364 
TYR HB3  H N N 365 
TYR HD1  H N N 366 
TYR HD2  H N N 367 
TYR HE1  H N N 368 
TYR HE2  H N N 369 
TYR HH   H N N 370 
TYR HXT  H N N 371 
VAL N    N N N 372 
VAL CA   C N S 373 
VAL C    C N N 374 
VAL O    O N N 375 
VAL CB   C N N 376 
VAL CG1  C N N 377 
VAL CG2  C N N 378 
VAL OXT  O N N 379 
VAL H    H N N 380 
VAL H2   H N N 381 
VAL HA   H N N 382 
VAL HB   H N N 383 
VAL HG11 H N N 384 
VAL HG12 H N N 385 
VAL HG13 H N N 386 
VAL HG21 H N N 387 
VAL HG22 H N N 388 
VAL HG23 H N N 389 
VAL HXT  H N N 390 
# 
loop_
_chem_comp_bond.comp_id 
_chem_comp_bond.atom_id_1 
_chem_comp_bond.atom_id_2 
_chem_comp_bond.value_order 
_chem_comp_bond.pdbx_aromatic_flag 
_chem_comp_bond.pdbx_stereo_config 
_chem_comp_bond.pdbx_ordinal 
ALA N   CA   sing N N 1   
ALA N   H    sing N N 2   
ALA N   H2   sing N N 3   
ALA CA  C    sing N N 4   
ALA CA  CB   sing N N 5   
ALA CA  HA   sing N N 6   
ALA C   O    doub N N 7   
ALA C   OXT  sing N N 8   
ALA CB  HB1  sing N N 9   
ALA CB  HB2  sing N N 10  
ALA CB  HB3  sing N N 11  
ALA OXT HXT  sing N N 12  
ARG N   CA   sing N N 13  
ARG N   H    sing N N 14  
ARG N   H2   sing N N 15  
ARG CA  C    sing N N 16  
ARG CA  CB   sing N N 17  
ARG CA  HA   sing N N 18  
ARG C   O    doub N N 19  
ARG C   OXT  sing N N 20  
ARG CB  CG   sing N N 21  
ARG CB  HB2  sing N N 22  
ARG CB  HB3  sing N N 23  
ARG CG  CD   sing N N 24  
ARG CG  HG2  sing N N 25  
ARG CG  HG3  sing N N 26  
ARG CD  NE   sing N N 27  
ARG CD  HD2  sing N N 28  
ARG CD  HD3  sing N N 29  
ARG NE  CZ   sing N N 30  
ARG NE  HE   sing N N 31  
ARG CZ  NH1  sing N N 32  
ARG CZ  NH2  doub N N 33  
ARG NH1 HH11 sing N N 34  
ARG NH1 HH12 sing N N 35  
ARG NH2 HH21 sing N N 36  
ARG NH2 HH22 sing N N 37  
ARG OXT HXT  sing N N 38  
ASN N   CA   sing N N 39  
ASN N   H    sing N N 40  
ASN N   H2   sing N N 41  
ASN CA  C    sing N N 42  
ASN CA  CB   sing N N 43  
ASN CA  HA   sing N N 44  
ASN C   O    doub N N 45  
ASN C   OXT  sing N N 46  
ASN CB  CG   sing N N 47  
ASN CB  HB2  sing N N 48  
ASN CB  HB3  sing N N 49  
ASN CG  OD1  doub N N 50  
ASN CG  ND2  sing N N 51  
ASN ND2 HD21 sing N N 52  
ASN ND2 HD22 sing N N 53  
ASN OXT HXT  sing N N 54  
ASP N   CA   sing N N 55  
ASP N   H    sing N N 56  
ASP N   H2   sing N N 57  
ASP CA  C    sing N N 58  
ASP CA  CB   sing N N 59  
ASP CA  HA   sing N N 60  
ASP C   O    doub N N 61  
ASP C   OXT  sing N N 62  
ASP CB  CG   sing N N 63  
ASP CB  HB2  sing N N 64  
ASP CB  HB3  sing N N 65  
ASP CG  OD1  doub N N 66  
ASP CG  OD2  sing N N 67  
ASP OD2 HD2  sing N N 68  
ASP OXT HXT  sing N N 69  
CYS N   CA   sing N N 70  
CYS N   H    sing N N 71  
CYS N   H2   sing N N 72  
CYS CA  C    sing N N 73  
CYS CA  CB   sing N N 74  
CYS CA  HA   sing N N 75  
CYS C   O    doub N N 76  
CYS C   OXT  sing N N 77  
CYS CB  SG   sing N N 78  
CYS CB  HB2  sing N N 79  
CYS CB  HB3  sing N N 80  
CYS SG  HG   sing N N 81  
CYS OXT HXT  sing N N 82  
GLN N   CA   sing N N 83  
GLN N   H    sing N N 84  
GLN N   H2   sing N N 85  
GLN CA  C    sing N N 86  
GLN CA  CB   sing N N 87  
GLN CA  HA   sing N N 88  
GLN C   O    doub N N 89  
GLN C   OXT  sing N N 90  
GLN CB  CG   sing N N 91  
GLN CB  HB2  sing N N 92  
GLN CB  HB3  sing N N 93  
GLN CG  CD   sing N N 94  
GLN CG  HG2  sing N N 95  
GLN CG  HG3  sing N N 96  
GLN CD  OE1  doub N N 97  
GLN CD  NE2  sing N N 98  
GLN NE2 HE21 sing N N 99  
GLN NE2 HE22 sing N N 100 
GLN OXT HXT  sing N N 101 
GLU N   CA   sing N N 102 
GLU N   H    sing N N 103 
GLU N   H2   sing N N 104 
GLU CA  C    sing N N 105 
GLU CA  CB   sing N N 106 
GLU CA  HA   sing N N 107 
GLU C   O    doub N N 108 
GLU C   OXT  sing N N 109 
GLU CB  CG   sing N N 110 
GLU CB  HB2  sing N N 111 
GLU CB  HB3  sing N N 112 
GLU CG  CD   sing N N 113 
GLU CG  HG2  sing N N 114 
GLU CG  HG3  sing N N 115 
GLU CD  OE1  doub N N 116 
GLU CD  OE2  sing N N 117 
GLU OE2 HE2  sing N N 118 
GLU OXT HXT  sing N N 119 
GLY N   CA   sing N N 120 
GLY N   H    sing N N 121 
GLY N   H2   sing N N 122 
GLY CA  C    sing N N 123 
GLY CA  HA2  sing N N 124 
GLY CA  HA3  sing N N 125 
GLY C   O    doub N N 126 
GLY C   OXT  sing N N 127 
GLY OXT HXT  sing N N 128 
HIS N   CA   sing N N 129 
HIS N   H    sing N N 130 
HIS N   H2   sing N N 131 
HIS CA  C    sing N N 132 
HIS CA  CB   sing N N 133 
HIS CA  HA   sing N N 134 
HIS C   O    doub N N 135 
HIS C   OXT  sing N N 136 
HIS CB  CG   sing N N 137 
HIS CB  HB2  sing N N 138 
HIS CB  HB3  sing N N 139 
HIS CG  ND1  sing Y N 140 
HIS CG  CD2  doub Y N 141 
HIS ND1 CE1  doub Y N 142 
HIS ND1 HD1  sing N N 143 
HIS CD2 NE2  sing Y N 144 
HIS CD2 HD2  sing N N 145 
HIS CE1 NE2  sing Y N 146 
HIS CE1 HE1  sing N N 147 
HIS NE2 HE2  sing N N 148 
HIS OXT HXT  sing N N 149 
HOH O   H1   sing N N 150 
HOH O   H2   sing N N 151 
ILE N   CA   sing N N 152 
ILE N   H    sing N N 153 
ILE N   H2   sing N N 154 
ILE CA  C    sing N N 155 
ILE CA  CB   sing N N 156 
ILE CA  HA   sing N N 157 
ILE C   O    doub N N 158 
ILE C   OXT  sing N N 159 
ILE CB  CG1  sing N N 160 
ILE CB  CG2  sing N N 161 
ILE CB  HB   sing N N 162 
ILE CG1 CD1  sing N N 163 
ILE CG1 HG12 sing N N 164 
ILE CG1 HG13 sing N N 165 
ILE CG2 HG21 sing N N 166 
ILE CG2 HG22 sing N N 167 
ILE CG2 HG23 sing N N 168 
ILE CD1 HD11 sing N N 169 
ILE CD1 HD12 sing N N 170 
ILE CD1 HD13 sing N N 171 
ILE OXT HXT  sing N N 172 
LEU N   CA   sing N N 173 
LEU N   H    sing N N 174 
LEU N   H2   sing N N 175 
LEU CA  C    sing N N 176 
LEU CA  CB   sing N N 177 
LEU CA  HA   sing N N 178 
LEU C   O    doub N N 179 
LEU C   OXT  sing N N 180 
LEU CB  CG   sing N N 181 
LEU CB  HB2  sing N N 182 
LEU CB  HB3  sing N N 183 
LEU CG  CD1  sing N N 184 
LEU CG  CD2  sing N N 185 
LEU CG  HG   sing N N 186 
LEU CD1 HD11 sing N N 187 
LEU CD1 HD12 sing N N 188 
LEU CD1 HD13 sing N N 189 
LEU CD2 HD21 sing N N 190 
LEU CD2 HD22 sing N N 191 
LEU CD2 HD23 sing N N 192 
LEU OXT HXT  sing N N 193 
LYS N   CA   sing N N 194 
LYS N   H    sing N N 195 
LYS N   H2   sing N N 196 
LYS CA  C    sing N N 197 
LYS CA  CB   sing N N 198 
LYS CA  HA   sing N N 199 
LYS C   O    doub N N 200 
LYS C   OXT  sing N N 201 
LYS CB  CG   sing N N 202 
LYS CB  HB2  sing N N 203 
LYS CB  HB3  sing N N 204 
LYS CG  CD   sing N N 205 
LYS CG  HG2  sing N N 206 
LYS CG  HG3  sing N N 207 
LYS CD  CE   sing N N 208 
LYS CD  HD2  sing N N 209 
LYS CD  HD3  sing N N 210 
LYS CE  NZ   sing N N 211 
LYS CE  HE2  sing N N 212 
LYS CE  HE3  sing N N 213 
LYS NZ  HZ1  sing N N 214 
LYS NZ  HZ2  sing N N 215 
LYS NZ  HZ3  sing N N 216 
LYS OXT HXT  sing N N 217 
MET N   CA   sing N N 218 
MET N   H    sing N N 219 
MET N   H2   sing N N 220 
MET CA  C    sing N N 221 
MET CA  CB   sing N N 222 
MET CA  HA   sing N N 223 
MET C   O    doub N N 224 
MET C   OXT  sing N N 225 
MET CB  CG   sing N N 226 
MET CB  HB2  sing N N 227 
MET CB  HB3  sing N N 228 
MET CG  SD   sing N N 229 
MET CG  HG2  sing N N 230 
MET CG  HG3  sing N N 231 
MET SD  CE   sing N N 232 
MET CE  HE1  sing N N 233 
MET CE  HE2  sing N N 234 
MET CE  HE3  sing N N 235 
MET OXT HXT  sing N N 236 
PHE N   CA   sing N N 237 
PHE N   H    sing N N 238 
PHE N   H2   sing N N 239 
PHE CA  C    sing N N 240 
PHE CA  CB   sing N N 241 
PHE CA  HA   sing N N 242 
PHE C   O    doub N N 243 
PHE C   OXT  sing N N 244 
PHE CB  CG   sing N N 245 
PHE CB  HB2  sing N N 246 
PHE CB  HB3  sing N N 247 
PHE CG  CD1  doub Y N 248 
PHE CG  CD2  sing Y N 249 
PHE CD1 CE1  sing Y N 250 
PHE CD1 HD1  sing N N 251 
PHE CD2 CE2  doub Y N 252 
PHE CD2 HD2  sing N N 253 
PHE CE1 CZ   doub Y N 254 
PHE CE1 HE1  sing N N 255 
PHE CE2 CZ   sing Y N 256 
PHE CE2 HE2  sing N N 257 
PHE CZ  HZ   sing N N 258 
PHE OXT HXT  sing N N 259 
PRO N   CA   sing N N 260 
PRO N   CD   sing N N 261 
PRO N   H    sing N N 262 
PRO CA  C    sing N N 263 
PRO CA  CB   sing N N 264 
PRO CA  HA   sing N N 265 
PRO C   O    doub N N 266 
PRO C   OXT  sing N N 267 
PRO CB  CG   sing N N 268 
PRO CB  HB2  sing N N 269 
PRO CB  HB3  sing N N 270 
PRO CG  CD   sing N N 271 
PRO CG  HG2  sing N N 272 
PRO CG  HG3  sing N N 273 
PRO CD  HD2  sing N N 274 
PRO CD  HD3  sing N N 275 
PRO OXT HXT  sing N N 276 
SER N   CA   sing N N 277 
SER N   H    sing N N 278 
SER N   H2   sing N N 279 
SER CA  C    sing N N 280 
SER CA  CB   sing N N 281 
SER CA  HA   sing N N 282 
SER C   O    doub N N 283 
SER C   OXT  sing N N 284 
SER CB  OG   sing N N 285 
SER CB  HB2  sing N N 286 
SER CB  HB3  sing N N 287 
SER OG  HG   sing N N 288 
SER OXT HXT  sing N N 289 
THR N   CA   sing N N 290 
THR N   H    sing N N 291 
THR N   H2   sing N N 292 
THR CA  C    sing N N 293 
THR CA  CB   sing N N 294 
THR CA  HA   sing N N 295 
THR C   O    doub N N 296 
THR C   OXT  sing N N 297 
THR CB  OG1  sing N N 298 
THR CB  CG2  sing N N 299 
THR CB  HB   sing N N 300 
THR OG1 HG1  sing N N 301 
THR CG2 HG21 sing N N 302 
THR CG2 HG22 sing N N 303 
THR CG2 HG23 sing N N 304 
THR OXT HXT  sing N N 305 
TRP N   CA   sing N N 306 
TRP N   H    sing N N 307 
TRP N   H2   sing N N 308 
TRP CA  C    sing N N 309 
TRP CA  CB   sing N N 310 
TRP CA  HA   sing N N 311 
TRP C   O    doub N N 312 
TRP C   OXT  sing N N 313 
TRP CB  CG   sing N N 314 
TRP CB  HB2  sing N N 315 
TRP CB  HB3  sing N N 316 
TRP CG  CD1  doub Y N 317 
TRP CG  CD2  sing Y N 318 
TRP CD1 NE1  sing Y N 319 
TRP CD1 HD1  sing N N 320 
TRP CD2 CE2  doub Y N 321 
TRP CD2 CE3  sing Y N 322 
TRP NE1 CE2  sing Y N 323 
TRP NE1 HE1  sing N N 324 
TRP CE2 CZ2  sing Y N 325 
TRP CE3 CZ3  doub Y N 326 
TRP CE3 HE3  sing N N 327 
TRP CZ2 CH2  doub Y N 328 
TRP CZ2 HZ2  sing N N 329 
TRP CZ3 CH2  sing Y N 330 
TRP CZ3 HZ3  sing N N 331 
TRP CH2 HH2  sing N N 332 
TRP OXT HXT  sing N N 333 
TYR N   CA   sing N N 334 
TYR N   H    sing N N 335 
TYR N   H2   sing N N 336 
TYR CA  C    sing N N 337 
TYR CA  CB   sing N N 338 
TYR CA  HA   sing N N 339 
TYR C   O    doub N N 340 
TYR C   OXT  sing N N 341 
TYR CB  CG   sing N N 342 
TYR CB  HB2  sing N N 343 
TYR CB  HB3  sing N N 344 
TYR CG  CD1  doub Y N 345 
TYR CG  CD2  sing Y N 346 
TYR CD1 CE1  sing Y N 347 
TYR CD1 HD1  sing N N 348 
TYR CD2 CE2  doub Y N 349 
TYR CD2 HD2  sing N N 350 
TYR CE1 CZ   doub Y N 351 
TYR CE1 HE1  sing N N 352 
TYR CE2 CZ   sing Y N 353 
TYR CE2 HE2  sing N N 354 
TYR CZ  OH   sing N N 355 
TYR OH  HH   sing N N 356 
TYR OXT HXT  sing N N 357 
VAL N   CA   sing N N 358 
VAL N   H    sing N N 359 
VAL N   H2   sing N N 360 
VAL CA  C    sing N N 361 
VAL CA  CB   sing N N 362 
VAL CA  HA   sing N N 363 
VAL C   O    doub N N 364 
VAL C   OXT  sing N N 365 
VAL CB  CG1  sing N N 366 
VAL CB  CG2  sing N N 367 
VAL CB  HB   sing N N 368 
VAL CG1 HG11 sing N N 369 
VAL CG1 HG12 sing N N 370 
VAL CG1 HG13 sing N N 371 
VAL CG2 HG21 sing N N 372 
VAL CG2 HG22 sing N N 373 
VAL CG2 HG23 sing N N 374 
VAL OXT HXT  sing N N 375 
# 
_pdbx_audit_support.funding_organization   'National Science Foundation (NSF, China)' 
_pdbx_audit_support.country                China 
_pdbx_audit_support.grant_number           31822012 
_pdbx_audit_support.ordinal                1 
# 
_atom_sites.entry_id                    7FIA 
_atom_sites.Cartn_transf_matrix[1][1]   ? 
_atom_sites.Cartn_transf_matrix[1][2]   ? 
_atom_sites.Cartn_transf_matrix[1][3]   ? 
_atom_sites.Cartn_transf_matrix[2][1]   ? 
_atom_sites.Cartn_transf_matrix[2][2]   ? 
_atom_sites.Cartn_transf_matrix[2][3]   ? 
_atom_sites.Cartn_transf_matrix[3][1]   ? 
_atom_sites.Cartn_transf_matrix[3][2]   ? 
_atom_sites.Cartn_transf_matrix[3][3]   ? 
_atom_sites.Cartn_transf_vector[1]      ? 
_atom_sites.Cartn_transf_vector[2]      ? 
_atom_sites.Cartn_transf_vector[3]      ? 
_atom_sites.fract_transf_matrix[1][1]   -0.01022850 
_atom_sites.fract_transf_matrix[1][2]   0.00126058 
_atom_sites.fract_transf_matrix[1][3]   -0.01124197 
_atom_sites.fract_transf_matrix[2][1]   -0.00427419 
_atom_sites.fract_transf_matrix[2][2]   -0.01446322 
_atom_sites.fract_transf_matrix[2][3]   0.00226708 
_atom_sites.fract_transf_matrix[3][1]   -0.00722479 
_atom_sites.fract_transf_matrix[3][2]   0.00322209 
_atom_sites.fract_transf_matrix[3][3]   0.00693477 
_atom_sites.fract_transf_vector[1]      0.065109 
_atom_sites.fract_transf_vector[2]      0.265163 
_atom_sites.fract_transf_vector[3]      0.012367 
_atom_sites.solution_primary            ? 
_atom_sites.solution_secondary          ? 
_atom_sites.solution_hydrogens          ? 
_atom_sites.special_details             ? 
# 
loop_
_atom_type.symbol 
C  
N  
O  
S  
SE 
# 
loop_
_atom_site.group_PDB 
_atom_site.id 
_atom_site.type_symbol 
_atom_site.label_atom_id 
_atom_site.label_alt_id 
_atom_site.label_comp_id 
_atom_site.label_asym_id 
_atom_site.label_entity_id 
_atom_site.label_seq_id 
_atom_site.pdbx_PDB_ins_code 
_atom_site.Cartn_x 
_atom_site.Cartn_y 
_atom_site.Cartn_z 
_atom_site.occupancy 
_atom_site.B_iso_or_equiv 
_atom_site.pdbx_formal_charge 
_atom_site.auth_seq_id 
_atom_site.auth_comp_id 
_atom_site.auth_asym_id 
_atom_site.auth_atom_id 
_atom_site.pdbx_PDB_model_num 
ATOM   1    N N   . SER A 1 2   ? -1.659  22.820  -27.709 1.00 55.37 ? 0   SER A N   1 
ATOM   2    C CA  . SER A 1 2   ? -2.160  22.936  -26.343 1.00 49.98 ? 0   SER A CA  1 
ATOM   3    C C   . SER A 1 2   ? -1.394  22.008  -25.406 1.00 48.26 ? 0   SER A C   1 
ATOM   4    O O   . SER A 1 2   ? -1.946  21.032  -24.892 1.00 48.03 ? 0   SER A O   1 
ATOM   5    C CB  . SER A 1 2   ? -3.655  22.621  -26.292 1.00 52.39 ? 0   SER A CB  1 
ATOM   6    O OG  . SER A 1 2   ? -3.904  21.259  -26.598 1.00 50.71 ? 0   SER A OG  1 
ATOM   7    N N   . MET A 1 3   ? -0.122  22.323  -25.183 1.00 39.23 ? 1   MET A N   1 
ATOM   8    C CA  . MET A 1 3   ? 0.760   21.480  -24.388 1.00 41.20 ? 1   MET A CA  1 
ATOM   9    C C   . MET A 1 3   ? 0.771   21.946  -22.936 1.00 42.23 ? 1   MET A C   1 
ATOM   10   O O   . MET A 1 3   ? 1.027   23.120  -22.655 1.00 38.65 ? 1   MET A O   1 
ATOM   11   C CB  . MET A 1 3   ? 2.176   21.505  -24.961 1.00 38.44 ? 1   MET A CB  1 
ATOM   12   C CG  . MET A 1 3   ? 2.332   20.709  -26.244 1.00 44.00 ? 1   MET A CG  1 
ATOM   13   S SD  . MET A 1 3   ? 2.423   18.942  -25.918 1.00 52.72 ? 1   MET A SD  1 
ATOM   14   C CE  . MET A 1 3   ? 3.918   18.873  -24.932 1.00 30.70 ? 1   MET A CE  1 
ATOM   15   N N   . THR A 1 4   ? 0.499   21.021  -22.019 1.00 36.09 ? 2   THR A N   1 
ATOM   16   C CA  . THR A 1 4   ? 0.560   21.336  -20.602 1.00 29.87 ? 2   THR A CA  1 
ATOM   17   C C   . THR A 1 4   ? 2.010   21.375  -20.129 1.00 28.92 ? 2   THR A C   1 
ATOM   18   O O   . THR A 1 4   ? 2.912   20.816  -20.757 1.00 33.74 ? 2   THR A O   1 
ATOM   19   C CB  . THR A 1 4   ? -0.234  20.315  -19.785 1.00 29.51 ? 2   THR A CB  1 
ATOM   20   O OG1 . THR A 1 4   ? 0.465   19.063  -19.768 1.00 26.76 ? 2   THR A OG1 1 
ATOM   21   C CG2 . THR A 1 4   ? -1.613  20.108  -20.390 1.00 23.73 ? 2   THR A CG2 1 
ATOM   22   N N   . ASN A 1 5   ? 2.224   22.057  -19.002 1.00 31.02 ? 3   ASN A N   1 
ATOM   23   C CA  . ASN A 1 5   ? 3.568   22.182  -18.445 1.00 27.42 ? 3   ASN A CA  1 
ATOM   24   C C   . ASN A 1 5   ? 4.138   20.817  -18.070 1.00 26.51 ? 3   ASN A C   1 
ATOM   25   O O   . ASN A 1 5   ? 5.295   20.500  -18.383 1.00 26.24 ? 3   ASN A O   1 
ATOM   26   C CB  . ASN A 1 5   ? 3.534   23.106  -17.226 1.00 28.99 ? 3   ASN A CB  1 
ATOM   27   C CG  . ASN A 1 5   ? 4.884   23.715  -16.916 1.00 26.74 ? 3   ASN A CG  1 
ATOM   28   O OD1 . ASN A 1 5   ? 5.538   24.284  -17.790 1.00 31.58 ? 3   ASN A OD1 1 
ATOM   29   N ND2 . ASN A 1 5   ? 5.310   23.603  -15.663 1.00 27.58 ? 3   ASN A ND2 1 
ATOM   30   N N   . PHE A 1 6   ? 3.332   19.997  -17.391 1.00 26.36 ? 4   PHE A N   1 
ATOM   31   C CA  . PHE A 1 6   ? 3.783   18.667  -16.999 1.00 25.23 ? 4   PHE A CA  1 
ATOM   32   C C   . PHE A 1 6   ? 4.127   17.824  -18.218 1.00 20.88 ? 4   PHE A C   1 
ATOM   33   O O   . PHE A 1 6   ? 5.130   17.105  -18.218 1.00 21.56 ? 4   PHE A O   1 
ATOM   34   C CB  . PHE A 1 6   ? 2.716   17.978  -16.148 1.00 23.22 ? 4   PHE A CB  1 
ATOM   35   C CG  . PHE A 1 6   ? 3.182   16.701  -15.501 1.00 19.27 ? 4   PHE A CG  1 
ATOM   36   C CD1 . PHE A 1 6   ? 4.153   16.722  -14.514 1.00 23.05 ? 4   PHE A CD1 1 
ATOM   37   C CD2 . PHE A 1 6   ? 2.642   15.481  -15.874 1.00 20.26 ? 4   PHE A CD2 1 
ATOM   38   C CE1 . PHE A 1 6   ? 4.583   15.551  -13.915 1.00 23.38 ? 4   PHE A CE1 1 
ATOM   39   C CE2 . PHE A 1 6   ? 3.066   14.306  -15.277 1.00 19.25 ? 4   PHE A CE2 1 
ATOM   40   C CZ  . PHE A 1 6   ? 4.038   14.341  -14.299 1.00 17.72 ? 4   PHE A CZ  1 
ATOM   41   N N   . GLN A 1 7   ? 3.313   17.904  -19.272 1.00 20.25 ? 5   GLN A N   1 
ATOM   42   C CA  . GLN A 1 7   ? 3.602   17.130  -20.475 1.00 22.43 ? 5   GLN A CA  1 
ATOM   43   C C   . GLN A 1 7   ? 4.887   17.601  -21.144 1.00 29.62 ? 5   GLN A C   1 
ATOM   44   O O   . GLN A 1 7   ? 5.659   16.783  -21.656 1.00 24.87 ? 5   GLN A O   1 
ATOM   45   C CB  . GLN A 1 7   ? 2.439   17.211  -21.459 1.00 23.72 ? 5   GLN A CB  1 
ATOM   46   C CG  . GLN A 1 7   ? 2.582   16.246  -22.622 1.00 27.25 ? 5   GLN A CG  1 
ATOM   47   C CD  . GLN A 1 7   ? 2.525   14.801  -22.171 1.00 29.39 ? 5   GLN A CD  1 
ATOM   48   O OE1 . GLN A 1 7   ? 1.555   14.378  -21.542 1.00 29.32 ? 5   GLN A OE1 1 
ATOM   49   N NE2 . GLN A 1 7   ? 3.568   14.038  -22.478 1.00 21.44 ? 5   GLN A NE2 1 
ATOM   50   N N   . THR A 1 8   ? 5.127   18.914  -21.172 1.00 27.69 ? 6   THR A N   1 
ATOM   51   C CA  . THR A 1 8   ? 6.380   19.418  -21.727 1.00 27.04 ? 6   THR A CA  1 
ATOM   52   C C   . THR A 1 8   ? 7.573   18.864  -20.955 1.00 25.13 ? 6   THR A C   1 
ATOM   53   O O   . THR A 1 8   ? 8.539   18.362  -21.547 1.00 30.63 ? 6   THR A O   1 
ATOM   54   C CB  . THR A 1 8   ? 6.388   20.949  -21.714 1.00 30.64 ? 6   THR A CB  1 
ATOM   55   O OG1 . THR A 1 8   ? 5.292   21.441  -22.497 1.00 32.31 ? 6   THR A OG1 1 
ATOM   56   C CG2 . THR A 1 8   ? 7.690   21.476  -22.295 1.00 31.10 ? 6   THR A CG2 1 
ATOM   57   N N   . TRP A 1 9   ? 7.500   18.919  -19.622 1.00 23.44 ? 7   TRP A N   1 
ATOM   58   C CA  . TRP A 1 9   ? 8.575   18.353  -18.812 1.00 24.89 ? 7   TRP A CA  1 
ATOM   59   C C   . TRP A 1 9   ? 8.753   16.863  -19.087 1.00 29.04 ? 7   TRP A C   1 
ATOM   60   O O   . TRP A 1 9   ? 9.885   16.383  -19.224 1.00 26.78 ? 7   TRP A O   1 
ATOM   61   C CB  . TRP A 1 9   ? 8.301   18.597  -17.331 1.00 24.06 ? 7   TRP A CB  1 
ATOM   62   C CG  . TRP A 1 9   ? 9.310   17.953  -16.439 1.00 23.42 ? 7   TRP A CG  1 
ATOM   63   C CD1 . TRP A 1 9   ? 10.586  18.378  -16.204 1.00 26.61 ? 7   TRP A CD1 1 
ATOM   64   C CD2 . TRP A 1 9   ? 9.135   16.762  -15.664 1.00 25.93 ? 7   TRP A CD2 1 
ATOM   65   N NE1 . TRP A 1 9   ? 11.214  17.527  -15.328 1.00 24.83 ? 7   TRP A NE1 1 
ATOM   66   C CE2 . TRP A 1 9   ? 10.345  16.525  -14.982 1.00 27.33 ? 7   TRP A CE2 1 
ATOM   67   C CE3 . TRP A 1 9   ? 8.070   15.872  -15.479 1.00 25.16 ? 7   TRP A CE3 1 
ATOM   68   C CZ2 . TRP A 1 9   ? 10.523  15.435  -14.131 1.00 29.86 ? 7   TRP A CZ2 1 
ATOM   69   C CZ3 . TRP A 1 9   ? 8.248   14.791  -14.634 1.00 25.60 ? 7   TRP A CZ3 1 
ATOM   70   C CH2 . TRP A 1 9   ? 9.465   14.583  -13.970 1.00 26.41 ? 7   TRP A CH2 1 
ATOM   71   N N   . LEU A 1 10  ? 7.649   16.115  -19.173 1.00 25.84 ? 8   LEU A N   1 
ATOM   72   C CA  . LEU A 1 10  ? 7.728   14.684  -19.457 1.00 24.36 ? 8   LEU A CA  1 
ATOM   73   C C   . LEU A 1 10  ? 8.430   14.430  -20.783 1.00 27.34 ? 8   LEU A C   1 
ATOM   74   O O   . LEU A 1 10  ? 9.339   13.596  -20.871 1.00 26.36 ? 8   LEU A O   1 
ATOM   75   C CB  . LEU A 1 10  ? 6.328   14.071  -19.483 1.00 21.26 ? 8   LEU A CB  1 
ATOM   76   C CG  . LEU A 1 10  ? 5.538   13.930  -18.186 1.00 20.18 ? 8   LEU A CG  1 
ATOM   77   C CD1 . LEU A 1 10  ? 4.207   13.275  -18.488 1.00 19.03 ? 8   LEU A CD1 1 
ATOM   78   C CD2 . LEU A 1 10  ? 6.312   13.131  -17.150 1.00 18.07 ? 8   LEU A CD2 1 
ATOM   79   N N   . ASP A 1 11  ? 8.005   15.141  -21.831 1.00 26.07 ? 9   ASP A N   1 
ATOM   80   C CA  . ASP A 1 11  ? 8.639   15.019  -23.137 1.00 26.01 ? 9   ASP A CA  1 
ATOM   81   C C   . ASP A 1 11  ? 10.124  15.339  -23.067 1.00 31.85 ? 9   ASP A C   1 
ATOM   82   O O   . ASP A 1 11  ? 10.912  14.796  -23.851 1.00 37.45 ? 9   ASP A O   1 
ATOM   83   C CB  . ASP A 1 11  ? 7.944   15.936  -24.144 1.00 26.11 ? 9   ASP A CB  1 
ATOM   84   C CG  . ASP A 1 11  ? 6.529   15.492  -24.460 1.00 29.72 ? 9   ASP A CG  1 
ATOM   85   O OD1 . ASP A 1 11  ? 6.091   14.466  -23.902 1.00 28.74 ? 9   ASP A OD1 1 
ATOM   86   O OD2 . ASP A 1 11  ? 5.857   16.165  -25.271 1.00 26.90 ? 9   ASP A OD2 1 
ATOM   87   N N   . SER A 1 12  ? 10.528  16.206  -22.139 1.00 31.88 ? 10  SER A N   1 
ATOM   88   C CA  . SER A 1 12  ? 11.945  16.507  -21.971 1.00 32.64 ? 10  SER A CA  1 
ATOM   89   C C   . SER A 1 12  ? 12.688  15.482  -21.119 1.00 31.67 ? 10  SER A C   1 
ATOM   90   O O   . SER A 1 12  ? 13.922  15.508  -21.097 1.00 34.67 ? 10  SER A O   1 
ATOM   91   C CB  . SER A 1 12  ? 12.119  17.891  -21.343 1.00 31.61 ? 10  SER A CB  1 
ATOM   92   O OG  . SER A 1 12  ? 12.189  17.796  -19.927 1.00 32.78 ? 10  SER A OG  1 
ATOM   93   N N   . ALA A 1 13  ? 11.987  14.590  -20.426 1.00 33.19 ? 11  ALA A N   1 
ATOM   94   C CA  . ALA A 1 13  ? 12.597  13.754  -19.400 1.00 29.31 ? 11  ALA A CA  1 
ATOM   95   C C   . ALA A 1 13  ? 12.900  12.352  -19.924 1.00 30.36 ? 11  ALA A C   1 
ATOM   96   O O   . ALA A 1 13  ? 12.421  11.929  -20.978 1.00 31.69 ? 11  ALA A O   1 
ATOM   97   C CB  . ALA A 1 13  ? 11.690  13.673  -18.169 1.00 24.84 ? 11  ALA A CB  1 
ATOM   98   N N   . ASP A 1 14  ? 13.712  11.625  -19.153 1.00 30.08 ? 12  ASP A N   1 
ATOM   99   C CA  . ASP A 1 14  ? 14.058  10.239  -19.457 1.00 33.93 ? 12  ASP A CA  1 
ATOM   100  C C   . ASP A 1 14  ? 13.308  9.257   -18.564 1.00 30.44 ? 12  ASP A C   1 
ATOM   101  O O   . ASP A 1 14  ? 12.533  8.432   -19.057 1.00 32.25 ? 12  ASP A O   1 
ATOM   102  C CB  . ASP A 1 14  ? 15.571  10.028  -19.325 1.00 38.98 ? 12  ASP A CB  1 
ATOM   103  C CG  . ASP A 1 14  ? 16.339  10.577  -20.508 1.00 44.88 ? 12  ASP A CG  1 
ATOM   104  O OD1 . ASP A 1 14  ? 16.937  11.665  -20.372 1.00 53.87 ? 12  ASP A OD1 1 
ATOM   105  O OD2 . ASP A 1 14  ? 16.342  9.924   -21.574 1.00 44.97 ? 12  ASP A OD2 1 
ATOM   106  N N   . ILE A 1 15  ? 13.521  9.326   -17.253 1.00 25.13 ? 13  ILE A N   1 
ATOM   107  C CA  . ILE A 1 15  ? 12.829  8.436   -16.324 1.00 30.03 ? 13  ILE A CA  1 
ATOM   108  C C   . ILE A 1 15  ? 12.013  9.263   -15.336 1.00 29.11 ? 13  ILE A C   1 
ATOM   109  O O   . ILE A 1 15  ? 12.373  9.345   -14.152 1.00 28.23 ? 13  ILE A O   1 
ATOM   110  C CB  . ILE A 1 15  ? 13.817  7.515   -15.588 1.00 31.36 ? 13  ILE A CB  1 
ATOM   111  C CG1 . ILE A 1 15  ? 14.856  6.951   -16.560 1.00 35.89 ? 13  ILE A CG1 1 
ATOM   112  C CG2 . ILE A 1 15  ? 13.072  6.380   -14.900 1.00 32.90 ? 13  ILE A CG2 1 
ATOM   113  C CD1 . ILE A 1 15  ? 15.997  6.228   -15.879 1.00 37.22 ? 13  ILE A CD1 1 
ATOM   114  N N   . PRO A 1 16  ? 10.912  9.887   -15.763 1.00 25.61 ? 14  PRO A N   1 
ATOM   115  C CA  . PRO A 1 16  ? 10.090  10.661  -14.820 1.00 23.44 ? 14  PRO A CA  1 
ATOM   116  C C   . PRO A 1 16  ? 9.269   9.733   -13.940 1.00 24.67 ? 14  PRO A C   1 
ATOM   117  O O   . PRO A 1 16  ? 8.459   8.944   -14.431 1.00 29.15 ? 14  PRO A O   1 
ATOM   118  C CB  . PRO A 1 16  ? 9.197   11.501  -15.740 1.00 23.66 ? 14  PRO A CB  1 
ATOM   119  C CG  . PRO A 1 16  ? 9.060   10.675  -16.964 1.00 22.06 ? 14  PRO A CG  1 
ATOM   120  C CD  . PRO A 1 16  ? 10.368  9.939   -17.131 1.00 26.20 ? 14  PRO A CD  1 
ATOM   121  N N   . VAL A 1 17  ? 9.495   9.814   -12.631 1.00 23.92 ? 15  VAL A N   1 
ATOM   122  C CA  . VAL A 1 17  ? 8.717   9.072   -11.652 1.00 24.95 ? 15  VAL A CA  1 
ATOM   123  C C   . VAL A 1 17  ? 8.315   10.035  -10.547 1.00 29.96 ? 15  VAL A C   1 
ATOM   124  O O   . VAL A 1 17  ? 8.933   11.083  -10.345 1.00 31.75 ? 15  VAL A O   1 
ATOM   125  C CB  . VAL A 1 17  ? 9.483   7.866   -11.060 1.00 31.60 ? 15  VAL A CB  1 
ATOM   126  C CG1 . VAL A 1 17  ? 10.159  7.054   -12.159 1.00 28.68 ? 15  VAL A CG1 1 
ATOM   127  C CG2 . VAL A 1 17  ? 10.499  8.335   -10.030 1.00 27.81 ? 15  VAL A CG2 1 
ATOM   128  N N   . GLN A 1 18  ? 7.259   9.670   -9.831  1.00 27.91 ? 16  GLN A N   1 
ATOM   129  C CA  . GLN A 1 18  ? 6.797   10.442  -8.686  1.00 26.31 ? 16  GLN A CA  1 
ATOM   130  C C   . GLN A 1 18  ? 7.324   9.790   -7.415  1.00 30.64 ? 16  GLN A C   1 
ATOM   131  O O   . GLN A 1 18  ? 7.044   8.616   -7.154  1.00 32.61 ? 16  GLN A O   1 
ATOM   132  C CB  . GLN A 1 18  ? 5.273   10.532  -8.650  1.00 26.13 ? 16  GLN A CB  1 
ATOM   133  C CG  . GLN A 1 18  ? 4.757   11.543  -7.641  1.00 28.00 ? 16  GLN A CG  1 
ATOM   134  C CD  . GLN A 1 18  ? 3.248   11.575  -7.564  1.00 29.55 ? 16  GLN A CD  1 
ATOM   135  O OE1 . GLN A 1 18  ? 2.570   10.684  -8.078  1.00 27.02 ? 16  GLN A OE1 1 
ATOM   136  N NE2 . GLN A 1 18  ? 2.709   12.607  -6.923  1.00 27.49 ? 16  GLN A NE2 1 
ATOM   137  N N   . GLN A 1 19  ? 8.091   10.547  -6.637  1.00 30.88 ? 17  GLN A N   1 
ATOM   138  C CA  . GLN A 1 19  ? 8.548   10.053  -5.352  1.00 31.73 ? 17  GLN A CA  1 
ATOM   139  C C   . GLN A 1 19  ? 7.370   9.911   -4.394  1.00 35.23 ? 17  GLN A C   1 
ATOM   140  O O   . GLN A 1 19  ? 6.333   10.564  -4.539  1.00 31.94 ? 17  GLN A O   1 
ATOM   141  C CB  . GLN A 1 19  ? 9.604   10.986  -4.761  1.00 34.96 ? 17  GLN A CB  1 
ATOM   142  C CG  . GLN A 1 19  ? 10.928  10.952  -5.508  1.00 42.72 ? 17  GLN A CG  1 
ATOM   143  C CD  . GLN A 1 19  ? 11.924  11.965  -4.983  1.00 47.46 ? 17  GLN A CD  1 
ATOM   144  O OE1 . GLN A 1 19  ? 11.598  13.137  -4.796  1.00 55.86 ? 17  GLN A OE1 1 
ATOM   145  N NE2 . GLN A 1 19  ? 13.154  11.519  -4.746  1.00 47.49 ? 17  GLN A NE2 1 
ATOM   146  N N   . ASN A 1 20  ? 7.533   9.030   -3.413  1.00 34.30 ? 18  ASN A N   1 
ATOM   147  C CA  . ASN A 1 20  ? 6.478   8.814   -2.432  1.00 34.99 ? 18  ASN A CA  1 
ATOM   148  C C   . ASN A 1 20  ? 6.325   10.053  -1.562  1.00 39.39 ? 18  ASN A C   1 
ATOM   149  O O   . ASN A 1 20  ? 7.278   10.483  -0.903  1.00 38.15 ? 18  ASN A O   1 
ATOM   150  C CB  . ASN A 1 20  ? 6.782   7.590   -1.575  1.00 38.66 ? 18  ASN A CB  1 
ATOM   151  C CG  . ASN A 1 20  ? 6.041   6.358   -2.046  1.00 38.55 ? 18  ASN A CG  1 
ATOM   152  O OD1 . ASN A 1 20  ? 4.905   6.110   -1.643  1.00 40.31 ? 18  ASN A OD1 1 
ATOM   153  N ND2 . ASN A 1 20  ? 6.683   5.578   -2.906  1.00 40.15 ? 18  ASN A ND2 1 
ATOM   154  N N   . GLY A 1 21  ? 5.129   10.633  -1.567  1.00 33.28 ? 19  GLY A N   1 
ATOM   155  C CA  . GLY A 1 21  ? 4.876   11.789  -0.741  1.00 32.20 ? 19  GLY A CA  1 
ATOM   156  C C   . GLY A 1 21  ? 4.814   11.438  0.732   1.00 36.19 ? 19  GLY A C   1 
ATOM   157  O O   . GLY A 1 21  ? 4.561   10.299  1.126   1.00 34.91 ? 19  GLY A O   1 
ATOM   158  N N   . GLN A 1 22  ? 5.067   12.448  1.559   1.00 33.15 ? 20  GLN A N   1 
ATOM   159  C CA  . GLN A 1 22  ? 4.976   12.278  3.001   1.00 39.13 ? 20  GLN A CA  1 
ATOM   160  C C   . GLN A 1 22  ? 3.532   12.023  3.414   1.00 33.74 ? 20  GLN A C   1 
ATOM   161  O O   . GLN A 1 22  ? 2.597   12.592  2.846   1.00 30.83 ? 20  GLN A O   1 
ATOM   162  C CB  . GLN A 1 22  ? 5.514   13.520  3.712   1.00 39.88 ? 20  GLN A CB  1 
ATOM   163  C CG  . GLN A 1 22  ? 6.730   13.272  4.588   1.00 49.05 ? 20  GLN A CG  1 
ATOM   164  C CD  . GLN A 1 22  ? 7.186   14.526  5.310   1.00 55.37 ? 20  GLN A CD  1 
ATOM   165  O OE1 . GLN A 1 22  ? 6.381   15.402  5.625   1.00 54.30 ? 20  GLN A OE1 1 
ATOM   166  N NE2 . GLN A 1 22  ? 8.484   14.622  5.568   1.00 63.57 ? 20  GLN A NE2 1 
ATOM   167  N N   . TRP A 1 23  ? 3.349   11.144  4.394   1.00 29.36 ? 21  TRP A N   1 
ATOM   168  C CA  . TRP A 1 23  ? 2.044   10.932  5.003   1.00 30.50 ? 21  TRP A CA  1 
ATOM   169  C C   . TRP A 1 23  ? 1.891   11.902  6.168   1.00 34.27 ? 21  TRP A C   1 
ATOM   170  O O   . TRP A 1 23  ? 2.768   11.980  7.036   1.00 31.01 ? 21  TRP A O   1 
ATOM   171  C CB  . TRP A 1 23  ? 1.892   9.486   5.476   1.00 28.60 ? 21  TRP A CB  1 
ATOM   172  C CG  . TRP A 1 23  ? 1.688   8.500   4.357   1.00 27.06 ? 21  TRP A CG  1 
ATOM   173  C CD1 . TRP A 1 23  ? 2.657   7.816   3.678   1.00 26.85 ? 21  TRP A CD1 1 
ATOM   174  C CD2 . TRP A 1 23  ? 0.438   8.089   3.793   1.00 18.99 ? 21  TRP A CD2 1 
ATOM   175  N NE1 . TRP A 1 23  ? 2.085   7.006   2.725   1.00 23.40 ? 21  TRP A NE1 1 
ATOM   176  C CE2 . TRP A 1 23  ? 0.724   7.155   2.777   1.00 24.44 ? 21  TRP A CE2 1 
ATOM   177  C CE3 . TRP A 1 23  ? -0.896  8.420   4.048   1.00 24.12 ? 21  TRP A CE3 1 
ATOM   178  C CZ2 . TRP A 1 23  ? -0.273  6.550   2.017   1.00 21.89 ? 21  TRP A CZ2 1 
ATOM   179  C CZ3 . TRP A 1 23  ? -1.886  7.817   3.290   1.00 21.59 ? 21  TRP A CZ3 1 
ATOM   180  C CH2 . TRP A 1 23  ? -1.568  6.892   2.289   1.00 19.50 ? 21  TRP A CH2 1 
ATOM   181  N N   . ILE A 1 24  ? 0.788   12.647  6.178   1.00 31.45 ? 22  ILE A N   1 
ATOM   182  C CA  . ILE A 1 24  ? 0.579   13.738  7.123   1.00 35.11 ? 22  ILE A CA  1 
ATOM   183  C C   . ILE A 1 24  ? -0.796  13.594  7.759   1.00 33.66 ? 22  ILE A C   1 
ATOM   184  O O   . ILE A 1 24  ? -1.783  13.319  7.069   1.00 30.80 ? 22  ILE A O   1 
ATOM   185  C CB  . ILE A 1 24  ? 0.704   15.115  6.432   1.00 38.07 ? 22  ILE A CB  1 
ATOM   186  C CG1 . ILE A 1 24  ? 2.111   15.329  5.868   1.00 39.48 ? 22  ILE A CG1 1 
ATOM   187  C CG2 . ILE A 1 24  ? 0.336   16.238  7.396   1.00 41.15 ? 22  ILE A CG2 1 
ATOM   188  C CD1 . ILE A 1 24  ? 3.032   16.140  6.766   1.00 48.05 ? 22  ILE A CD1 1 
ATOM   189  N N   . ASP A 1 25  ? -0.860  13.780  9.078   1.00 30.68 ? 23  ASP A N   1 
ATOM   190  C CA  . ASP A 1 25  ? -2.133  13.997  9.756   1.00 32.90 ? 23  ASP A CA  1 
ATOM   191  C C   . ASP A 1 25  ? -2.501  15.467  9.598   1.00 37.02 ? 23  ASP A C   1 
ATOM   192  O O   . ASP A 1 25  ? -1.887  16.337  10.224  1.00 39.13 ? 23  ASP A O   1 
ATOM   193  C CB  . ASP A 1 25  ? -2.045  13.605  11.229  1.00 31.43 ? 23  ASP A CB  1 
ATOM   194  C CG  . ASP A 1 25  ? -3.407  13.553  11.905  1.00 33.22 ? 23  ASP A CG  1 
ATOM   195  O OD1 . ASP A 1 25  ? -4.383  14.096  11.346  1.00 36.49 ? 23  ASP A OD1 1 
ATOM   196  O OD2 . ASP A 1 25  ? -3.505  12.963  12.998  1.00 36.19 ? 23  ASP A OD2 1 
ATOM   197  N N   . LEU A 1 26  ? -3.500  15.746  8.758   1.00 35.70 ? 24  LEU A N   1 
ATOM   198  C CA  . LEU A 1 26  ? -3.866  17.128  8.469   1.00 38.61 ? 24  LEU A CA  1 
ATOM   199  C C   . LEU A 1 26  ? -4.401  17.859  9.693   1.00 42.34 ? 24  LEU A C   1 
ATOM   200  O O   . LEU A 1 26  ? -4.416  19.095  9.702   1.00 43.04 ? 24  LEU A O   1 
ATOM   201  C CB  . LEU A 1 26  ? -4.898  17.171  7.343   1.00 36.39 ? 24  LEU A CB  1 
ATOM   202  C CG  . LEU A 1 26  ? -4.378  16.766  5.963   1.00 38.32 ? 24  LEU A CG  1 
ATOM   203  C CD1 . LEU A 1 26  ? -5.492  16.814  4.930   1.00 40.63 ? 24  LEU A CD1 1 
ATOM   204  C CD2 . LEU A 1 26  ? -3.216  17.655  5.548   1.00 41.22 ? 24  LEU A CD2 1 
ATOM   205  N N   . GLU A 1 27  ? -4.840  17.132  10.721  1.00 41.48 ? 25  GLU A N   1 
ATOM   206  C CA  . GLU A 1 27  ? -5.289  17.790  11.942  1.00 44.95 ? 25  GLU A CA  1 
ATOM   207  C C   . GLU A 1 27  ? -4.126  18.445  12.676  1.00 43.84 ? 25  GLU A C   1 
ATOM   208  O O   . GLU A 1 27  ? -4.257  19.565  13.183  1.00 48.84 ? 25  GLU A O   1 
ATOM   209  C CB  . GLU A 1 27  ? -6.000  16.788  12.851  1.00 45.88 ? 25  GLU A CB  1 
ATOM   210  C CG  . GLU A 1 27  ? -7.515  16.786  12.718  1.00 51.05 ? 25  GLU A CG  1 
ATOM   211  C CD  . GLU A 1 27  ? -8.146  18.101  13.139  1.00 56.53 ? 25  GLU A CD  1 
ATOM   212  O OE1 . GLU A 1 27  ? -8.278  19.002  12.282  1.00 55.21 ? 25  GLU A OE1 1 
ATOM   213  O OE2 . GLU A 1 27  ? -8.512  18.233  14.327  1.00 61.19 ? 25  GLU A OE2 1 
ATOM   214  N N   . THR A 1 28  ? -2.978  17.769  12.735  1.00 42.51 ? 26  THR A N   1 
ATOM   215  C CA  . THR A 1 28  ? -1.821  18.266  13.463  1.00 41.87 ? 26  THR A CA  1 
ATOM   216  C C   . THR A 1 28  ? -0.714  18.797  12.565  1.00 43.06 ? 26  THR A C   1 
ATOM   217  O O   . THR A 1 28  ? 0.185   19.486  13.061  1.00 47.72 ? 26  THR A O   1 
ATOM   218  C CB  . THR A 1 28  ? -1.240  17.161  14.360  1.00 40.92 ? 26  THR A CB  1 
ATOM   219  O OG1 . THR A 1 28  ? -0.713  16.107  13.544  1.00 39.37 ? 26  THR A OG1 1 
ATOM   220  C CG2 . THR A 1 28  ? -2.313  16.602  15.278  1.00 38.75 ? 26  THR A CG2 1 
ATOM   221  N N   . GLY A 1 29  ? -0.745  18.498  11.269  1.00 42.32 ? 27  GLY A N   1 
ATOM   222  C CA  . GLY A 1 29  ? 0.348   18.881  10.399  1.00 38.77 ? 27  GLY A CA  1 
ATOM   223  C C   . GLY A 1 29  ? 1.638   18.134  10.633  1.00 38.11 ? 27  GLY A C   1 
ATOM   224  O O   . GLY A 1 29  ? 2.662   18.498  10.047  1.00 43.08 ? 27  GLY A O   1 
ATOM   225  N N   . ILE A 1 30  ? 1.622   17.099  11.467  1.00 40.05 ? 28  ILE A N   1 
ATOM   226  C CA  . ILE A 1 30  ? 2.814   16.316  11.775  1.00 40.81 ? 28  ILE A CA  1 
ATOM   227  C C   . ILE A 1 30  ? 2.861   15.103  10.855  1.00 40.09 ? 28  ILE A C   1 
ATOM   228  O O   . ILE A 1 30  ? 1.864   14.388  10.698  1.00 35.15 ? 28  ILE A O   1 
ATOM   229  C CB  . ILE A 1 30  ? 2.826   15.887  13.253  1.00 37.77 ? 28  ILE A CB  1 
ATOM   230  C CG1 . ILE A 1 30  ? 2.431   17.061  14.151  1.00 41.72 ? 28  ILE A CG1 1 
ATOM   231  C CG2 . ILE A 1 30  ? 4.194   15.333  13.637  1.00 35.58 ? 28  ILE A CG2 1 
ATOM   232  C CD1 . ILE A 1 30  ? 2.638   16.798  15.629  1.00 40.67 ? 28  ILE A CD1 1 
ATOM   233  N N   . ALA A 1 31  ? 4.025   14.861  10.260  1.00 37.40 ? 29  ALA A N   1 
ATOM   234  C CA  . ALA A 1 31  ? 4.172   13.789  9.292   1.00 33.10 ? 29  ALA A CA  1 
ATOM   235  C C   . ALA A 1 31  ? 4.345   12.442  9.986   1.00 34.51 ? 29  ALA A C   1 
ATOM   236  O O   . ALA A 1 31  ? 4.724   12.357  11.157  1.00 36.71 ? 29  ALA A O   1 
ATOM   237  C CB  . ALA A 1 31  ? 5.366   14.054  8.377   1.00 39.39 ? 29  ALA A CB  1 
ATOM   238  N N   . TYR A 1 32  ? 4.044   11.381  9.240   1.00 31.07 ? 30  TYR A N   1 
ATOM   239  C CA  . TYR A 1 32  ? 4.401   10.036  9.668   1.00 28.47 ? 30  TYR A CA  1 
ATOM   240  C C   . TYR A 1 32  ? 5.907   9.854   9.537   1.00 29.75 ? 30  TYR A C   1 
ATOM   241  O O   . TYR A 1 32  ? 6.490   10.173  8.495   1.00 31.96 ? 30  TYR A O   1 
ATOM   242  C CB  . TYR A 1 32  ? 3.659   8.997   8.826   1.00 26.62 ? 30  TYR A CB  1 
ATOM   243  C CG  . TYR A 1 32  ? 4.198   7.587   8.956   1.00 24.54 ? 30  TYR A CG  1 
ATOM   244  C CD1 . TYR A 1 32  ? 3.995   6.851   10.115  1.00 24.36 ? 30  TYR A CD1 1 
ATOM   245  C CD2 . TYR A 1 32  ? 4.900   6.990   7.915   1.00 25.42 ? 30  TYR A CD2 1 
ATOM   246  C CE1 . TYR A 1 32  ? 4.481   5.563   10.239  1.00 25.92 ? 30  TYR A CE1 1 
ATOM   247  C CE2 . TYR A 1 32  ? 5.394   5.702   8.031   1.00 24.63 ? 30  TYR A CE2 1 
ATOM   248  C CZ  . TYR A 1 32  ? 5.179   4.994   9.195   1.00 25.53 ? 30  TYR A CZ  1 
ATOM   249  O OH  . TYR A 1 32  ? 5.663   3.714   9.320   1.00 26.99 ? 30  TYR A OH  1 
ATOM   250  N N   . ASP A 1 33  ? 6.540   9.357   10.597  1.00 33.08 ? 31  ASP A N   1 
ATOM   251  C CA  . ASP A 1 33  ? 7.987   9.181   10.620  1.00 28.86 ? 31  ASP A CA  1 
ATOM   252  C C   . ASP A 1 33  ? 8.324   7.705   10.481  1.00 29.99 ? 31  ASP A C   1 
ATOM   253  O O   . ASP A 1 33  ? 8.126   6.939   11.438  1.00 30.55 ? 31  ASP A O   1 
ATOM   254  C CB  . ASP A 1 33  ? 8.579   9.744   11.915  1.00 33.67 ? 31  ASP A CB  1 
ATOM   255  C CG  . ASP A 1 33  ? 10.099  9.729   11.921  1.00 40.61 ? 31  ASP A CG  1 
ATOM   256  O OD1 . ASP A 1 33  ? 10.707  9.501   10.854  1.00 40.92 ? 31  ASP A OD1 1 
ATOM   257  O OD2 . ASP A 1 33  ? 10.687  9.952   13.000  1.00 43.06 ? 31  ASP A OD2 1 
ATOM   258  N N   . PRO A 1 34  ? 8.826   7.258   9.326   1.00 32.77 ? 32  PRO A N   1 
ATOM   259  C CA  . PRO A 1 34  ? 9.179   5.836   9.179   1.00 27.65 ? 32  PRO A CA  1 
ATOM   260  C C   . PRO A 1 34  ? 10.324  5.402   10.073  1.00 29.10 ? 32  PRO A C   1 
ATOM   261  O O   . PRO A 1 34  ? 10.432  4.210   10.386  1.00 29.30 ? 32  PRO A O   1 
ATOM   262  C CB  . PRO A 1 34  ? 9.557   5.714   7.696   1.00 28.21 ? 32  PRO A CB  1 
ATOM   263  C CG  . PRO A 1 34  ? 9.030   6.959   7.044   1.00 30.70 ? 32  PRO A CG  1 
ATOM   264  C CD  . PRO A 1 34  ? 9.064   8.020   8.091   1.00 29.39 ? 32  PRO A CD  1 
ATOM   265  N N   . SER A 1 35  ? 11.180  6.326   10.498  1.00 33.36 ? 33  SER A N   1 
ATOM   266  C CA  . SER A 1 35  ? 12.322  6.001   11.343  1.00 38.18 ? 33  SER A CA  1 
ATOM   267  C C   . SER A 1 35  ? 11.951  5.836   12.811  1.00 39.36 ? 33  SER A C   1 
ATOM   268  O O   . SER A 1 35  ? 12.849  5.655   13.638  1.00 44.43 ? 33  SER A O   1 
ATOM   269  C CB  . SER A 1 35  ? 13.398  7.081   11.197  1.00 39.12 ? 33  SER A CB  1 
ATOM   270  O OG  . SER A 1 35  ? 13.022  8.267   11.874  1.00 44.81 ? 33  SER A OG  1 
ATOM   271  N N   . TYR A 1 36  ? 10.665  5.890   13.153  1.00 39.66 ? 34  TYR A N   1 
ATOM   272  C CA  . TYR A 1 36  ? 10.209  5.843   14.536  1.00 38.15 ? 34  TYR A CA  1 
ATOM   273  C C   . TYR A 1 36  ? 9.219   4.702   14.719  1.00 38.09 ? 34  TYR A C   1 
ATOM   274  O O   . TYR A 1 36  ? 8.248   4.588   13.962  1.00 40.11 ? 34  TYR A O   1 
ATOM   275  C CB  . TYR A 1 36  ? 9.563   7.173   14.942  1.00 40.34 ? 34  TYR A CB  1 
ATOM   276  C CG  . TYR A 1 36  ? 8.895   7.150   16.300  1.00 43.57 ? 34  TYR A CG  1 
ATOM   277  C CD1 . TYR A 1 36  ? 9.649   7.147   17.468  1.00 47.52 ? 34  TYR A CD1 1 
ATOM   278  C CD2 . TYR A 1 36  ? 7.510   7.135   16.417  1.00 38.47 ? 34  TYR A CD2 1 
ATOM   279  C CE1 . TYR A 1 36  ? 9.042   7.126   18.713  1.00 51.88 ? 34  TYR A CE1 1 
ATOM   280  C CE2 . TYR A 1 36  ? 6.895   7.114   17.656  1.00 40.82 ? 34  TYR A CE2 1 
ATOM   281  C CZ  . TYR A 1 36  ? 7.667   7.110   18.800  1.00 51.29 ? 34  TYR A CZ  1 
ATOM   282  O OH  . TYR A 1 36  ? 7.060   7.090   20.034  1.00 42.73 ? 34  TYR A OH  1 
ATOM   283  N N   . ASN A 1 37  ? 9.465   3.863   15.723  1.00 33.38 ? 35  ASN A N   1 
ATOM   284  C CA  . ASN A 1 37  ? 8.529   2.812   16.101  1.00 38.37 ? 35  ASN A CA  1 
ATOM   285  C C   . ASN A 1 37  ? 7.479   3.411   17.030  1.00 44.07 ? 35  ASN A C   1 
ATOM   286  O O   . ASN A 1 37  ? 7.814   3.911   18.109  1.00 44.38 ? 35  ASN A O   1 
ATOM   287  C CB  . ASN A 1 37  ? 9.274   1.658   16.773  1.00 36.56 ? 35  ASN A CB  1 
ATOM   288  C CG  . ASN A 1 37  ? 8.379   0.466   17.082  1.00 44.02 ? 35  ASN A CG  1 
ATOM   289  O OD1 . ASN A 1 37  ? 7.198   0.611   17.398  1.00 46.15 ? 35  ASN A OD1 1 
ATOM   290  N ND2 . ASN A 1 37  ? 8.953   -0.729  16.999  1.00 48.37 ? 35  ASN A ND2 1 
ATOM   291  N N   . TYR A 1 38  ? 6.213   3.364   16.612  1.00 34.91 ? 36  TYR A N   1 
ATOM   292  C CA  . TYR A 1 38  ? 5.152   3.977   17.404  1.00 33.58 ? 36  TYR A CA  1 
ATOM   293  C C   . TYR A 1 38  ? 4.645   3.043   18.496  1.00 35.33 ? 36  TYR A C   1 
ATOM   294  O O   . TYR A 1 38  ? 4.286   3.505   19.584  1.00 39.65 ? 36  TYR A O   1 
ATOM   295  C CB  . TYR A 1 38  ? 3.998   4.406   16.497  1.00 28.18 ? 36  TYR A CB  1 
ATOM   296  C CG  . TYR A 1 38  ? 4.302   5.605   15.621  1.00 27.09 ? 36  TYR A CG  1 
ATOM   297  C CD1 . TYR A 1 38  ? 3.910   6.882   15.997  1.00 27.91 ? 36  TYR A CD1 1 
ATOM   298  C CD2 . TYR A 1 38  ? 4.973   5.456   14.416  1.00 29.06 ? 36  TYR A CD2 1 
ATOM   299  C CE1 . TYR A 1 38  ? 4.181   7.978   15.199  1.00 27.10 ? 36  TYR A CE1 1 
ATOM   300  C CE2 . TYR A 1 38  ? 5.250   6.547   13.611  1.00 22.90 ? 36  TYR A CE2 1 
ATOM   301  C CZ  . TYR A 1 38  ? 4.851   7.804   14.006  1.00 26.55 ? 36  TYR A CZ  1 
ATOM   302  O OH  . TYR A 1 38  ? 5.125   8.890   13.206  1.00 24.64 ? 36  TYR A OH  1 
ATOM   303  N N   . ALA A 1 39  ? 4.605   1.736   18.228  1.00 35.74 ? 37  ALA A N   1 
ATOM   304  C CA  . ALA A 1 39  ? 4.120   0.783   19.222  1.00 38.47 ? 37  ALA A CA  1 
ATOM   305  C C   . ALA A 1 39  ? 4.977   0.827   20.481  1.00 48.01 ? 37  ALA A C   1 
ATOM   306  O O   . ALA A 1 39  ? 4.472   1.040   21.587  1.00 53.41 ? 37  ALA A O   1 
ATOM   307  C CB  . ALA A 1 39  ? 4.098   -0.626  18.631  1.00 39.31 ? 37  ALA A CB  1 
ATOM   308  N N   . ALA A 1 40  ? 6.237   0.494   20.251  1.00 46.47 ? 38  ALA A N   1 
ATOM   309  C CA  . ALA A 1 40  ? 7.267   0.258   21.274  1.00 52.00 ? 38  ALA A CA  1 
ATOM   310  C C   . ALA A 1 40  ? 8.050   1.508   21.638  1.00 53.65 ? 38  ALA A C   1 
ATOM   311  O O   . ALA A 1 40  ? 8.979   1.350   22.407  1.00 61.33 ? 38  ALA A O   1 
ATOM   312  C CB  . ALA A 1 40  ? 8.186   -0.824  20.781  1.00 55.56 ? 38  ALA A CB  1 
ATOM   313  N N   . ASN A 1 41  ? 7.738   2.646   21.047  1.00 52.75 ? 39  ASN A N   1 
ATOM   314  C CA  . ASN A 1 41  ? 8.396   3.917   21.425  1.00 52.41 ? 39  ASN A CA  1 
ATOM   315  C C   . ASN A 1 41  ? 9.922   3.824   21.332  1.00 59.89 ? 39  ASN A C   1 
ATOM   316  O O   . ASN A 1 41  ? 10.549  4.105   22.330  1.00 61.72 ? 39  ASN A O   1 
ATOM   317  C CB  . ASN A 1 41  ? 7.885   4.309   22.808  1.00 55.49 ? 39  ASN A CB  1 
ATOM   318  C CG  . ASN A 1 41  ? 8.310   5.676   23.244  1.00 69.57 ? 39  ASN A CG  1 
ATOM   319  O OD1 . ASN A 1 41  ? 8.639   5.871   24.410  1.00 78.71 ? 39  ASN A OD1 1 
ATOM   320  N ND2 . ASN A 1 41  ? 8.303   6.598   22.313  1.00 71.55 ? 39  ASN A ND2 1 
ATOM   321  N N   . THR A 1 42  ? 10.486  3.379   20.200  1.00 57.43 ? 40  THR A N   1 
ATOM   322  C CA  . THR A 1 42  ? 11.963  3.284   19.961  1.00 48.95 ? 40  THR A CA  1 
ATOM   323  C C   . THR A 1 42  ? 12.292  3.684   18.527  1.00 49.77 ? 40  THR A C   1 
ATOM   324  O O   . THR A 1 42  ? 11.369  3.760   17.754  1.00 49.88 ? 40  THR A O   1 
ATOM   325  C CB  . THR A 1 42  ? 12.459  1.848   20.092  1.00 51.75 ? 40  THR A CB  1 
ATOM   326  O OG1 . THR A 1 42  ? 11.972  1.073   19.004  1.00 53.43 ? 40  THR A OG1 1 
ATOM   327  C CG2 . THR A 1 42  ? 12.016  1.165   21.366  1.00 55.37 ? 40  THR A CG2 1 
ATOM   328  N N   . ARG A 1 43  ? 13.541  3.994   18.179  1.00 47.42 ? 41  ARG A N   1 
ATOM   329  C CA  . ARG A 1 43  ? 13.867  4.265   16.788  1.00 48.23 ? 41  ARG A CA  1 
ATOM   330  C C   . ARG A 1 43  ? 13.739  2.985   15.969  1.00 40.73 ? 41  ARG A C   1 
ATOM   331  O O   . ARG A 1 43  ? 13.954  1.877   16.466  1.00 45.23 ? 41  ARG A O   1 
ATOM   332  C CB  . ARG A 1 43  ? 15.270  4.854   16.661  1.00 47.38 ? 41  ARG A CB  1 
ATOM   333  C CG  . ARG A 1 43  ? 15.365  6.307   17.112  1.00 53.17 ? 41  ARG A CG  1 
ATOM   334  C CD  . ARG A 1 43  ? 14.134  7.111   16.701  1.00 52.56 ? 41  ARG A CD  1 
ATOM   335  N NE  . ARG A 1 43  ? 14.385  7.964   15.541  1.00 53.75 ? 41  ARG A NE  1 
ATOM   336  C CZ  . ARG A 1 43  ? 13.502  8.824   15.041  1.00 56.72 ? 41  ARG A CZ  1 
ATOM   337  N NH1 . ARG A 1 43  ? 13.815  9.561   13.984  1.00 53.51 ? 41  ARG A NH1 1 
ATOM   338  N NH2 . ARG A 1 43  ? 12.306  8.951   15.600  1.00 54.15 ? 41  ARG A NH2 1 
ATOM   339  N N   . ARG A 1 44  ? 13.370  3.146   14.704  1.00 42.41 ? 42  ARG A N   1 
ATOM   340  C CA  . ARG A 1 44  ? 12.975  2.031   13.855  1.00 36.04 ? 42  ARG A CA  1 
ATOM   341  C C   . ARG A 1 44  ? 14.027  1.797   12.782  1.00 32.87 ? 42  ARG A C   1 
ATOM   342  O O   . ARG A 1 44  ? 14.393  2.724   12.052  1.00 32.59 ? 42  ARG A O   1 
ATOM   343  C CB  . ARG A 1 44  ? 11.611  2.303   13.216  1.00 37.08 ? 42  ARG A CB  1 
ATOM   344  C CG  . ARG A 1 44  ? 11.069  1.189   12.337  1.00 33.66 ? 42  ARG A CG  1 
ATOM   345  C CD  . ARG A 1 44  ? 9.620   1.481   11.983  1.00 38.66 ? 42  ARG A CD  1 
ATOM   346  N NE  . ARG A 1 44  ? 9.014   0.483   11.106  1.00 33.28 ? 42  ARG A NE  1 
ATOM   347  C CZ  . ARG A 1 44  ? 8.560   0.747   9.884   1.00 30.83 ? 42  ARG A CZ  1 
ATOM   348  N NH1 . ARG A 1 44  ? 8.659   1.975   9.393   1.00 26.69 ? 42  ARG A NH1 1 
ATOM   349  N NH2 . ARG A 1 44  ? 8.011   -0.212  9.153   1.00 28.60 ? 42  ARG A NH2 1 
ATOM   350  N N   . ALA A 1 45  ? 14.513  0.564   12.697  1.00 28.81 ? 43  ALA A N   1 
ATOM   351  C CA  . ALA A 1 45  ? 15.417  0.157   11.634  1.00 35.37 ? 43  ALA A CA  1 
ATOM   352  C C   . ALA A 1 45  ? 14.632  -0.474  10.492  1.00 37.12 ? 43  ALA A C   1 
ATOM   353  O O   . ALA A 1 45  ? 13.541  -1.016  10.686  1.00 38.37 ? 43  ALA A O   1 
ATOM   354  C CB  . ALA A 1 45  ? 16.462  -0.828  12.155  1.00 35.33 ? 43  ALA A CB  1 
ATOM   355  N N   . SER A 1 46  ? 15.200  -0.403  9.294   1.00 32.10 ? 44  SER A N   1 
ATOM   356  C CA  . SER A 1 46  ? 14.534  -0.883  8.093   1.00 38.25 ? 44  SER A CA  1 
ATOM   357  C C   . SER A 1 46  ? 15.421  -1.898  7.387   1.00 31.27 ? 44  SER A C   1 
ATOM   358  O O   . SER A 1 46  ? 16.545  -1.573  6.987   1.00 31.43 ? 44  SER A O   1 
ATOM   359  C CB  . SER A 1 46  ? 14.198  0.277   7.153   1.00 40.56 ? 44  SER A CB  1 
ATOM   360  O OG  . SER A 1 46  ? 15.289  1.176   7.045   1.00 46.96 ? 44  SER A OG  1 
ATOM   361  N N   . LEU A 1 47  ? 14.923  -3.124  7.254   1.00 32.39 ? 45  LEU A N   1 
ATOM   362  C CA  . LEU A 1 47  ? 15.465  -4.062  6.283   1.00 25.15 ? 45  LEU A CA  1 
ATOM   363  C C   . LEU A 1 47  ? 14.923  -3.698  4.910   1.00 26.42 ? 45  LEU A C   1 
ATOM   364  O O   . LEU A 1 47  ? 13.724  -3.446  4.759   1.00 27.80 ? 45  LEU A O   1 
ATOM   365  C CB  . LEU A 1 47  ? 15.076  -5.499  6.633   1.00 27.16 ? 45  LEU A CB  1 
ATOM   366  C CG  . LEU A 1 47  ? 15.933  -6.277  7.630   1.00 31.08 ? 45  LEU A CG  1 
ATOM   367  C CD1 . LEU A 1 47  ? 15.253  -7.592  7.973   1.00 27.46 ? 45  LEU A CD1 1 
ATOM   368  C CD2 . LEU A 1 47  ? 17.319  -6.525  7.065   1.00 27.77 ? 45  LEU A CD2 1 
ATOM   369  N N   . SER A 1 48  ? 15.797  -3.658  3.915   1.00 24.90 ? 46  SER A N   1 
ATOM   370  C CA  . SER A 1 48  ? 15.360  -3.344  2.561   1.00 23.23 ? 46  SER A CA  1 
ATOM   371  C C   . SER A 1 48  ? 14.809  -4.603  1.902   1.00 23.48 ? 46  SER A C   1 
ATOM   372  O O   . SER A 1 48  ? 15.535  -5.598  1.787   1.00 22.26 ? 46  SER A O   1 
ATOM   373  C CB  . SER A 1 48  ? 16.510  -2.770  1.744   1.00 26.38 ? 46  SER A CB  1 
ATOM   374  O OG  . SER A 1 48  ? 16.292  -2.960  0.356   1.00 35.74 ? 46  SER A OG  1 
ATOM   375  N N   . PRO A 1 49  ? 13.547  -4.611  1.472   1.00 23.75 ? 47  PRO A N   1 
ATOM   376  C CA  . PRO A 1 49  ? 12.969  -5.846  0.916   1.00 18.37 ? 47  PRO A CA  1 
ATOM   377  C C   . PRO A 1 49  ? 13.653  -6.342  -0.348  1.00 21.04 ? 47  PRO A C   1 
ATOM   378  O O   . PRO A 1 49  ? 13.527  -7.531  -0.674  1.00 17.66 ? 47  PRO A O   1 
ATOM   379  C CB  . PRO A 1 49  ? 11.509  -5.457  0.643   1.00 19.77 ? 47  PRO A CB  1 
ATOM   380  C CG  . PRO A 1 49  ? 11.248  -4.307  1.561   1.00 20.17 ? 47  PRO A CG  1 
ATOM   381  C CD  . PRO A 1 49  ? 12.539  -3.552  1.641   1.00 23.93 ? 47  PRO A CD  1 
ATOM   382  N N   . ARG A 1 50  ? 14.379  -5.489  -1.072  1.00 21.95 ? 48  ARG A N   1 
ATOM   383  C CA  . ARG A 1 50  ? 14.938  -5.923  -2.348  1.00 23.19 ? 48  ARG A CA  1 
ATOM   384  C C   . ARG A 1 50  ? 16.119  -6.872  -2.193  1.00 21.68 ? 48  ARG A C   1 
ATOM   385  O O   . ARG A 1 50  ? 16.541  -7.471  -3.188  1.00 23.84 ? 48  ARG A O   1 
ATOM   386  C CB  . ARG A 1 50  ? 15.346  -4.711  -3.185  1.00 26.73 ? 48  ARG A CB  1 
ATOM   387  C CG  . ARG A 1 50  ? 16.531  -3.933  -2.655  1.00 33.22 ? 48  ARG A CG  1 
ATOM   388  C CD  . ARG A 1 50  ? 17.075  -3.026  -3.745  1.00 41.96 ? 48  ARG A CD  1 
ATOM   389  N NE  . ARG A 1 50  ? 17.799  -1.879  -3.207  1.00 49.10 ? 48  ARG A NE  1 
ATOM   390  C CZ  . ARG A 1 50  ? 18.433  -0.983  -3.957  1.00 59.22 ? 48  ARG A CZ  1 
ATOM   391  N NH1 . ARG A 1 50  ? 18.436  -1.103  -5.278  1.00 54.17 ? 48  ARG A NH1 1 
ATOM   392  N NH2 . ARG A 1 50  ? 19.065  0.033   -3.385  1.00 57.80 ? 48  ARG A NH2 1 
ATOM   393  N N   . GLY A 1 51  ? 16.652  -7.030  -0.986  1.00 19.64 ? 49  GLY A N   1 
ATOM   394  C CA  . GLY A 1 51  ? 17.740  -7.963  -0.769  1.00 20.10 ? 49  GLY A CA  1 
ATOM   395  C C   . GLY A 1 51  ? 17.308  -9.230  -0.061  1.00 24.49 ? 49  GLY A C   1 
ATOM   396  O O   . GLY A 1 51  ? 18.149  -9.963  0.465   1.00 22.09 ? 49  GLY A O   1 
ATOM   397  N N   . ILE A 1 52  ? 16.003  -9.503  -0.036  1.00 20.20 ? 50  ILE A N   1 
ATOM   398  C CA  . ILE A 1 52  ? 15.451  -10.662 0.653   1.00 19.89 ? 50  ILE A CA  1 
ATOM   399  C C   . ILE A 1 52  ? 14.817  -11.586 -0.378  1.00 19.49 ? 50  ILE A C   1 
ATOM   400  O O   . ILE A 1 52  ? 14.126  -11.126 -1.295  1.00 20.05 ? 50  ILE A O   1 
ATOM   401  C CB  . ILE A 1 52  ? 14.434  -10.241 1.734   1.00 20.43 ? 50  ILE A CB  1 
ATOM   402  C CG1 . ILE A 1 52  ? 15.006  -9.083  2.561   1.00 19.23 ? 50  ILE A CG1 1 
ATOM   403  C CG2 . ILE A 1 52  ? 14.096  -11.415 2.641   1.00 18.10 ? 50  ILE A CG2 1 
ATOM   404  C CD1 . ILE A 1 52  ? 14.259  -8.805  3.842   1.00 17.90 ? 50  ILE A CD1 1 
ATOM   405  N N   . ASP A 1 53  ? 15.056  -12.889 -0.232  1.00 22.01 ? 51  ASP A N   1 
ATOM   406  C CA  . ASP A 1 53  ? 14.611  -13.843 -1.236  1.00 21.18 ? 51  ASP A CA  1 
ATOM   407  C C   . ASP A 1 53  ? 13.114  -14.131 -1.095  1.00 19.91 ? 51  ASP A C   1 
ATOM   408  O O   . ASP A 1 53  ? 12.459  -13.733 -0.129  1.00 20.10 ? 51  ASP A O   1 
ATOM   409  C CB  . ASP A 1 53  ? 15.434  -15.134 -1.163  1.00 18.40 ? 51  ASP A CB  1 
ATOM   410  C CG  . ASP A 1 53  ? 15.321  -15.858 0.181   1.00 30.11 ? 51  ASP A CG  1 
ATOM   411  O OD1 . ASP A 1 53  ? 14.286  -15.761 0.872   1.00 22.78 ? 51  ASP A OD1 1 
ATOM   412  O OD2 . ASP A 1 53  ? 16.295  -16.547 0.550   1.00 43.51 ? 51  ASP A OD2 1 
ATOM   413  N N   . ALA A 1 54  ? 12.578  -14.849 -2.086  1.00 21.86 ? 52  ALA A N   1 
ATOM   414  C CA  . ALA A 1 54  ? 11.142  -15.110 -2.134  1.00 22.27 ? 52  ALA A CA  1 
ATOM   415  C C   . ALA A 1 54  ? 10.669  -15.922 -0.936  1.00 23.50 ? 52  ALA A C   1 
ATOM   416  O O   . ALA A 1 54  ? 9.536   -15.742 -0.475  1.00 24.51 ? 52  ALA A O   1 
ATOM   417  C CB  . ALA A 1 54  ? 10.784  -15.829 -3.435  1.00 20.54 ? 52  ALA A CB  1 
ATOM   418  N N   . ARG A 1 55  ? 11.517  -16.810 -0.415  1.00 21.94 ? 53  ARG A N   1 
ATOM   419  C CA  . ARG A 1 55  ? 11.107  -17.649 0.706   1.00 23.34 ? 53  ARG A CA  1 
ATOM   420  C C   . ARG A 1 55  ? 10.839  -16.833 1.965   1.00 21.83 ? 53  ARG A C   1 
ATOM   421  O O   . ARG A 1 55  ? 9.957   -17.186 2.754   1.00 22.91 ? 53  ARG A O   1 
ATOM   422  C CB  . ARG A 1 55  ? 12.174  -18.711 0.981   1.00 20.94 ? 53  ARG A CB  1 
ATOM   423  C CG  . ARG A 1 55  ? 11.816  -19.674 2.098   1.00 28.88 ? 53  ARG A CG  1 
ATOM   424  C CD  . ARG A 1 55  ? 12.965  -20.623 2.411   1.00 31.95 ? 53  ARG A CD  1 
ATOM   425  N NE  . ARG A 1 55  ? 13.369  -21.406 1.245   1.00 30.50 ? 53  ARG A NE  1 
ATOM   426  C CZ  . ARG A 1 55  ? 12.770  -22.526 0.854   1.00 32.16 ? 53  ARG A CZ  1 
ATOM   427  N NH1 . ARG A 1 55  ? 11.735  -22.999 1.534   1.00 31.77 ? 53  ARG A NH1 1 
ATOM   428  N NH2 . ARG A 1 55  ? 13.205  -23.176 -0.218  1.00 34.85 ? 53  ARG A NH2 1 
ATOM   429  N N   . ALA A 1 56  ? 11.563  -15.731 2.165   1.00 20.66 ? 54  ALA A N   1 
ATOM   430  C CA  . ALA A 1 56  ? 11.559  -15.057 3.455   1.00 22.25 ? 54  ALA A CA  1 
ATOM   431  C C   . ALA A 1 56  ? 10.940  -13.665 3.462   1.00 18.25 ? 54  ALA A C   1 
ATOM   432  O O   . ALA A 1 56  ? 10.610  -13.172 4.543   1.00 18.03 ? 54  ALA A O   1 
ATOM   433  C CB  . ALA A 1 56  ? 12.994  -14.950 3.995   1.00 23.70 ? 54  ALA A CB  1 
ATOM   434  N N   . VAL A 1 57  ? 10.762  -13.022 2.306   1.00 18.77 ? 55  VAL A N   1 
ATOM   435  C CA  . VAL A 1 57  ? 10.488  -11.585 2.302   1.00 19.59 ? 55  VAL A CA  1 
ATOM   436  C C   . VAL A 1 57  ? 9.121   -11.281 2.926   1.00 17.24 ? 55  VAL A C   1 
ATOM   437  O O   . VAL A 1 57  ? 9.005   -10.444 3.837   1.00 19.86 ? 55  VAL A O   1 
ATOM   438  C CB  . VAL A 1 57  ? 10.634  -11.019 0.873   1.00 13.95 ? 55  VAL A CB  1 
ATOM   439  C CG1 . VAL A 1 57  ? 9.713   -11.720 -0.126  1.00 15.97 ? 55  VAL A CG1 1 
ATOM   440  C CG2 . VAL A 1 57  ? 10.434  -9.507  0.856   1.00 14.52 ? 55  VAL A CG2 1 
ATOM   441  N N   . ALA A 1 58  ? 8.071   -11.977 2.475   1.00 18.66 ? 56  ALA A N   1 
ATOM   442  C CA  . ALA A 1 58  ? 6.730   -11.683 2.973   1.00 19.20 ? 56  ALA A CA  1 
ATOM   443  C C   . ALA A 1 58  ? 6.630   -11.944 4.471   1.00 21.99 ? 56  ALA A C   1 
ATOM   444  O O   . ALA A 1 58  ? 6.084   -11.121 5.217   1.00 20.68 ? 56  ALA A O   1 
ATOM   445  C CB  . ALA A 1 58  ? 5.688   -12.502 2.213   1.00 15.45 ? 56  ALA A CB  1 
ATOM   446  N N   . LYS A 1 59  ? 7.166   -13.076 4.934   1.00 19.75 ? 57  LYS A N   1 
ATOM   447  C CA  . LYS A 1 59  ? 7.112   -13.361 6.362   1.00 19.18 ? 57  LYS A CA  1 
ATOM   448  C C   . LYS A 1 59  ? 8.053   -12.459 7.149   1.00 19.85 ? 57  LYS A C   1 
ATOM   449  O O   . LYS A 1 59  ? 7.759   -12.122 8.302   1.00 20.41 ? 57  LYS A O   1 
ATOM   450  C CB  . LYS A 1 59  ? 7.417   -14.838 6.623   1.00 22.92 ? 57  LYS A CB  1 
ATOM   451  C CG  . LYS A 1 59  ? 8.864   -15.252 6.418   1.00 29.42 ? 57  LYS A CG  1 
ATOM   452  C CD  . LYS A 1 59  ? 9.066   -16.712 6.818   1.00 32.65 ? 57  LYS A CD  1 
ATOM   453  C CE  . LYS A 1 59  ? 10.486  -17.180 6.542   1.00 30.47 ? 57  LYS A CE  1 
ATOM   454  N NZ  . LYS A 1 59  ? 10.639  -18.640 6.789   1.00 36.67 ? 57  LYS A NZ  1 
ATOM   455  N N   . THR A 1 60  ? 9.172   -12.041 6.549   1.00 18.57 ? 58  THR A N   1 
ATOM   456  C CA  . THR A 1 60  ? 10.034  -11.073 7.221   1.00 20.09 ? 58  THR A CA  1 
ATOM   457  C C   . THR A 1 60  ? 9.265   -9.804  7.550   1.00 21.36 ? 58  THR A C   1 
ATOM   458  O O   . THR A 1 60  ? 9.473   -9.198  8.608   1.00 21.19 ? 58  THR A O   1 
ATOM   459  C CB  . THR A 1 60  ? 11.256  -10.741 6.360   1.00 21.88 ? 58  THR A CB  1 
ATOM   460  O OG1 . THR A 1 60  ? 12.021  -11.931 6.133   1.00 21.04 ? 58  THR A OG1 1 
ATOM   461  C CG2 . THR A 1 60  ? 12.138  -9.710  7.054   1.00 20.09 ? 58  THR A CG2 1 
ATOM   462  N N   . PHE A 1 61  ? 8.357   -9.388  6.666   1.00 23.32 ? 59  PHE A N   1 
ATOM   463  C CA  . PHE A 1 61  ? 7.564   -8.192  6.935   1.00 21.36 ? 59  PHE A CA  1 
ATOM   464  C C   . PHE A 1 61  ? 6.164   -8.512  7.458   1.00 23.10 ? 59  PHE A C   1 
ATOM   465  O O   . PHE A 1 61  ? 5.212   -7.770  7.193   1.00 20.45 ? 59  PHE A O   1 
ATOM   466  C CB  . PHE A 1 61  ? 7.524   -7.313  5.688   1.00 19.81 ? 59  PHE A CB  1 
ATOM   467  C CG  . PHE A 1 61  ? 8.887   -6.870  5.255   1.00 23.13 ? 59  PHE A CG  1 
ATOM   468  C CD1 . PHE A 1 61  ? 9.549   -5.867  5.945   1.00 19.28 ? 59  PHE A CD1 1 
ATOM   469  C CD2 . PHE A 1 61  ? 9.538   -7.499  4.206   1.00 18.77 ? 59  PHE A CD2 1 
ATOM   470  C CE1 . PHE A 1 61  ? 10.821  -5.471  5.571   1.00 24.14 ? 59  PHE A CE1 1 
ATOM   471  C CE2 . PHE A 1 61  ? 10.809  -7.111  3.826   1.00 17.42 ? 59  PHE A CE2 1 
ATOM   472  C CZ  . PHE A 1 61  ? 11.453  -6.097  4.512   1.00 22.27 ? 59  PHE A CZ  1 
ATOM   473  N N   . GLY A 1 62  ? 6.030   -9.598  8.218   1.00 21.86 ? 60  GLY A N   1 
ATOM   474  C CA  . GLY A 1 62  ? 4.811   -9.900  8.939   1.00 23.43 ? 60  GLY A CA  1 
ATOM   475  C C   . GLY A 1 62  ? 3.813   -10.781 8.219   1.00 23.36 ? 60  GLY A C   1 
ATOM   476  O O   . GLY A 1 62  ? 2.792   -11.146 8.817   1.00 23.18 ? 60  GLY A O   1 
ATOM   477  N N   . GLY A 1 63  ? 4.070   -11.144 6.968   1.00 19.27 ? 61  GLY A N   1 
ATOM   478  C CA  . GLY A 1 63  ? 3.091   -11.886 6.206   1.00 20.66 ? 61  GLY A CA  1 
ATOM   479  C C   . GLY A 1 63  ? 2.971   -13.333 6.643   1.00 23.98 ? 61  GLY A C   1 
ATOM   480  O O   . GLY A 1 63  ? 3.838   -13.896 7.311   1.00 26.23 ? 61  GLY A O   1 
ATOM   481  N N   . ARG A 1 64  ? 1.851   -13.935 6.259   1.00 19.89 ? 62  ARG A N   1 
ATOM   482  C CA  . ARG A 1 64  ? 1.606   -15.364 6.386   1.00 27.83 ? 62  ARG A CA  1 
ATOM   483  C C   . ARG A 1 64  ? 1.291   -15.922 5.004   1.00 23.93 ? 62  ARG A C   1 
ATOM   484  O O   . ARG A 1 64  ? 1.250   -15.191 4.013   1.00 28.17 ? 62  ARG A O   1 
ATOM   485  C CB  . ARG A 1 64  ? 0.463   -15.649 7.365   1.00 25.05 ? 62  ARG A CB  1 
ATOM   486  C CG  . ARG A 1 64  ? 0.711   -15.152 8.778   1.00 34.92 ? 62  ARG A CG  1 
ATOM   487  C CD  . ARG A 1 64  ? 1.491   -16.168 9.600   1.00 47.16 ? 62  ARG A CD  1 
ATOM   488  N NE  . ARG A 1 64  ? 2.464   -15.522 10.478  1.00 57.20 ? 62  ARG A NE  1 
ATOM   489  C CZ  . ARG A 1 64  ? 2.155   -14.871 11.596  1.00 56.21 ? 62  ARG A CZ  1 
ATOM   490  N NH1 . ARG A 1 64  ? 3.114   -14.313 12.326  1.00 50.59 ? 62  ARG A NH1 1 
ATOM   491  N NH2 . ARG A 1 64  ? 0.891   -14.781 11.991  1.00 53.98 ? 62  ARG A NH2 1 
ATOM   492  N N   . ALA A 1 65  ? 1.060   -17.230 4.942   1.00 26.85 ? 63  ALA A N   1 
ATOM   493  C CA  . ALA A 1 65  ? 0.757   -17.863 3.667   1.00 29.82 ? 63  ALA A CA  1 
ATOM   494  C C   . ALA A 1 65  ? -0.519  -17.282 3.068   1.00 25.32 ? 63  ALA A C   1 
ATOM   495  O O   . ALA A 1 65  ? -1.462  -16.938 3.785   1.00 26.54 ? 63  ALA A O   1 
ATOM   496  C CB  . ALA A 1 65  ? 0.615   -19.375 3.846   1.00 29.75 ? 63  ALA A CB  1 
ATOM   497  N N   . LEU A 1 66  ? -0.530  -17.153 1.744   1.00 23.48 ? 64  LEU A N   1 
ATOM   498  C CA  . LEU A 1 66  ? -1.734  -16.738 1.040   1.00 23.61 ? 64  LEU A CA  1 
ATOM   499  C C   . LEU A 1 66  ? -2.748  -17.877 1.013   1.00 28.31 ? 64  LEU A C   1 
ATOM   500  O O   . LEU A 1 66  ? -2.390  -19.055 1.091   1.00 29.71 ? 64  LEU A O   1 
ATOM   501  C CB  . LEU A 1 66  ? -1.398  -16.304 -0.387  1.00 25.84 ? 64  LEU A CB  1 
ATOM   502  C CG  . LEU A 1 66  ? -0.441  -15.117 -0.510  1.00 22.36 ? 64  LEU A CG  1 
ATOM   503  C CD1 . LEU A 1 66  ? 0.011   -14.950 -1.951  1.00 19.39 ? 64  LEU A CD1 1 
ATOM   504  C CD2 . LEU A 1 66  ? -1.101  -13.848 0.003   1.00 19.44 ? 64  LEU A CD2 1 
ATOM   505  N N   . THR A 1 67  ? -4.023  -17.518 0.897   1.00 32.17 ? 65  THR A N   1 
ATOM   506  C CA  . THR A 1 67  ? -5.108  -18.487 0.879   1.00 29.03 ? 65  THR A CA  1 
ATOM   507  C C   . THR A 1 67  ? -5.572  -18.748 -0.550  1.00 36.20 ? 65  THR A C   1 
ATOM   508  O O   . THR A 1 67  ? -5.531  -17.861 -1.407  1.00 30.43 ? 65  THR A O   1 
ATOM   509  C CB  . THR A 1 67  ? -6.288  -18.005 1.724   1.00 31.07 ? 65  THR A CB  1 
ATOM   510  O OG1 . THR A 1 67  ? -6.794  -16.779 1.186   1.00 33.37 ? 65  THR A OG1 1 
ATOM   511  C CG2 . THR A 1 67  ? -5.850  -17.776 3.164   1.00 33.14 ? 65  THR A CG2 1 
ATOM   512  N N   . GLY A 1 68  ? -6.011  -19.979 -0.795  1.00 37.77 ? 66  GLY A N   1 
ATOM   513  C CA  . GLY A 1 68  ? -6.491  -20.407 -2.088  1.00 33.40 ? 66  GLY A CA  1 
ATOM   514  C C   . GLY A 1 68  ? -6.092  -21.843 -2.352  1.00 39.14 ? 66  GLY A C   1 
ATOM   515  O O   . GLY A 1 68  ? -5.656  -22.565 -1.455  1.00 40.07 ? 66  GLY A O   1 
ATOM   516  N N   . THR A 1 69  ? -6.249  -22.261 -3.607  1.00 36.29 ? 67  THR A N   1 
ATOM   517  C CA  . THR A 1 69  ? -5.830  -23.594 -4.013  1.00 41.47 ? 67  THR A CA  1 
ATOM   518  C C   . THR A 1 69  ? -4.306  -23.673 -4.084  1.00 43.54 ? 67  THR A C   1 
ATOM   519  O O   . THR A 1 69  ? -3.605  -22.658 -4.099  1.00 43.73 ? 67  THR A O   1 
ATOM   520  C CB  . THR A 1 69  ? -6.435  -23.959 -5.368  1.00 40.72 ? 67  THR A CB  1 
ATOM   521  O OG1 . THR A 1 69  ? -5.590  -23.476 -6.419  1.00 39.72 ? 67  THR A OG1 1 
ATOM   522  C CG2 . THR A 1 69  ? -7.821  -23.348 -5.520  1.00 44.66 ? 67  THR A CG2 1 
ATOM   523  N N   . ALA A 1 70  ? -3.796  -24.906 -4.133  1.00 37.58 ? 68  ALA A N   1 
ATOM   524  C CA  . ALA A 1 70  ? -2.348  -25.115 -4.140  1.00 42.98 ? 68  ALA A CA  1 
ATOM   525  C C   . ALA A 1 70  ? -1.696  -24.467 -5.359  1.00 39.56 ? 68  ALA A C   1 
ATOM   526  O O   . ALA A 1 70  ? -0.647  -23.819 -5.243  1.00 44.84 ? 68  ALA A O   1 
ATOM   527  C CB  . ALA A 1 70  ? -2.037  -26.611 -4.090  1.00 42.23 ? 68  ALA A CB  1 
ATOM   528  N N   . ARG A 1 71  ? -2.295  -24.651 -6.538  1.00 40.07 ? 69  ARG A N   1 
ATOM   529  C CA  . ARG A 1 71  ? -1.856  -23.965 -7.750  1.00 46.55 ? 69  ARG A CA  1 
ATOM   530  C C   . ARG A 1 71  ? -1.779  -22.460 -7.516  1.00 40.68 ? 69  ARG A C   1 
ATOM   531  O O   . ARG A 1 71  ? -0.726  -21.824 -7.704  1.00 41.90 ? 69  ARG A O   1 
ATOM   532  C CB  . ARG A 1 71  ? -2.836  -24.303 -8.888  1.00 44.83 ? 69  ARG A CB  1 
ATOM   533  C CG  . ARG A 1 71  ? -2.423  -23.942 -10.325 1.00 53.05 ? 69  ARG A CG  1 
ATOM   534  C CD  . ARG A 1 71  ? -2.513  -22.442 -10.619 1.00 54.81 ? 69  ARG A CD  1 
ATOM   535  N NE  . ARG A 1 71  ? -3.869  -21.912 -10.462 1.00 56.28 ? 69  ARG A NE  1 
ATOM   536  C CZ  . ARG A 1 71  ? -4.311  -20.799 -11.039 1.00 36.81 ? 69  ARG A CZ  1 
ATOM   537  N NH1 . ARG A 1 71  ? -3.509  -20.104 -11.830 1.00 42.62 ? 69  ARG A NH1 1 
ATOM   538  N NH2 . ARG A 1 71  ? -5.553  -20.382 -10.833 1.00 43.63 ? 69  ARG A NH2 1 
ATOM   539  N N   . GLN A 1 72  ? -2.923  -21.881 -7.133  1.00 40.75 ? 70  GLN A N   1 
ATOM   540  C CA  . GLN A 1 72  ? -3.008  -20.456 -6.852  1.00 38.29 ? 70  GLN A CA  1 
ATOM   541  C C   . GLN A 1 72  ? -1.968  -20.034 -5.830  1.00 35.03 ? 70  GLN A C   1 
ATOM   542  O O   . GLN A 1 72  ? -1.322  -18.996 -5.987  1.00 34.57 ? 70  GLN A O   1 
ATOM   543  C CB  . GLN A 1 72  ? -4.407  -20.105 -6.345  1.00 37.62 ? 70  GLN A CB  1 
ATOM   544  C CG  . GLN A 1 72  ? -5.500  -20.124 -7.396  1.00 41.21 ? 70  GLN A CG  1 
ATOM   545  C CD  . GLN A 1 72  ? -6.816  -19.599 -6.857  1.00 44.18 ? 70  GLN A CD  1 
ATOM   546  O OE1 . GLN A 1 72  ? -7.356  -20.124 -5.882  1.00 43.71 ? 70  GLN A OE1 1 
ATOM   547  N NE2 . GLN A 1 72  ? -7.338  -18.554 -7.487  1.00 46.63 ? 70  GLN A NE2 1 
ATOM   548  N N   . LYS A 1 73  ? -1.791  -20.831 -4.776  1.00 35.10 ? 71  LYS A N   1 
ATOM   549  C CA  . LYS A 1 73  ? -0.900  -20.435 -3.693  1.00 35.07 ? 71  LYS A CA  1 
ATOM   550  C C   . LYS A 1 73  ? 0.549   -20.389 -4.158  1.00 33.94 ? 71  LYS A C   1 
ATOM   551  O O   . LYS A 1 73  ? 1.261   -19.422 -3.883  1.00 34.37 ? 71  LYS A O   1 
ATOM   552  C CB  . LYS A 1 73  ? -1.072  -21.376 -2.501  1.00 34.99 ? 71  LYS A CB  1 
ATOM   553  C CG  . LYS A 1 73  ? -2.316  -21.075 -1.678  1.00 30.37 ? 71  LYS A CG  1 
ATOM   554  C CD  . LYS A 1 73  ? -2.301  -21.808 -0.348  1.00 35.50 ? 71  LYS A CD  1 
ATOM   555  C CE  . LYS A 1 73  ? -2.369  -23.310 -0.539  1.00 40.72 ? 71  LYS A CE  1 
ATOM   556  N NZ  . LYS A 1 73  ? -2.191  -24.029 0.750   1.00 45.63 ? 71  LYS A NZ  1 
ATOM   557  N N   . GLU A 1 74  ? 1.000   -21.421 -4.874  1.00 36.82 ? 72  GLU A N   1 
ATOM   558  C CA  . GLU A 1 74  ? 2.360   -21.414 -5.411  1.00 38.47 ? 72  GLU A CA  1 
ATOM   559  C C   . GLU A 1 74  ? 2.593   -20.186 -6.288  1.00 34.00 ? 72  GLU A C   1 
ATOM   560  O O   . GLU A 1 74  ? 3.523   -19.385 -6.056  1.00 37.87 ? 72  GLU A O   1 
ATOM   561  C CB  . GLU A 1 74  ? 2.598   -22.700 -6.206  1.00 39.34 ? 72  GLU A CB  1 
ATOM   562  C CG  . GLU A 1 74  ? 4.025   -23.221 -6.192  1.00 50.42 ? 72  GLU A CG  1 
ATOM   563  C CD  . GLU A 1 74  ? 4.124   -24.646 -6.707  1.00 66.93 ? 72  GLU A CD  1 
ATOM   564  O OE1 . GLU A 1 74  ? 4.587   -25.523 -5.946  1.00 66.72 ? 72  GLU A OE1 1 
ATOM   565  O OE2 . GLU A 1 74  ? 3.735   -24.887 -7.869  1.00 64.64 ? 72  GLU A OE2 1 
ATOM   566  N N   . TRP A 1 75  ? 1.728   -20.009 -7.294  1.00 31.48 ? 73  TRP A N   1 
ATOM   567  C CA  . TRP A 1 75  ? 1.915   -18.912 -8.239  1.00 31.06 ? 73  TRP A CA  1 
ATOM   568  C C   . TRP A 1 75  ? 1.885   -17.560 -7.531  1.00 25.75 ? 73  TRP A C   1 
ATOM   569  O O   . TRP A 1 75  ? 2.741   -16.695 -7.767  1.00 31.48 ? 73  TRP A O   1 
ATOM   570  C CB  . TRP A 1 75  ? 0.844   -18.978 -9.326  1.00 26.81 ? 73  TRP A CB  1 
ATOM   571  C CG  . TRP A 1 75  ? 1.126   -18.103 -10.497 1.00 30.44 ? 73  TRP A CG  1 
ATOM   572  C CD1 . TRP A 1 75  ? 2.301   -17.469 -10.784 1.00 30.06 ? 73  TRP A CD1 1 
ATOM   573  C CD2 . TRP A 1 75  ? 0.215   -17.755 -11.543 1.00 26.99 ? 73  TRP A CD2 1 
ATOM   574  N NE1 . TRP A 1 75  ? 2.177   -16.748 -11.946 1.00 28.22 ? 73  TRP A NE1 1 
ATOM   575  C CE2 . TRP A 1 75  ? 0.905   -16.906 -12.432 1.00 30.71 ? 73  TRP A CE2 1 
ATOM   576  C CE3 . TRP A 1 75  ? -1.117  -18.077 -11.814 1.00 30.97 ? 73  TRP A CE3 1 
ATOM   577  C CZ2 . TRP A 1 75  ? 0.307   -16.380 -13.575 1.00 29.44 ? 73  TRP A CZ2 1 
ATOM   578  C CZ3 . TRP A 1 75  ? -1.710  -17.552 -12.949 1.00 29.41 ? 73  TRP A CZ3 1 
ATOM   579  C CH2 . TRP A 1 75  ? -0.998  -16.712 -13.814 1.00 30.03 ? 73  TRP A CH2 1 
ATOM   580  N N   . ALA A 1 76  ? 0.916   -17.370 -6.636  1.00 28.03 ? 74  ALA A N   1 
ATOM   581  C CA  . ALA A 1 76  ? 0.738   -16.070 -6.007  1.00 28.75 ? 74  ALA A CA  1 
ATOM   582  C C   . ALA A 1 76  ? 1.814   -15.781 -4.974  1.00 26.60 ? 74  ALA A C   1 
ATOM   583  O O   . ALA A 1 76  ? 2.144   -14.616 -4.759  1.00 27.51 ? 74  ALA A O   1 
ATOM   584  C CB  . ALA A 1 76  ? -0.641  -15.981 -5.368  1.00 23.24 ? 74  ALA A CB  1 
ATOM   585  N N   . GLU A 1 77  ? 2.368   -16.802 -4.316  1.00 23.60 ? 75  GLU A N   1 
ATOM   586  C CA  . GLU A 1 77  ? 3.500   -16.540 -3.438  1.00 23.75 ? 75  GLU A CA  1 
ATOM   587  C C   . GLU A 1 77  ? 4.682   -16.027 -4.242  1.00 27.63 ? 75  GLU A C   1 
ATOM   588  O O   . GLU A 1 77  ? 5.353   -15.069 -3.830  1.00 27.65 ? 75  GLU A O   1 
ATOM   589  C CB  . GLU A 1 77  ? 3.881   -17.792 -2.647  1.00 26.66 ? 75  GLU A CB  1 
ATOM   590  C CG  . GLU A 1 77  ? 2.863   -18.209 -1.592  1.00 27.43 ? 75  GLU A CG  1 
ATOM   591  C CD  . GLU A 1 77  ? 2.836   -17.302 -0.376  1.00 30.21 ? 75  GLU A CD  1 
ATOM   592  O OE1 . GLU A 1 77  ? 3.678   -16.381 -0.283  1.00 27.34 ? 75  GLU A OE1 1 
ATOM   593  O OE2 . GLU A 1 77  ? 1.962   -17.514 0.495   1.00 30.04 ? 75  GLU A OE2 1 
ATOM   594  N N   . LYS A 1 78  ? 4.933   -16.621 -5.414  1.00 24.30 ? 76  LYS A N   1 
ATOM   595  C CA  . LYS A 1 78  ? 6.002   -16.080 -6.256  1.00 27.69 ? 76  LYS A CA  1 
ATOM   596  C C   . LYS A 1 78  ? 5.708   -14.637 -6.673  1.00 27.07 ? 76  LYS A C   1 
ATOM   597  O O   . LYS A 1 78  ? 6.590   -13.764 -6.610  1.00 22.88 ? 76  LYS A O   1 
ATOM   598  C CB  . LYS A 1 78  ? 6.215   -16.970 -7.478  1.00 28.99 ? 76  LYS A CB  1 
ATOM   599  C CG  . LYS A 1 78  ? 6.976   -18.252 -7.158  1.00 38.69 ? 76  LYS A CG  1 
ATOM   600  C CD  . LYS A 1 78  ? 8.326   -17.942 -6.523  1.00 49.70 ? 76  LYS A CD  1 
ATOM   601  C CE  . LYS A 1 78  ? 8.535   -18.742 -5.235  1.00 42.91 ? 76  LYS A CE  1 
ATOM   602  N NZ  . LYS A 1 78  ? 9.949   -19.161 -5.040  1.00 45.97 ? 76  LYS A NZ  1 
ATOM   603  N N   . ILE A 1 79  ? 4.467   -14.369 -7.090  1.00 25.06 ? 77  ILE A N   1 
ATOM   604  C CA  . ILE A 1 79  ? 4.095   -13.024 -7.535  1.00 24.74 ? 77  ILE A CA  1 
ATOM   605  C C   . ILE A 1 79  ? 4.253   -12.016 -6.402  1.00 21.14 ? 77  ILE A C   1 
ATOM   606  O O   . ILE A 1 79  ? 4.818   -10.927 -6.584  1.00 18.05 ? 77  ILE A O   1 
ATOM   607  C CB  . ILE A 1 79  ? 2.656   -13.022 -8.085  1.00 25.10 ? 77  ILE A CB  1 
ATOM   608  C CG1 . ILE A 1 79  ? 2.570   -13.843 -9.374  1.00 23.77 ? 77  ILE A CG1 1 
ATOM   609  C CG2 . ILE A 1 79  ? 2.169   -11.595 -8.300  1.00 20.17 ? 77  ILE A CG2 1 
ATOM   610  C CD1 . ILE A 1 79  ? 1.156   -14.173 -9.787  1.00 23.37 ? 77  ILE A CD1 1 
ATOM   611  N N   . ARG A 1 80  ? 3.737   -12.352 -5.218  1.00 20.72 ? 78  ARG A N   1 
ATOM   612  C CA  . ARG A 1 80  ? 3.800   -11.436 -4.088  1.00 19.26 ? 78  ARG A CA  1 
ATOM   613  C C   . ARG A 1 80  ? 5.238   -11.170 -3.678  1.00 20.14 ? 78  ARG A C   1 
ATOM   614  O O   . ARG A 1 80  ? 5.594   -10.032 -3.360  1.00 16.49 ? 78  ARG A O   1 
ATOM   615  C CB  . ARG A 1 80  ? 3.011   -11.990 -2.901  1.00 16.74 ? 78  ARG A CB  1 
ATOM   616  C CG  . ARG A 1 80  ? 3.222   -11.189 -1.622  1.00 15.61 ? 78  ARG A CG  1 
ATOM   617  C CD  . ARG A 1 80  ? 2.279   -11.617 -0.513  1.00 15.25 ? 78  ARG A CD  1 
ATOM   618  N NE  . ARG A 1 80  ? 2.642   -12.911 0.057   1.00 17.95 ? 78  ARG A NE  1 
ATOM   619  C CZ  . ARG A 1 80  ? 2.297   -13.308 1.277   1.00 20.33 ? 78  ARG A CZ  1 
ATOM   620  N NH1 . ARG A 1 80  ? 1.584   -12.507 2.057   1.00 17.23 ? 78  ARG A NH1 1 
ATOM   621  N NH2 . ARG A 1 80  ? 2.669   -14.501 1.721   1.00 18.43 ? 78  ARG A NH2 1 
ATOM   622  N N   . ALA A 1 81  ? 6.076   -12.211 -3.654  1.00 19.50 ? 79  ALA A N   1 
ATOM   623  C CA  . ALA A 1 81  ? 7.482   -12.008 -3.331  1.00 18.84 ? 79  ALA A CA  1 
ATOM   624  C C   . ALA A 1 81  ? 8.121   -11.024 -4.299  1.00 21.84 ? 79  ALA A C   1 
ATOM   625  O O   . ALA A 1 81  ? 8.810   -10.081 -3.881  1.00 18.35 ? 79  ALA A O   1 
ATOM   626  C CB  . ALA A 1 81  ? 8.220   -13.344 -3.353  1.00 18.51 ? 79  ALA A CB  1 
ATOM   627  N N   . GLU A 1 82  ? 7.888   -11.219 -5.602  1.00 18.79 ? 80  GLU A N   1 
ATOM   628  C CA  . GLU A 1 82  ? 8.479   -10.315 -6.585  1.00 19.17 ? 80  GLU A CA  1 
ATOM   629  C C   . GLU A 1 82  ? 7.986   -8.884  -6.399  1.00 21.96 ? 80  GLU A C   1 
ATOM   630  O O   . GLU A 1 82  ? 8.760   -7.930  -6.544  1.00 21.93 ? 80  GLU A O   1 
ATOM   631  C CB  . GLU A 1 82  ? 8.184   -10.802 -8.001  1.00 23.78 ? 80  GLU A CB  1 
ATOM   632  C CG  . GLU A 1 82  ? 8.962   -10.049 -9.069  1.00 34.48 ? 80  GLU A CG  1 
ATOM   633  C CD  . GLU A 1 82  ? 8.339   -10.177 -10.440 1.00 37.74 ? 80  GLU A CD  1 
ATOM   634  O OE1 . GLU A 1 82  ? 7.462   -9.352  -10.775 1.00 40.44 ? 80  GLU A OE1 1 
ATOM   635  O OE2 . GLU A 1 82  ? 8.726   -11.102 -11.183 1.00 43.15 ? 80  GLU A OE2 1 
ATOM   636  N N   . LYS A 1 83  ? 6.701   -8.708  -6.080  1.00 19.03 ? 81  LYS A N   1 
ATOM   637  C CA  . LYS A 1 83  ? 6.180   -7.356  -5.877  1.00 19.22 ? 81  LYS A CA  1 
ATOM   638  C C   . LYS A 1 83  ? 6.776   -6.718  -4.626  1.00 19.05 ? 81  LYS A C   1 
ATOM   639  O O   . LYS A 1 83  ? 7.261   -5.582  -4.664  1.00 17.91 ? 81  LYS A O   1 
ATOM   640  C CB  . LYS A 1 83  ? 4.655   -7.379  -5.784  1.00 15.70 ? 81  LYS A CB  1 
ATOM   641  C CG  . LYS A 1 83  ? 3.953   -7.851  -7.045  1.00 15.24 ? 81  LYS A CG  1 
ATOM   642  C CD  . LYS A 1 83  ? 4.381   -7.050  -8.261  1.00 16.22 ? 81  LYS A CD  1 
ATOM   643  C CE  . LYS A 1 83  ? 3.594   -7.480  -9.490  1.00 17.54 ? 81  LYS A CE  1 
ATOM   644  N NZ  . LYS A 1 83  ? 4.135   -6.899  -10.747 1.00 17.68 ? 81  LYS A NZ  1 
ATOM   645  N N   . VAL A 1 84  ? 6.749   -7.441  -3.505  1.00 15.86 ? 82  VAL A N   1 
ATOM   646  C CA  . VAL A 1 84  ? 7.196   -6.885  -2.234  1.00 15.82 ? 82  VAL A CA  1 
ATOM   647  C C   . VAL A 1 84  ? 8.684   -6.565  -2.273  1.00 15.34 ? 82  VAL A C   1 
ATOM   648  O O   . VAL A 1 84  ? 9.142   -5.629  -1.607  1.00 16.33 ? 82  VAL A O   1 
ATOM   649  C CB  . VAL A 1 84  ? 6.835   -7.855  -1.089  1.00 15.16 ? 82  VAL A CB  1 
ATOM   650  C CG1 . VAL A 1 84  ? 7.482   -7.433  0.216   1.00 15.54 ? 82  VAL A CG1 1 
ATOM   651  C CG2 . VAL A 1 84  ? 5.325   -7.929  -0.928  1.00 18.70 ? 82  VAL A CG2 1 
ATOM   652  N N   . GLN A 1 85  ? 9.459   -7.300  -3.077  1.00 19.53 ? 83  GLN A N   1 
ATOM   653  C CA  . GLN A 1 85  ? 10.880  -6.985  -3.195  1.00 18.43 ? 83  GLN A CA  1 
ATOM   654  C C   . GLN A 1 85  ? 11.122  -5.605  -3.799  1.00 20.30 ? 83  GLN A C   1 
ATOM   655  O O   . GLN A 1 85  ? 12.218  -5.058  -3.644  1.00 19.63 ? 83  GLN A O   1 
ATOM   656  C CB  . GLN A 1 85  ? 11.592  -8.057  -4.026  1.00 17.59 ? 83  GLN A CB  1 
ATOM   657  C CG  . GLN A 1 85  ? 11.885  -9.329  -3.249  1.00 18.97 ? 83  GLN A CG  1 
ATOM   658  C CD  . GLN A 1 85  ? 12.101  -10.532 -4.146  1.00 24.01 ? 83  GLN A CD  1 
ATOM   659  O OE1 . GLN A 1 85  ? 11.815  -10.490 -5.345  1.00 25.45 ? 83  GLN A OE1 1 
ATOM   660  N NE2 . GLN A 1 85  ? 12.604  -11.616 -3.567  1.00 22.25 ? 83  GLN A NE2 1 
ATOM   661  N N   . GLN A 1 86  ? 10.133  -5.023  -4.472  1.00 18.75 ? 84  GLN A N   1 
ATOM   662  C CA  . GLN A 1 86  ? 10.262  -3.692  -5.046  1.00 18.15 ? 84  GLN A CA  1 
ATOM   663  C C   . GLN A 1 86  ? 9.641   -2.612  -4.168  1.00 20.29 ? 84  GLN A C   1 
ATOM   664  O O   . GLN A 1 86  ? 9.516   -1.466  -4.609  1.00 21.53 ? 84  GLN A O   1 
ATOM   665  C CB  . GLN A 1 86  ? 9.640   -3.658  -6.443  1.00 19.77 ? 84  GLN A CB  1 
ATOM   666  C CG  . GLN A 1 86  ? 10.160  -4.747  -7.373  1.00 18.67 ? 84  GLN A CG  1 
ATOM   667  C CD  . GLN A 1 86  ? 9.352   -4.856  -8.657  1.00 30.50 ? 84  GLN A CD  1 
ATOM   668  O OE1 . GLN A 1 86  ? 9.422   -3.983  -9.522  1.00 29.98 ? 84  GLN A OE1 1 
ATOM   669  N NE2 . GLN A 1 86  ? 8.582   -5.935  -8.787  1.00 20.16 ? 84  GLN A NE2 1 
ATOM   670  N N   . MET A 1 87  ? 9.258   -2.946  -2.942  1.00 18.73 ? 85  MET A N   1 
ATOM   671  C CA  . MET A 1 87  ? 8.625   -2.007  -2.029  1.00 17.41 ? 85  MET A CA  1 
ATOM   672  C C   . MET A 1 87  ? 9.606   -1.556  -0.955  1.00 20.60 ? 85  MET A C   1 
ATOM   673  O O   . MET A 1 87  ? 10.644  -2.181  -0.726  1.00 19.26 ? 85  MET A O   1 
ATOM   674  C CB  . MET A 1 87  ? 7.402   -2.645  -1.366  1.00 15.85 ? 85  MET A CB  1 
ATOM   675  C CG  . MET A 1 87  ? 6.334   -3.125  -2.327  1.00 14.31 ? 85  MET A CG  1 
ATOM   676  S SD  . MET A 1 87  ? 4.948   -3.838  -1.428  1.00 17.76 ? 85  MET A SD  1 
ATOM   677  C CE  . MET A 1 87  ? 3.904   -4.402  -2.778  1.00 14.91 ? 85  MET A CE  1 
ATOM   678  N N   . ASN A 1 88  ? 9.262   -0.454  -0.289  1.00 17.57 ? 86  ASN A N   1 
ATOM   679  C CA  . ASN A 1 88  ? 9.960   -0.101  0.936   1.00 20.41 ? 86  ASN A CA  1 
ATOM   680  C C   . ASN A 1 88  ? 9.340   -0.870  2.099   1.00 20.71 ? 86  ASN A C   1 
ATOM   681  O O   . ASN A 1 88  ? 8.377   -1.624  1.936   1.00 20.67 ? 86  ASN A O   1 
ATOM   682  C CB  . ASN A 1 88  ? 9.951   1.416   1.155   1.00 19.34 ? 86  ASN A CB  1 
ATOM   683  C CG  . ASN A 1 88  ? 8.555   1.986   1.390   1.00 17.94 ? 86  ASN A CG  1 
ATOM   684  O OD1 . ASN A 1 88  ? 7.795   1.500   2.224   1.00 19.07 ? 86  ASN A OD1 1 
ATOM   685  N ND2 . ASN A 1 88  ? 8.227   3.047   0.660   1.00 23.58 ? 86  ASN A ND2 1 
ATOM   686  N N   . GLN A 1 89  ? 9.893   -0.675  3.297   1.00 20.69 ? 87  GLN A N   1 
ATOM   687  C CA  . GLN A 1 89  ? 9.495   -1.499  4.435   1.00 22.49 ? 87  GLN A CA  1 
ATOM   688  C C   . GLN A 1 89  ? 8.039   -1.265  4.824   1.00 19.40 ? 87  GLN A C   1 
ATOM   689  O O   . GLN A 1 89  ? 7.317   -2.216  5.146   1.00 21.40 ? 87  GLN A O   1 
ATOM   690  C CB  . GLN A 1 89  ? 10.417  -1.226  5.622   1.00 24.60 ? 87  GLN A CB  1 
ATOM   691  C CG  . GLN A 1 89  ? 10.095  -2.052  6.850   1.00 33.85 ? 87  GLN A CG  1 
ATOM   692  C CD  . GLN A 1 89  ? 11.130  -1.894  7.943   1.00 40.25 ? 87  GLN A CD  1 
ATOM   693  O OE1 . GLN A 1 89  ? 11.918  -2.804  8.204   1.00 45.47 ? 87  GLN A OE1 1 
ATOM   694  N NE2 . GLN A 1 89  ? 11.137  -0.731  8.587   1.00 32.82 ? 87  GLN A NE2 1 
ATOM   695  N N   . ASP A 1 90  ? 7.590   -0.008  4.808   1.00 18.93 ? 88  ASP A N   1 
ATOM   696  C CA  . ASP A 1 90  ? 6.209   0.279   5.184   1.00 21.36 ? 88  ASP A CA  1 
ATOM   697  C C   . ASP A 1 90  ? 5.233   -0.289  4.166   1.00 20.44 ? 88  ASP A C   1 
ATOM   698  O O   . ASP A 1 90  ? 4.211   -0.884  4.535   1.00 19.70 ? 88  ASP A O   1 
ATOM   699  C CB  . ASP A 1 90  ? 6.009   1.787   5.330   1.00 22.45 ? 88  ASP A CB  1 
ATOM   700  C CG  . ASP A 1 90  ? 6.708   2.347   6.546   1.00 26.67 ? 88  ASP A CG  1 
ATOM   701  O OD1 . ASP A 1 90  ? 6.551   1.765   7.640   1.00 25.05 ? 88  ASP A OD1 1 
ATOM   702  O OD2 . ASP A 1 90  ? 7.420   3.361   6.405   1.00 27.35 ? 88  ASP A OD2 1 
ATOM   703  N N   . GLN A 1 91  ? 5.529   -0.099  2.879   1.00 16.96 ? 89  GLN A N   1 
ATOM   704  C CA  . GLN A 1 91  ? 4.709   -0.690  1.828   1.00 20.21 ? 89  GLN A CA  1 
ATOM   705  C C   . GLN A 1 91  ? 4.643   -2.203  1.973   1.00 20.32 ? 89  GLN A C   1 
ATOM   706  O O   . GLN A 1 91  ? 3.565   -2.798  1.855   1.00 16.33 ? 89  GLN A O   1 
ATOM   707  C CB  . GLN A 1 91  ? 5.272   -0.308  0.461   1.00 16.57 ? 89  GLN A CB  1 
ATOM   708  C CG  . GLN A 1 91  ? 5.180   1.171   0.133   1.00 19.27 ? 89  GLN A CG  1 
ATOM   709  C CD  . GLN A 1 91  ? 5.887   1.508   -1.164  1.00 20.90 ? 89  GLN A CD  1 
ATOM   710  O OE1 . GLN A 1 91  ? 6.921   0.923   -1.483  1.00 19.84 ? 89  GLN A OE1 1 
ATOM   711  N NE2 . GLN A 1 91  ? 5.331   2.449   -1.919  1.00 20.83 ? 89  GLN A NE2 1 
ATOM   712  N N   . ALA A 1 92  ? 5.788   -2.839  2.234   1.00 16.48 ? 90  ALA A N   1 
ATOM   713  C CA  . ALA A 1 92  ? 5.828   -4.289  2.390   1.00 17.36 ? 90  ALA A CA  1 
ATOM   714  C C   . ALA A 1 92  ? 4.981   -4.739  3.573   1.00 17.62 ? 90  ALA A C   1 
ATOM   715  O O   . ALA A 1 92  ? 4.205   -5.696  3.468   1.00 17.09 ? 90  ALA A O   1 
ATOM   716  C CB  . ALA A 1 92  ? 7.277   -4.751  2.559   1.00 15.57 ? 90  ALA A CB  1 
ATOM   717  N N   . GLU A 1 93  ? 5.123   -4.058  4.714   1.00 18.62 ? 91  GLU A N   1 
ATOM   718  C CA  . GLU A 1 93  ? 4.347   -4.416  5.897   1.00 17.71 ? 91  GLU A CA  1 
ATOM   719  C C   . GLU A 1 93  ? 2.852   -4.268  5.643   1.00 18.05 ? 91  GLU A C   1 
ATOM   720  O O   . GLU A 1 93  ? 2.058   -5.124  6.050   1.00 17.92 ? 91  GLU A O   1 
ATOM   721  C CB  . GLU A 1 93  ? 4.775   -3.556  7.089   1.00 17.98 ? 91  GLU A CB  1 
ATOM   722  C CG  . GLU A 1 93  ? 6.096   -3.981  7.724   1.00 22.20 ? 91  GLU A CG  1 
ATOM   723  C CD  . GLU A 1 93  ? 6.472   -3.130  8.924   1.00 29.58 ? 91  GLU A CD  1 
ATOM   724  O OE1 . GLU A 1 93  ? 5.615   -2.356  9.397   1.00 28.19 ? 91  GLU A OE1 1 
ATOM   725  O OE2 . GLU A 1 93  ? 7.626   -3.232  9.394   1.00 26.13 ? 91  GLU A OE2 1 
ATOM   726  N N   . MET A 1 94  ? 2.447   -3.194  4.964   1.00 16.18 ? 92  MET A N   1 
ATOM   727  C CA  . MET A 1 94  ? 1.022   -2.995  4.716   1.00 18.25 ? 92  MET A CA  1 
ATOM   728  C C   . MET A 1 94  ? 0.483   -4.009  3.713   1.00 17.82 ? 92  MET A C   1 
ATOM   729  O O   . MET A 1 94  ? -0.639  -4.505  3.869   1.00 21.57 ? 92  MET A O   1 
ATOM   730  C CB  . MET A 1 94  ? 0.770   -1.565  4.243   1.00 13.88 ? 92  MET A CB  1 
ATOM   731  C CG  . MET A 1 94  ? 0.976   -0.533  5.344   1.00 17.40 ? 92  MET A CG  1 
ATOM   732  S SD  . MET A 1 94  ? -0.031  -0.885  6.802   1.00 19.93 ? 92  MET A SD  1 
ATOM   733  C CE  . MET A 1 94  ? -1.637  -0.352  6.217   1.00 17.48 ? 92  MET A CE  1 
ATOM   734  N N   . ALA A 1 95  ? 1.269   -4.347  2.689   1.00 17.46 ? 93  ALA A N   1 
ATOM   735  C CA  . ALA A 1 95  ? 0.802   -5.305  1.691   1.00 17.77 ? 93  ALA A CA  1 
ATOM   736  C C   . ALA A 1 95  ? 0.765   -6.719  2.248   1.00 18.50 ? 93  ALA A C   1 
ATOM   737  O O   . ALA A 1 95  ? -0.064  -7.535  1.824   1.00 17.11 ? 93  ALA A O   1 
ATOM   738  C CB  . ALA A 1 95  ? 1.701   -5.259  0.457   1.00 13.89 ? 93  ALA A CB  1 
ATOM   739  N N   . CYS A 1 96  ? 1.645   -7.023  3.192   1.00 17.97 ? 94  CYS A N   1 
ATOM   740  C CA  . CYS A 1 96  ? 1.815   -8.377  3.678   1.00 17.43 ? 94  CYS A CA  1 
ATOM   741  C C   . CYS A 1 96  ? 0.953   -8.667  4.900   1.00 19.20 ? 94  CYS A C   1 
ATOM   742  O O   . CYS A 1 96  ? 0.890   -9.823  5.331   1.00 17.59 ? 94  CYS A O   1 
ATOM   743  C CB  . CYS A 1 96  ? 3.294   -8.608  4.003   1.00 17.58 ? 94  CYS A CB  1 
ATOM   744  S SG  . CYS A 1 96  ? 4.314   -8.875  2.520   1.00 18.83 ? 94  CYS A SG  1 
ATOM   745  N N   . ASP A 1 97  ? 0.302   -7.637  5.462   1.00 18.13 ? 95  ASP A N   1 
ATOM   746  C CA  . ASP A 1 97  ? -0.617  -7.693  6.597   1.00 20.14 ? 95  ASP A CA  1 
ATOM   747  C C   . ASP A 1 97  ? -1.466  -8.955  6.528   1.00 21.42 ? 95  ASP A C   1 
ATOM   748  O O   . ASP A 1 97  ? -2.306  -9.091  5.630   1.00 20.31 ? 95  ASP A O   1 
ATOM   749  C CB  . ASP A 1 97  ? -1.506  -6.443  6.615   1.00 22.05 ? 95  ASP A CB  1 
ATOM   750  C CG  . ASP A 1 97  ? -2.346  -6.318  7.886   1.00 27.52 ? 95  ASP A CG  1 
ATOM   751  O OD1 . ASP A 1 97  ? -2.345  -7.245  8.724   1.00 25.27 ? 95  ASP A OD1 1 
ATOM   752  O OD2 . ASP A 1 97  ? -3.013  -5.272  8.046   1.00 31.01 ? 95  ASP A OD2 1 
ATOM   753  N N   . PRO A 1 98  ? -1.266  -9.905  7.448   1.00 21.65 ? 96  PRO A N   1 
ATOM   754  C CA  . PRO A 1 98  ? -2.051  -11.148 7.408   1.00 19.07 ? 96  PRO A CA  1 
ATOM   755  C C   . PRO A 1 98  ? -3.512  -10.947 7.763   1.00 22.56 ? 96  PRO A C   1 
ATOM   756  O O   . PRO A 1 98  ? -4.298  -11.896 7.637   1.00 20.49 ? 96  PRO A O   1 
ATOM   757  C CB  . PRO A 1 98  ? -1.344  -12.041 8.433   1.00 19.86 ? 96  PRO A CB  1 
ATOM   758  C CG  . PRO A 1 98  ? -0.740  -11.076 9.400   1.00 26.48 ? 96  PRO A CG  1 
ATOM   759  C CD  . PRO A 1 98  ? -0.343  -9.865  8.596   1.00 22.15 ? 96  PRO A CD  1 
ATOM   760  N N   . SER A 1 99  ? -3.891  -9.751  8.216   1.00 20.05 ? 97  SER A N   1 
ATOM   761  C CA  . SER A 1 99  ? -5.282  -9.360  8.387   1.00 26.85 ? 97  SER A CA  1 
ATOM   762  C C   . SER A 1 99  ? -5.675  -8.251  7.415   1.00 23.37 ? 97  SER A C   1 
ATOM   763  O O   . SER A 1 99  ? -6.672  -7.559  7.637   1.00 22.81 ? 97  SER A O   1 
ATOM   764  C CB  . SER A 1 99  ? -5.541  -8.926  9.830   1.00 26.48 ? 97  SER A CB  1 
ATOM   765  O OG  . SER A 1 99  ? -5.578  -10.052 10.689  1.00 29.45 ? 97  SER A OG  1 
ATOM   766  N N   . GLY A 1 100 ? -4.900  -8.064  6.349   1.00 22.70 ? 98  GLY A N   1 
ATOM   767  C CA  . GLY A 1 100 ? -5.167  -7.037  5.366   1.00 23.22 ? 98  GLY A CA  1 
ATOM   768  C C   . GLY A 1 100 ? -5.980  -7.553  4.194   1.00 21.42 ? 98  GLY A C   1 
ATOM   769  O O   . GLY A 1 100 ? -6.456  -8.689  4.173   1.00 22.07 ? 98  GLY A O   1 
ATOM   770  N N   . LEU A 1 101 ? -6.135  -6.686  3.195   1.00 22.08 ? 99  LEU A N   1 
ATOM   771  C CA  . LEU A 1 101 ? -6.973  -6.991  2.042   1.00 23.66 ? 99  LEU A CA  1 
ATOM   772  C C   . LEU A 1 101 ? -6.325  -7.963  1.065   1.00 25.42 ? 99  LEU A C   1 
ATOM   773  O O   . LEU A 1 101 ? -7.027  -8.518  0.213   1.00 23.87 ? 99  LEU A O   1 
ATOM   774  C CB  . LEU A 1 101 ? -7.323  -5.703  1.292   1.00 23.18 ? 99  LEU A CB  1 
ATOM   775  C CG  . LEU A 1 101 ? -8.720  -5.110  1.470   1.00 29.00 ? 99  LEU A CG  1 
ATOM   776  C CD1 . LEU A 1 101 ? -8.953  -4.017  0.437   1.00 24.87 ? 99  LEU A CD1 1 
ATOM   777  C CD2 . LEU A 1 101 ? -9.793  -6.185  1.374   1.00 24.56 ? 99  LEU A CD2 1 
ATOM   778  N N   . LEU A 1 102 ? -5.015  -8.177  1.158   1.00 17.60 ? 100 LEU A N   1 
ATOM   779  C CA  . LEU A 1 102 ? -4.257  -8.880  0.129   1.00 16.95 ? 100 LEU A CA  1 
ATOM   780  C C   . LEU A 1 102 ? -3.787  -10.256 0.596   1.00 21.72 ? 100 LEU A C   1 
ATOM   781  O O   . LEU A 1 102 ? -2.702  -10.713 0.235   1.00 19.07 ? 100 LEU A O   1 
ATOM   782  C CB  . LEU A 1 102 ? -3.066  -8.038  -0.323  1.00 14.34 ? 100 LEU A CB  1 
ATOM   783  C CG  . LEU A 1 102 ? -3.286  -6.532  -0.515  1.00 17.18 ? 100 LEU A CG  1 
ATOM   784  C CD1 . LEU A 1 102 ? -2.027  -5.873  -1.063  1.00 16.15 ? 100 LEU A CD1 1 
ATOM   785  C CD2 . LEU A 1 102 ? -4.474  -6.249  -1.424  1.00 18.24 ? 100 LEU A CD2 1 
ATOM   786  N N   . THR A 1 103 ? -4.609  -10.945 1.387   1.00 21.76 ? 101 THR A N   1 
ATOM   787  C CA  . THR A 1 103 ? -4.232  -12.248 1.920   1.00 22.11 ? 101 THR A CA  1 
ATOM   788  C C   . THR A 1 103 ? -4.627  -13.409 1.016   1.00 24.37 ? 101 THR A C   1 
ATOM   789  O O   . THR A 1 103 ? -4.217  -14.544 1.284   1.00 25.57 ? 101 THR A O   1 
ATOM   790  C CB  . THR A 1 103 ? -4.853  -12.459 3.305   1.00 19.19 ? 101 THR A CB  1 
ATOM   791  O OG1 . THR A 1 103 ? -6.280  -12.378 3.207   1.00 22.50 ? 101 THR A OG1 1 
ATOM   792  C CG2 . THR A 1 103 ? -4.359  -11.398 4.274   1.00 19.94 ? 101 THR A CG2 1 
ATOM   793  N N   . ALA A 1 104 ? -5.401  -13.165 -0.037  1.00 24.64 ? 102 ALA A N   1 
ATOM   794  C CA  . ALA A 1 104 ? -5.826  -14.220 -0.944  1.00 21.64 ? 102 ALA A CA  1 
ATOM   795  C C   . ALA A 1 104 ? -4.910  -14.276 -2.159  1.00 29.99 ? 102 ALA A C   1 
ATOM   796  O O   . ALA A 1 104 ? -4.445  -13.242 -2.651  1.00 24.38 ? 102 ALA A O   1 
ATOM   797  C CB  . ALA A 1 104 ? -7.273  -14.010 -1.390  1.00 24.73 ? 102 ALA A CB  1 
ATOM   798  N N   . ALA A 1 105 ? -4.655  -15.496 -2.637  1.00 24.42 ? 103 ALA A N   1 
ATOM   799  C CA  . ALA A 1 105 ? -3.849  -15.677 -3.838  1.00 23.61 ? 103 ALA A CA  1 
ATOM   800  C C   . ALA A 1 105 ? -4.500  -15.025 -5.049  1.00 28.71 ? 103 ALA A C   1 
ATOM   801  O O   . ALA A 1 105 ? -3.800  -14.586 -5.975  1.00 30.85 ? 103 ALA A O   1 
ATOM   802  C CB  . ALA A 1 105 ? -3.630  -17.169 -4.092  1.00 28.59 ? 103 ALA A CB  1 
ATOM   803  N N   . LYS A 1 106 ? -5.834  -14.950 -5.046  1.00 29.81 ? 104 LYS A N   1 
ATOM   804  C CA  . LYS A 1 106 ? -6.580  -14.400 -6.174  1.00 29.96 ? 104 LYS A CA  1 
ATOM   805  C C   . LYS A 1 106 ? -6.146  -12.976 -6.495  1.00 26.26 ? 104 LYS A C   1 
ATOM   806  O O   . LYS A 1 106 ? -5.982  -12.621 -7.667  1.00 30.06 ? 104 LYS A O   1 
ATOM   807  C CB  . LYS A 1 106 ? -8.078  -14.449 -5.868  1.00 32.13 ? 104 LYS A CB  1 
ATOM   808  C CG  . LYS A 1 106 ? -8.964  -13.753 -6.885  1.00 41.27 ? 104 LYS A CG  1 
ATOM   809  C CD  . LYS A 1 106 ? -10.295 -13.350 -6.263  1.00 46.68 ? 104 LYS A CD  1 
ATOM   810  C CE  . LYS A 1 106 ? -11.209 -12.688 -7.284  1.00 51.39 ? 104 LYS A CE  1 
ATOM   811  N NZ  . LYS A 1 106 ? -12.469 -12.193 -6.668  1.00 47.94 ? 104 LYS A NZ  1 
ATOM   812  N N   . PHE A 1 107 ? -5.958  -12.141 -5.469  1.00 25.07 ? 105 PHE A N   1 
ATOM   813  C CA  . PHE A 1 107 ? -5.584  -10.754 -5.723  1.00 23.47 ? 105 PHE A CA  1 
ATOM   814  C C   . PHE A 1 107 ? -4.249  -10.672 -6.447  1.00 19.33 ? 105 PHE A C   1 
ATOM   815  O O   . PHE A 1 107 ? -4.106  -9.941  -7.433  1.00 21.78 ? 105 PHE A O   1 
ATOM   816  C CB  . PHE A 1 107 ? -5.520  -9.958  -4.420  1.00 20.14 ? 105 PHE A CB  1 
ATOM   817  C CG  . PHE A 1 107 ? -4.894  -8.599  -4.590  1.00 22.01 ? 105 PHE A CG  1 
ATOM   818  C CD1 . PHE A 1 107 ? -5.659  -7.518  -4.995  1.00 18.98 ? 105 PHE A CD1 1 
ATOM   819  C CD2 . PHE A 1 107 ? -3.532  -8.413  -4.390  1.00 18.05 ? 105 PHE A CD2 1 
ATOM   820  C CE1 . PHE A 1 107 ? -5.087  -6.275  -5.175  1.00 17.19 ? 105 PHE A CE1 1 
ATOM   821  C CE2 . PHE A 1 107 ? -2.956  -7.170  -4.574  1.00 16.48 ? 105 PHE A CE2 1 
ATOM   822  C CZ  . PHE A 1 107 ? -3.735  -6.102  -4.965  1.00 18.35 ? 105 PHE A CZ  1 
ATOM   823  N N   . TRP A 1 108 ? -3.250  -11.406 -5.956  1.00 18.90 ? 106 TRP A N   1 
ATOM   824  C CA  . TRP A 1 108 ? -1.924  -11.325 -6.548  1.00 20.30 ? 106 TRP A CA  1 
ATOM   825  C C   . TRP A 1 108 ? -1.900  -11.921 -7.946  1.00 24.06 ? 106 TRP A C   1 
ATOM   826  O O   . TRP A 1 108 ? -1.165  -11.429 -8.810  1.00 20.85 ? 106 TRP A O   1 
ATOM   827  C CB  . TRP A 1 108 ? -0.908  -12.014 -5.638  1.00 19.70 ? 106 TRP A CB  1 
ATOM   828  C CG  . TRP A 1 108 ? -0.806  -11.337 -4.310  1.00 18.63 ? 106 TRP A CG  1 
ATOM   829  C CD1 . TRP A 1 108 ? -1.451  -11.686 -3.159  1.00 15.61 ? 106 TRP A CD1 1 
ATOM   830  C CD2 . TRP A 1 108 ? -0.041  -10.168 -4.003  1.00 16.62 ? 106 TRP A CD2 1 
ATOM   831  N NE1 . TRP A 1 108 ? -1.122  -10.814 -2.151  1.00 18.11 ? 106 TRP A NE1 1 
ATOM   832  C CE2 . TRP A 1 108 ? -0.258  -9.872  -2.643  1.00 16.80 ? 106 TRP A CE2 1 
ATOM   833  C CE3 . TRP A 1 108 ? 0.813   -9.346  -4.748  1.00 13.77 ? 106 TRP A CE3 1 
ATOM   834  C CZ2 . TRP A 1 108 ? 0.350   -8.790  -2.009  1.00 15.69 ? 106 TRP A CZ2 1 
ATOM   835  C CZ3 . TRP A 1 108 ? 1.415   -8.273  -4.117  1.00 17.34 ? 106 TRP A CZ3 1 
ATOM   836  C CH2 . TRP A 1 108 ? 1.181   -8.005  -2.760  1.00 14.82 ? 106 TRP A CH2 1 
ATOM   837  N N   . ILE A 1 109 ? -2.696  -12.962 -8.195  1.00 23.54 ? 107 ILE A N   1 
ATOM   838  C CA  . ILE A 1 109 ? -2.748  -13.526 -9.541  1.00 26.47 ? 107 ILE A CA  1 
ATOM   839  C C   . ILE A 1 109 ? -3.399  -12.541 -10.504 1.00 25.50 ? 107 ILE A C   1 
ATOM   840  O O   . ILE A 1 109 ? -2.866  -12.260 -11.584 1.00 26.33 ? 107 ILE A O   1 
ATOM   841  C CB  . ILE A 1 109 ? -3.484  -14.878 -9.537  1.00 31.88 ? 107 ILE A CB  1 
ATOM   842  C CG1 . ILE A 1 109 ? -2.673  -15.929 -8.777  1.00 28.62 ? 107 ILE A CG1 1 
ATOM   843  C CG2 . ILE A 1 109 ? -3.746  -15.339 -10.966 1.00 26.50 ? 107 ILE A CG2 1 
ATOM   844  C CD1 . ILE A 1 109 ? -3.346  -17.280 -8.712  1.00 28.39 ? 107 ILE A CD1 1 
ATOM   845  N N   . GLU A 1 110 ? -4.550  -11.985 -10.124 1.00 22.40 ? 108 GLU A N   1 
ATOM   846  C CA  . GLU A 1 110 ? -5.292  -11.132 -11.043 1.00 27.42 ? 108 GLU A CA  1 
ATOM   847  C C   . GLU A 1 110 ? -4.671  -9.752  -11.218 1.00 28.93 ? 108 GLU A C   1 
ATOM   848  O O   . GLU A 1 110 ? -4.976  -9.074  -12.205 1.00 25.90 ? 108 GLU A O   1 
ATOM   849  C CB  . GLU A 1 110 ? -6.747  -11.006 -10.578 1.00 29.47 ? 108 GLU A CB  1 
ATOM   850  C CG  . GLU A 1 110 ? -7.440  -12.354 -10.404 1.00 38.62 ? 108 GLU A CG  1 
ATOM   851  C CD  . GLU A 1 110 ? -8.914  -12.233 -10.069 1.00 47.76 ? 108 GLU A CD  1 
ATOM   852  O OE1 . GLU A 1 110 ? -9.638  -13.243 -10.209 1.00 53.10 ? 108 GLU A OE1 1 
ATOM   853  O OE2 . GLU A 1 110 ? -9.350  -11.131 -9.670  1.00 52.83 ? 108 GLU A OE2 1 
ATOM   854  N N   . ASN A 1 111 ? -3.800  -9.324  -10.303 1.00 22.33 ? 109 ASN A N   1 
ATOM   855  C CA  . ASN A 1 111 ? -3.151  -8.022  -10.401 1.00 20.68 ? 109 ASN A CA  1 
ATOM   856  C C   . ASN A 1 111 ? -1.643  -8.160  -10.590 1.00 20.55 ? 109 ASN A C   1 
ATOM   857  O O   . ASN A 1 111 ? -0.879  -7.252  -10.250 1.00 20.68 ? 109 ASN A O   1 
ATOM   858  C CB  . ASN A 1 111 ? -3.469  -7.173  -9.171  1.00 21.37 ? 109 ASN A CB  1 
ATOM   859  C CG  . ASN A 1 111 ? -4.932  -6.775  -9.106  1.00 23.06 ? 109 ASN A CG  1 
ATOM   860  O OD1 . ASN A 1 111 ? -5.375  -5.876  -9.821  1.00 21.45 ? 109 ASN A OD1 1 
ATOM   861  N ND2 . ASN A 1 111 ? -5.692  -7.450  -8.252  1.00 23.61 ? 109 ASN A ND2 1 
ATOM   862  N N   . ARG A 1 112 ? -1.207  -9.283  -11.163 1.00 22.07 ? 110 ARG A N   1 
ATOM   863  C CA  . ARG A 1 112 ? 0.210   -9.625  -11.216 1.00 20.94 ? 110 ARG A CA  1 
ATOM   864  C C   . ARG A 1 112 ? 1.019   -8.719  -12.136 1.00 22.22 ? 110 ARG A C   1 
ATOM   865  O O   . ARG A 1 112 ? 2.252   -8.751  -12.069 1.00 19.29 ? 110 ARG A O   1 
ATOM   866  C CB  . ARG A 1 112 ? 0.377   -11.079 -11.658 1.00 24.67 ? 110 ARG A CB  1 
ATOM   867  C CG  . ARG A 1 112 ? -0.080  -11.350 -13.080 1.00 23.35 ? 110 ARG A CG  1 
ATOM   868  C CD  . ARG A 1 112 ? 0.018   -12.832 -13.413 1.00 27.90 ? 110 ARG A CD  1 
ATOM   869  N NE  . ARG A 1 112 ? -0.521  -13.133 -14.736 1.00 28.76 ? 110 ARG A NE  1 
ATOM   870  C CZ  . ARG A 1 112 ? -1.812  -13.328 -14.991 1.00 33.70 ? 110 ARG A CZ  1 
ATOM   871  N NH1 . ARG A 1 112 ? -2.702  -13.259 -14.012 1.00 30.85 ? 110 ARG A NH1 1 
ATOM   872  N NH2 . ARG A 1 112 ? -2.214  -13.593 -16.226 1.00 43.54 ? 110 ARG A NH2 1 
ATOM   873  N N   . ASN A 1 113 ? 0.376   -7.925  -12.991 1.00 18.49 ? 111 ASN A N   1 
ATOM   874  C CA  . ASN A 1 113 ? 1.106   -7.031  -13.881 1.00 20.12 ? 111 ASN A CA  1 
ATOM   875  C C   . ASN A 1 113 ? 1.163   -5.599  -13.373 1.00 19.15 ? 111 ASN A C   1 
ATOM   876  O O   . ASN A 1 113 ? 1.893   -4.782  -13.947 1.00 17.36 ? 111 ASN A O   1 
ATOM   877  C CB  . ASN A 1 113 ? 0.485   -7.048  -15.279 1.00 21.43 ? 111 ASN A CB  1 
ATOM   878  C CG  . ASN A 1 113 ? 0.785   -8.328  -16.029 1.00 26.90 ? 111 ASN A CG  1 
ATOM   879  O OD1 . ASN A 1 113 ? 1.879   -8.887  -15.922 1.00 23.15 ? 111 ASN A OD1 1 
ATOM   880  N ND2 . ASN A 1 113 ? -0.190  -8.804  -16.795 1.00 34.76 ? 111 ASN A ND2 1 
ATOM   881  N N   . ASP A 1 114 ? 0.409   -5.277  -12.323 1.00 19.62 ? 112 ASP A N   1 
ATOM   882  C CA  . ASP A 1 114 ? 0.473   -3.946  -11.737 1.00 16.81 ? 112 ASP A CA  1 
ATOM   883  C C   . ASP A 1 114 ? 1.805   -3.732  -11.032 1.00 18.67 ? 112 ASP A C   1 
ATOM   884  O O   . ASP A 1 114 ? 2.435   -4.666  -10.534 1.00 20.24 ? 112 ASP A O   1 
ATOM   885  C CB  . ASP A 1 114 ? -0.678  -3.726  -10.750 1.00 20.19 ? 112 ASP A CB  1 
ATOM   886  C CG  . ASP A 1 114 ? -1.854  -2.998  -11.375 1.00 23.59 ? 112 ASP A CG  1 
ATOM   887  O OD1 . ASP A 1 114 ? -1.722  -1.783  -11.629 1.00 21.96 ? 112 ASP A OD1 1 
ATOM   888  O OD2 . ASP A 1 114 ? -2.912  -3.626  -11.596 1.00 27.87 ? 112 ASP A OD2 1 
ATOM   889  N N   . SER A 1 115 ? 2.239   -2.480  -11.009 1.00 18.03 ? 113 SER A N   1 
ATOM   890  C CA  . SER A 1 115 ? 3.456   -2.117  -10.303 1.00 16.33 ? 113 SER A CA  1 
ATOM   891  C C   . SER A 1 115 ? 3.308   -2.373  -8.806  1.00 18.63 ? 113 SER A C   1 
ATOM   892  O O   . SER A 1 115 ? 2.214   -2.319  -8.251  1.00 15.90 ? 113 SER A O   1 
ATOM   893  C CB  . SER A 1 115 ? 3.791   -0.644  -10.569 1.00 18.47 ? 113 SER A CB  1 
ATOM   894  O OG  . SER A 1 115 ? 3.289   0.213   -9.562  1.00 18.79 ? 113 SER A OG  1 
ATOM   895  N N   . ALA A 1 116 ? 4.430   -2.690  -8.156  1.00 17.63 ? 114 ALA A N   1 
ATOM   896  C CA  . ALA A 1 116 ? 4.428   -2.835  -6.699  1.00 17.39 ? 114 ALA A CA  1 
ATOM   897  C C   . ALA A 1 116 ? 3.980   -1.548  -6.022  1.00 15.58 ? 114 ALA A C   1 
ATOM   898  O O   . ALA A 1 116 ? 3.284   -1.583  -4.996  1.00 16.63 ? 114 ALA A O   1 
ATOM   899  C CB  . ALA A 1 116 ? 5.822   -3.233  -6.198  1.00 17.51 ? 114 ALA A CB  1 
ATOM   900  N N   . GLN A 1 117 ? 4.374   -0.401  -6.585  1.00 16.18 ? 115 GLN A N   1 
ATOM   901  C CA  . GLN A 1 117 ? 3.982   0.890   -6.029  1.00 18.32 ? 115 GLN A CA  1 
ATOM   902  C C   . GLN A 1 117 ? 2.470   1.076   -6.060  1.00 18.52 ? 115 GLN A C   1 
ATOM   903  O O   . GLN A 1 117 ? 1.882   1.569   -5.092  1.00 17.08 ? 115 GLN A O   1 
ATOM   904  C CB  . GLN A 1 117 ? 4.681   2.019   -6.789  1.00 17.34 ? 115 GLN A CB  1 
ATOM   905  C CG  . GLN A 1 117 ? 4.321   3.425   -6.314  1.00 26.62 ? 115 GLN A CG  1 
ATOM   906  C CD  . GLN A 1 117 ? 4.892   3.756   -4.946  1.00 31.91 ? 115 GLN A CD  1 
ATOM   907  O OE1 . GLN A 1 117 ? 6.006   3.352   -4.605  1.00 24.77 ? 115 GLN A OE1 1 
ATOM   908  N NE2 . GLN A 1 117 ? 4.128   4.500   -4.153  1.00 35.46 ? 115 GLN A NE2 1 
ATOM   909  N N   . GLU A 1 118 ? 1.817   0.680   -7.157  1.00 15.97 ? 116 GLU A N   1 
ATOM   910  C CA  . GLU A 1 118 ? 0.364   0.820   -7.237  1.00 17.26 ? 116 GLU A CA  1 
ATOM   911  C C   . GLU A 1 118 ? -0.335  -0.052  -6.199  1.00 17.23 ? 116 GLU A C   1 
ATOM   912  O O   . GLU A 1 118 ? -1.275  0.399   -5.535  1.00 17.79 ? 116 GLU A O   1 
ATOM   913  C CB  . GLU A 1 118 ? -0.128  0.472   -8.643  1.00 16.24 ? 116 GLU A CB  1 
ATOM   914  C CG  . GLU A 1 118 ? 0.227   1.497   -9.712  1.00 19.61 ? 116 GLU A CG  1 
ATOM   915  C CD  . GLU A 1 118 ? -0.683  2.714   -9.706  1.00 22.52 ? 116 GLU A CD  1 
ATOM   916  O OE1 . GLU A 1 118 ? -1.820  2.627   -9.190  1.00 19.76 ? 116 GLU A OE1 1 
ATOM   917  O OE2 . GLU A 1 118 ? -0.257  3.767   -10.224 1.00 31.12 ? 116 GLU A OE2 1 
ATOM   918  N N   . ILE A 1 119 ? 0.122   -1.295  -6.032  1.00 14.91 ? 117 ILE A N   1 
ATOM   919  C CA  . ILE A 1 119 ? -0.503  -2.213  -5.078  1.00 15.09 ? 117 ILE A CA  1 
ATOM   920  C C   . ILE A 1 119 ? -0.356  -1.685  -3.654  1.00 16.82 ? 117 ILE A C   1 
ATOM   921  O O   . ILE A 1 119 ? -1.331  -1.608  -2.883  1.00 22.30 ? 117 ILE A O   1 
ATOM   922  C CB  . ILE A 1 119 ? 0.109   -3.619  -5.228  1.00 14.63 ? 117 ILE A CB  1 
ATOM   923  C CG1 . ILE A 1 119 ? -0.173  -4.174  -6.627  1.00 15.23 ? 117 ILE A CG1 1 
ATOM   924  C CG2 . ILE A 1 119 ? -0.402  -4.558  -4.143  1.00 15.91 ? 117 ILE A CG2 1 
ATOM   925  C CD1 . ILE A 1 119 ? 0.548   -5.476  -6.942  1.00 16.20 ? 117 ILE A CD1 1 
ATOM   926  N N   . ALA A 1 120 ? 0.874   -1.312  -3.286  1.00 18.01 ? 118 ALA A N   1 
ATOM   927  C CA  . ALA A 1 120 ? 1.124   -0.808  -1.939  1.00 18.22 ? 118 ALA A CA  1 
ATOM   928  C C   . ALA A 1 120 ? 0.363   0.485   -1.679  1.00 16.11 ? 118 ALA A C   1 
ATOM   929  O O   . ALA A 1 120 ? -0.214  0.668   -0.597  1.00 20.79 ? 118 ALA A O   1 
ATOM   930  C CB  . ALA A 1 120 ? 2.620   -0.601  -1.730  1.00 18.00 ? 118 ALA A CB  1 
ATOM   931  N N   . GLY A 1 121 ? 0.354   1.400   -2.653  1.00 19.92 ? 119 GLY A N   1 
ATOM   932  C CA  . GLY A 1 121 ? -0.402  2.627   -2.490  1.00 18.64 ? 119 GLY A CA  1 
ATOM   933  C C   . GLY A 1 121 ? -1.884  2.369   -2.323  1.00 18.04 ? 119 GLY A C   1 
ATOM   934  O O   . GLY A 1 121 ? -2.550  3.031   -1.526  1.00 19.87 ? 119 GLY A O   1 
ATOM   935  N N   . PHE A 1 122 ? -2.418  1.395   -3.062  1.00 17.94 ? 120 PHE A N   1 
ATOM   936  C CA  . PHE A 1 122 ? -3.817  1.018   -2.899  1.00 16.65 ? 120 PHE A CA  1 
ATOM   937  C C   . PHE A 1 122 ? -4.108  0.641   -1.454  1.00 18.58 ? 120 PHE A C   1 
ATOM   938  O O   . PHE A 1 122 ? -5.008  1.206   -0.820  1.00 16.70 ? 120 PHE A O   1 
ATOM   939  C CB  . PHE A 1 122 ? -4.157  -0.136  -3.846  1.00 17.17 ? 120 PHE A CB  1 
ATOM   940  C CG  . PHE A 1 122 ? -5.392  -0.915  -3.458  1.00 17.81 ? 120 PHE A CG  1 
ATOM   941  C CD1 . PHE A 1 122 ? -6.594  -0.273  -3.196  1.00 16.64 ? 120 PHE A CD1 1 
ATOM   942  C CD2 . PHE A 1 122 ? -5.349  -2.299  -3.374  1.00 16.21 ? 120 PHE A CD2 1 
ATOM   943  C CE1 . PHE A 1 122 ? -7.726  -0.995  -2.849  1.00 15.36 ? 120 PHE A CE1 1 
ATOM   944  C CE2 . PHE A 1 122 ? -6.480  -3.027  -3.028  1.00 14.04 ? 120 PHE A CE2 1 
ATOM   945  C CZ  . PHE A 1 122 ? -7.667  -2.375  -2.766  1.00 16.45 ? 120 PHE A CZ  1 
ATOM   946  N N   . VAL A 1 123 ? -3.348  -0.312  -0.912  1.00 18.33 ? 121 VAL A N   1 
ATOM   947  C CA  . VAL A 1 123 ? -3.688  -0.804  0.425   1.00 19.05 ? 121 VAL A CA  1 
ATOM   948  C C   . VAL A 1 123 ? -3.479  0.290   1.481   1.00 18.78 ? 121 VAL A C   1 
ATOM   949  O O   . VAL A 1 123 ? -4.285  0.439   2.420   1.00 18.98 ? 121 VAL A O   1 
ATOM   950  C CB  . VAL A 1 123 ? -2.901  -2.093  0.738   1.00 21.47 ? 121 VAL A CB  1 
ATOM   951  C CG1 . VAL A 1 123 ? -1.420  -1.818  0.940   1.00 19.17 ? 121 VAL A CG1 1 
ATOM   952  C CG2 . VAL A 1 123 ? -3.493  -2.800  1.936   1.00 25.74 ? 121 VAL A CG2 1 
ATOM   953  N N   . MET A 1 124 ? -2.436  1.111   1.318   1.00 16.07 ? 122 MET A N   1 
ATOM   954  C CA  . MET A 1 124 ? -2.169  2.145   2.313   1.00 18.68 ? 122 MET A CA  1 
ATOM   955  C C   . MET A 1 124 ? -3.218  3.253   2.260   1.00 16.56 ? 122 MET A C   1 
ATOM   956  O O   . MET A 1 124 ? -3.656  3.751   3.307   1.00 15.73 ? 122 MET A O   1 
ATOM   957  C CB  . MET A 1 124 ? -0.758  2.701   2.116   1.00 15.63 ? 122 MET A CB  1 
ATOM   958  C CG  . MET A 1 124 ? 0.333   1.666   2.398   1.00 14.37 ? 122 MET A CG  1 
ATOM   959  S SD  . MET A 1 124 ? 2.010   2.232   2.056   1.00 20.05 ? 122 MET A SD  1 
ATOM   960  C CE  . MET A 1 124 ? 2.245   3.429   3.367   1.00 20.63 ? 122 MET A CE  1 
ATOM   961  N N   . GLN A 1 125 ? -3.652  3.635   1.056   1.00 17.78 ? 123 GLN A N   1 
ATOM   962  C CA  . GLN A 1 125 ? -4.718  4.624   0.924   1.00 18.72 ? 123 GLN A CA  1 
ATOM   963  C C   . GLN A 1 125 ? -6.036  4.086   1.462   1.00 19.10 ? 123 GLN A C   1 
ATOM   964  O O   . GLN A 1 125 ? -6.820  4.832   2.057   1.00 18.06 ? 123 GLN A O   1 
ATOM   965  C CB  . GLN A 1 125 ? -4.857  5.041   -0.540  1.00 19.30 ? 123 GLN A CB  1 
ATOM   966  C CG  . GLN A 1 125 ? -6.017  5.982   -0.828  1.00 20.52 ? 123 GLN A CG  1 
ATOM   967  C CD  . GLN A 1 125 ? -5.837  7.346   -0.193  1.00 19.20 ? 123 GLN A CD  1 
ATOM   968  O OE1 . GLN A 1 125 ? -4.729  7.733   0.179   1.00 18.07 ? 123 GLN A OE1 1 
ATOM   969  N NE2 . GLN A 1 125 ? -6.932  8.089   -0.075  1.00 18.48 ? 123 GLN A NE2 1 
ATOM   970  N N   . GLN A 1 126 ? -6.295  2.790   1.265   1.00 16.43 ? 124 GLN A N   1 
ATOM   971  C CA  . GLN A 1 126 ? -7.490  2.170   1.828   1.00 18.05 ? 124 GLN A CA  1 
ATOM   972  C C   . GLN A 1 126 ? -7.524  2.317   3.346   1.00 18.90 ? 124 GLN A C   1 
ATOM   973  O O   . GLN A 1 126 ? -8.522  2.776   3.928   1.00 16.50 ? 124 GLN A O   1 
ATOM   974  C CB  . GLN A 1 126 ? -7.534  0.696   1.417   1.00 19.16 ? 124 GLN A CB  1 
ATOM   975  C CG  . GLN A 1 126 ? -8.505  -0.154  2.208   1.00 25.83 ? 124 GLN A CG  1 
ATOM   976  C CD  . GLN A 1 126 ? -7.861  -1.389  2.816   1.00 27.99 ? 124 GLN A CD  1 
ATOM   977  O OE1 . GLN A 1 126 ? -6.647  -1.578  2.741   1.00 23.68 ? 124 GLN A OE1 1 
ATOM   978  N NE2 . GLN A 1 126 ? -8.680  -2.241  3.421   1.00 30.75 ? 124 GLN A NE2 1 
ATOM   979  N N   . LYS A 1 127 ? -6.424  1.949   4.009   1.00 16.99 ? 125 LYS A N   1 
ATOM   980  C CA  . LYS A 1 127 ? -6.407  2.046   5.468   1.00 18.54 ? 125 LYS A CA  1 
ATOM   981  C C   . LYS A 1 127 ? -6.460  3.501   5.938   1.00 14.51 ? 125 LYS A C   1 
ATOM   982  O O   . LYS A 1 127 ? -7.107  3.813   6.952   1.00 21.63 ? 125 LYS A O   1 
ATOM   983  C CB  . LYS A 1 127 ? -5.181  1.324   6.020   1.00 14.19 ? 125 LYS A CB  1 
ATOM   984  C CG  . LYS A 1 127 ? -5.166  -0.166  5.702   1.00 17.06 ? 125 LYS A CG  1 
ATOM   985  C CD  . LYS A 1 127 ? -6.461  -0.846  6.127   1.00 22.66 ? 125 LYS A CD  1 
ATOM   986  C CE  . LYS A 1 127 ? -6.364  -1.397  7.539   1.00 26.84 ? 125 LYS A CE  1 
ATOM   987  N NZ  . LYS A 1 127 ? -7.590  -2.123  7.950   1.00 34.63 ? 125 LYS A NZ  1 
ATOM   988  N N   . ALA A 1 128 ? -5.808  4.414   5.210   1.00 15.31 ? 126 ALA A N   1 
ATOM   989  C CA  . ALA A 1 128 ? -5.882  5.824   5.583   1.00 16.10 ? 126 ALA A CA  1 
ATOM   990  C C   . ALA A 1 128 ? -7.305  6.355   5.456   1.00 21.63 ? 126 ALA A C   1 
ATOM   991  O O   . ALA A 1 128 ? -7.756  7.155   6.286   1.00 21.34 ? 126 ALA A O   1 
ATOM   992  C CB  . ALA A 1 128 ? -4.922  6.648   4.727   1.00 14.86 ? 126 ALA A CB  1 
ATOM   993  N N   . LEU A 1 129 ? -8.027  5.928   4.415   1.00 15.87 ? 127 LEU A N   1 
ATOM   994  C CA  . LEU A 1 129 ? -9.419  6.331   4.270   1.00 16.73 ? 127 LEU A CA  1 
ATOM   995  C C   . LEU A 1 129 ? -10.255 5.813   5.428   1.00 19.58 ? 127 LEU A C   1 
ATOM   996  O O   . LEU A 1 129 ? -11.152 6.509   5.913   1.00 18.24 ? 127 LEU A O   1 
ATOM   997  C CB  . LEU A 1 129 ? -9.982  5.834   2.936   1.00 16.01 ? 127 LEU A CB  1 
ATOM   998  C CG  . LEU A 1 129 ? -9.618  6.645   1.690   1.00 17.44 ? 127 LEU A CG  1 
ATOM   999  C CD1 . LEU A 1 129 ? -10.144 5.965   0.432   1.00 14.59 ? 127 LEU A CD1 1 
ATOM   1000 C CD2 . LEU A 1 129 ? -10.149 8.066   1.802   1.00 15.58 ? 127 LEU A CD2 1 
ATOM   1001 N N   . LEU A 1 130 ? -9.979  4.589   5.887   1.00 19.50 ? 128 LEU A N   1 
ATOM   1002 C CA  . LEU A 1 130 ? -10.698 4.082   7.055   1.00 17.90 ? 128 LEU A CA  1 
ATOM   1003 C C   . LEU A 1 130 ? -10.432 4.946   8.286   1.00 23.37 ? 128 LEU A C   1 
ATOM   1004 O O   . LEU A 1 130 ? -11.347 5.221   9.076   1.00 25.42 ? 128 LEU A O   1 
ATOM   1005 C CB  . LEU A 1 130 ? -10.321 2.628   7.319   1.00 16.35 ? 128 LEU A CB  1 
ATOM   1006 C CG  . LEU A 1 130 ? -10.885 1.639   6.296   1.00 18.34 ? 128 LEU A CG  1 
ATOM   1007 C CD1 . LEU A 1 130 ? -10.375 0.237   6.563   1.00 21.95 ? 128 LEU A CD1 1 
ATOM   1008 C CD2 . LEU A 1 130 ? -12.409 1.671   6.305   1.00 22.27 ? 128 LEU A CD2 1 
ATOM   1009 N N   . ALA A 1 131 ? -9.184  5.393   8.462   1.00 20.03 ? 129 ALA A N   1 
ATOM   1010 C CA  . ALA A 1 131 ? -8.886  6.287   9.583   1.00 22.26 ? 129 ALA A CA  1 
ATOM   1011 C C   . ALA A 1 131 ? -9.646  7.608   9.461   1.00 25.90 ? 129 ALA A C   1 
ATOM   1012 O O   . ALA A 1 131 ? -10.218 8.106   10.446  1.00 25.10 ? 129 ALA A O   1 
ATOM   1013 C CB  . ALA A 1 131 ? -7.381  6.541   9.671   1.00 20.89 ? 129 ALA A CB  1 
ATOM   1014 N N   . GLN A 1 132 ? -9.648  8.197   8.261   1.00 20.29 ? 130 GLN A N   1 
ATOM   1015 C CA  . GLN A 1 132 ? -10.395 9.431   8.037   1.00 25.23 ? 130 GLN A CA  1 
ATOM   1016 C C   . GLN A 1 132 ? -11.879 9.232   8.312   1.00 25.10 ? 130 GLN A C   1 
ATOM   1017 O O   . GLN A 1 132 ? -12.542 10.124  8.853   1.00 26.17 ? 130 GLN A O   1 
ATOM   1018 C CB  . GLN A 1 132 ? -10.194 9.921   6.605   1.00 24.63 ? 130 GLN A CB  1 
ATOM   1019 C CG  . GLN A 1 132 ? -8.774  10.301  6.261   1.00 23.91 ? 130 GLN A CG  1 
ATOM   1020 C CD  . GLN A 1 132 ? -8.618  10.613  4.792   1.00 25.06 ? 130 GLN A CD  1 
ATOM   1021 O OE1 . GLN A 1 132 ? -9.548  11.108  4.154   1.00 29.78 ? 130 GLN A OE1 1 
ATOM   1022 N NE2 . GLN A 1 132 ? -7.445  10.319  4.241   1.00 24.00 ? 130 GLN A NE2 1 
ATOM   1023 N N   . HIS A 1 133 ? -12.415 8.073   7.935   1.00 23.08 ? 131 HIS A N   1 
ATOM   1024 C CA  . HIS A 1 133 ? -13.826 7.791   8.161   1.00 26.02 ? 131 HIS A CA  1 
ATOM   1025 C C   . HIS A 1 133 ? -14.135 7.704   9.648   1.00 29.44 ? 131 HIS A C   1 
ATOM   1026 O O   . HIS A 1 133 ? -15.143 8.253   10.107  1.00 29.68 ? 131 HIS A O   1 
ATOM   1027 C CB  . HIS A 1 133 ? -14.217 6.496   7.452   1.00 21.52 ? 131 HIS A CB  1 
ATOM   1028 C CG  . HIS A 1 133 ? -15.661 6.133   7.605   1.00 30.04 ? 131 HIS A CG  1 
ATOM   1029 N ND1 . HIS A 1 133 ? -16.128 5.353   8.641   1.00 29.91 ? 131 HIS A ND1 1 
ATOM   1030 C CD2 . HIS A 1 133 ? -16.742 6.440   6.849   1.00 26.22 ? 131 HIS A CD2 1 
ATOM   1031 C CE1 . HIS A 1 133 ? -17.433 5.197   8.519   1.00 32.00 ? 131 HIS A CE1 1 
ATOM   1032 N NE2 . HIS A 1 133 ? -17.831 5.847   7.439   1.00 30.04 ? 131 HIS A NE2 1 
ATOM   1033 N N   . ARG A 1 134 ? -13.289 7.012   10.414  1.00 30.54 ? 132 ARG A N   1 
ATOM   1034 C CA  . ARG A 1 134 ? -13.467 6.977   11.863  1.00 31.95 ? 132 ARG A CA  1 
ATOM   1035 C C   . ARG A 1 134 ? -13.490 8.386   12.438  1.00 30.63 ? 132 ARG A C   1 
ATOM   1036 O O   . ARG A 1 134 ? -14.396 8.749   13.202  1.00 36.28 ? 132 ARG A O   1 
ATOM   1037 C CB  . ARG A 1 134 ? -12.355 6.150   12.515  1.00 32.92 ? 132 ARG A CB  1 
ATOM   1038 C CG  . ARG A 1 134 ? -12.309 6.276   14.035  1.00 34.98 ? 132 ARG A CG  1 
ATOM   1039 C CD  . ARG A 1 134 ? -11.001 5.753   14.615  1.00 35.62 ? 132 ARG A CD  1 
ATOM   1040 N NE  . ARG A 1 134 ? -9.850  6.558   14.211  1.00 32.89 ? 132 ARG A NE  1 
ATOM   1041 C CZ  . ARG A 1 134 ? -8.806  6.082   13.539  1.00 31.03 ? 132 ARG A CZ  1 
ATOM   1042 N NH1 . ARG A 1 134 ? -8.767  4.801   13.194  1.00 30.86 ? 132 ARG A NH1 1 
ATOM   1043 N NH2 . ARG A 1 134 ? -7.801  6.884   13.212  1.00 28.95 ? 132 ARG A NH2 1 
ATOM   1044 N N   . SER A 1 135 ? -12.501 9.203   12.063  1.00 30.65 ? 133 SER A N   1 
ATOM   1045 C CA  . SER A 1 135 ? -12.406 10.546  12.626  1.00 31.27 ? 133 SER A CA  1 
ATOM   1046 C C   . SER A 1 135 ? -13.614 11.401  12.251  1.00 41.61 ? 133 SER A C   1 
ATOM   1047 O O   . SER A 1 135 ? -14.139 12.145  13.088  1.00 38.08 ? 133 SER A O   1 
ATOM   1048 C CB  . SER A 1 135 ? -11.114 11.214  12.168  1.00 29.34 ? 133 SER A CB  1 
ATOM   1049 O OG  . SER A 1 135 ? -11.156 12.611  12.395  1.00 45.04 ? 133 SER A OG  1 
ATOM   1050 N N   . ALA A 1 136 ? -14.068 11.311  10.999  1.00 35.55 ? 134 ALA A N   1 
ATOM   1051 C CA  . ALA A 1 136 ? -15.213 12.109  10.572  1.00 36.76 ? 134 ALA A CA  1 
ATOM   1052 C C   . ALA A 1 136 ? -16.491 11.651  11.259  1.00 38.70 ? 134 ALA A C   1 
ATOM   1053 O O   . ALA A 1 136 ? -17.302 12.480  11.691  1.00 38.65 ? 134 ALA A O   1 
ATOM   1054 C CB  . ALA A 1 136 ? -15.363 12.038  9.051   1.00 30.51 ? 134 ALA A CB  1 
ATOM   1055 N N   . LYS A 1 137 ? -16.689 10.335  11.368  1.00 33.88 ? 135 LYS A N   1 
ATOM   1056 C CA  . LYS A 1 137 ? -17.878 9.804   12.020  1.00 38.24 ? 135 LYS A CA  1 
ATOM   1057 C C   . LYS A 1 137 ? -17.922 10.205  13.487  1.00 43.88 ? 135 LYS A C   1 
ATOM   1058 O O   . LYS A 1 137 ? -19.001 10.457  14.038  1.00 47.91 ? 135 LYS A O   1 
ATOM   1059 C CB  . LYS A 1 137 ? -17.903 8.283   11.871  1.00 35.21 ? 135 LYS A CB  1 
ATOM   1060 C CG  . LYS A 1 137 ? -19.134 7.597   12.438  1.00 42.33 ? 135 LYS A CG  1 
ATOM   1061 C CD  . LYS A 1 137 ? -19.032 6.094   12.247  1.00 38.73 ? 135 LYS A CD  1 
ATOM   1062 C CE  . LYS A 1 137 ? -20.304 5.376   12.663  1.00 39.62 ? 135 LYS A CE  1 
ATOM   1063 N NZ  . LYS A 1 137 ? -20.326 3.973   12.150  1.00 42.79 ? 135 LYS A NZ  1 
ATOM   1064 N N   . ALA A 1 138 ? -16.756 10.284  14.134  1.00 43.82 ? 136 ALA A N   1 
ATOM   1065 C CA  . ALA A 1 138 ? -16.727 10.681  15.538  1.00 41.48 ? 136 ALA A CA  1 
ATOM   1066 C C   . ALA A 1 138 ? -17.116 12.142  15.725  1.00 45.26 ? 136 ALA A C   1 
ATOM   1067 O O   . ALA A 1 138 ? -17.695 12.497  16.757  1.00 44.31 ? 136 ALA A O   1 
ATOM   1068 C CB  . ALA A 1 138 ? -15.343 10.422  16.130  1.00 40.17 ? 136 ALA A CB  1 
ATOM   1069 N N   . ALA A 1 139 ? -16.819 13.000  14.747  1.00 42.98 ? 137 ALA A N   1 
ATOM   1070 C CA  . ALA A 1 139 ? -17.038 14.435  14.866  1.00 40.44 ? 137 ALA A CA  1 
ATOM   1071 C C   . ALA A 1 139 ? -18.304 14.901  14.155  1.00 42.88 ? 137 ALA A C   1 
ATOM   1072 O O   . ALA A 1 139 ? -18.400 16.075  13.781  1.00 47.14 ? 137 ALA A O   1 
ATOM   1073 C CB  . ALA A 1 139 ? -15.823 15.197  14.331  1.00 35.87 ? 137 ALA A CB  1 
ATOM   1074 N N   . GLY A 1 140 ? -19.281 14.018  13.976  1.00 37.94 ? 138 GLY A N   1 
ATOM   1075 C CA  . GLY A 1 140 ? -20.440 14.351  13.173  1.00 37.87 ? 138 GLY A CA  1 
ATOM   1076 C C   . GLY A 1 140 ? -20.096 14.289  11.700  1.00 51.70 ? 138 GLY A C   1 
ATOM   1077 O O   . GLY A 1 140 ? -19.997 13.194  11.138  1.00 58.08 ? 138 GLY A O   1 
ATOM   1078 N N   . GLN A 1 141 ? -19.916 15.453  11.077  1.00 49.41 ? 139 GLN A N   1 
ATOM   1079 C CA  . GLN A 1 141 ? -19.367 15.594  9.725   1.00 42.66 ? 139 GLN A CA  1 
ATOM   1080 C C   . GLN A 1 141 ? -19.926 14.545  8.763   1.00 39.96 ? 139 GLN A C   1 
ATOM   1081 O O   . GLN A 1 141 ? -19.197 13.745  8.174   1.00 43.28 ? 139 GLN A O   1 
ATOM   1082 C CB  . GLN A 1 141 ? -17.839 15.539  9.757   1.00 42.15 ? 139 GLN A CB  1 
ATOM   1083 C CG  . GLN A 1 141 ? -17.197 16.599  10.637  1.00 44.01 ? 139 GLN A CG  1 
ATOM   1084 C CD  . GLN A 1 141 ? -15.682 16.559  10.584  1.00 51.13 ? 139 GLN A CD  1 
ATOM   1085 O OE1 . GLN A 1 141 ? -15.076 15.488  10.618  1.00 48.75 ? 139 GLN A OE1 1 
ATOM   1086 N NE2 . GLN A 1 141 ? -15.062 17.731  10.500  1.00 53.66 ? 139 GLN A NE2 1 
ATOM   1087 N N   . ALA A 1 142 ? -21.253 14.565  8.611   1.00 36.27 ? 140 ALA A N   1 
ATOM   1088 C CA  . ALA A 1 142 ? -21.919 13.578  7.766   1.00 38.06 ? 140 ALA A CA  1 
ATOM   1089 C C   . ALA A 1 142 ? -21.510 13.705  6.301   1.00 34.50 ? 140 ALA A C   1 
ATOM   1090 O O   . ALA A 1 142 ? -21.427 12.693  5.594   1.00 31.50 ? 140 ALA A O   1 
ATOM   1091 C CB  . ALA A 1 142 ? -23.436 13.709  7.903   1.00 36.87 ? 140 ALA A CB  1 
ATOM   1092 N N   . ASP A 1 143 ? -21.265 14.929  5.825   1.00 36.46 ? 141 ASP A N   1 
ATOM   1093 C CA  . ASP A 1 143 ? -20.856 15.119  4.437   1.00 41.42 ? 141 ASP A CA  1 
ATOM   1094 C C   . ASP A 1 143 ? -19.479 14.517  4.182   1.00 31.55 ? 141 ASP A C   1 
ATOM   1095 O O   . ASP A 1 143 ? -19.262 13.855  3.159   1.00 32.71 ? 141 ASP A O   1 
ATOM   1096 C CB  . ASP A 1 143 ? -20.871 16.607  4.089   1.00 39.79 ? 141 ASP A CB  1 
ATOM   1097 C CG  . ASP A 1 143 ? -22.276 17.162  3.954   1.00 51.05 ? 141 ASP A CG  1 
ATOM   1098 O OD1 . ASP A 1 143 ? -23.225 16.366  3.779   1.00 51.20 ? 141 ASP A OD1 1 
ATOM   1099 O OD2 . ASP A 1 143 ? -22.430 18.398  4.024   1.00 51.87 ? 141 ASP A OD2 1 
ATOM   1100 N N   . LYS A 1 144 ? -18.535 14.748  5.099   1.00 32.49 ? 142 LYS A N   1 
ATOM   1101 C CA  . LYS A 1 144 ? -17.229 14.109  4.995   1.00 33.98 ? 142 LYS A CA  1 
ATOM   1102 C C   . LYS A 1 144 ? -17.361 12.595  5.006   1.00 29.42 ? 142 LYS A C   1 
ATOM   1103 O O   . LYS A 1 144 ? -16.668 11.900  4.256   1.00 27.53 ? 142 LYS A O   1 
ATOM   1104 C CB  . LYS A 1 144 ? -16.325 14.569  6.138   1.00 36.94 ? 142 LYS A CB  1 
ATOM   1105 C CG  . LYS A 1 144 ? -15.688 15.930  5.932   1.00 41.55 ? 142 LYS A CG  1 
ATOM   1106 C CD  . LYS A 1 144 ? -14.241 15.920  6.402   1.00 42.82 ? 142 LYS A CD  1 
ATOM   1107 C CE  . LYS A 1 144 ? -13.904 17.175  7.190   1.00 44.91 ? 142 LYS A CE  1 
ATOM   1108 N NZ  . LYS A 1 144 ? -12.524 17.124  7.747   1.00 49.80 ? 142 LYS A NZ  1 
ATOM   1109 N N   . VAL A 1 145 ? -18.247 12.066  5.855   1.00 26.17 ? 143 VAL A N   1 
ATOM   1110 C CA  . VAL A 1 145 ? -18.440 10.620  5.926   1.00 26.11 ? 143 VAL A CA  1 
ATOM   1111 C C   . VAL A 1 145 ? -18.920 10.086  4.584   1.00 26.85 ? 143 VAL A C   1 
ATOM   1112 O O   . VAL A 1 145 ? -18.409 9.082   4.075   1.00 23.35 ? 143 VAL A O   1 
ATOM   1113 C CB  . VAL A 1 145 ? -19.417 10.260  7.059   1.00 31.62 ? 143 VAL A CB  1 
ATOM   1114 C CG1 . VAL A 1 145 ? -19.838 8.801   6.952   1.00 27.99 ? 143 VAL A CG1 1 
ATOM   1115 C CG2 . VAL A 1 145 ? -18.783 10.533  8.411   1.00 34.32 ? 143 VAL A CG2 1 
ATOM   1116 N N   . ALA A 1 146 ? -19.911 10.757  3.987   1.00 26.58 ? 144 ALA A N   1 
ATOM   1117 C CA  . ALA A 1 146 ? -20.422 10.317  2.692   1.00 22.77 ? 144 ALA A CA  1 
ATOM   1118 C C   . ALA A 1 146 ? -19.338 10.369  1.621   1.00 19.07 ? 144 ALA A C   1 
ATOM   1119 O O   . ALA A 1 146 ? -19.194 9.432   0.825   1.00 21.99 ? 144 ALA A O   1 
ATOM   1120 C CB  . ALA A 1 146 ? -21.622 11.170  2.283   1.00 22.99 ? 144 ALA A CB  1 
ATOM   1121 N N   . LYS A 1 147 ? -18.565 11.456  1.591   1.00 20.79 ? 145 LYS A N   1 
ATOM   1122 C CA  . LYS A 1 147 ? -17.507 11.595  0.593   1.00 20.99 ? 145 LYS A CA  1 
ATOM   1123 C C   . LYS A 1 147 ? -16.455 10.501  0.749   1.00 19.82 ? 145 LYS A C   1 
ATOM   1124 O O   . LYS A 1 147 ? -16.038 9.874   -0.234  1.00 20.91 ? 145 LYS A O   1 
ATOM   1125 C CB  . LYS A 1 147 ? -16.877 12.982  0.714   1.00 21.28 ? 145 LYS A CB  1 
ATOM   1126 C CG  . LYS A 1 147 ? -15.673 13.234  -0.173  1.00 24.13 ? 145 LYS A CG  1 
ATOM   1127 C CD  . LYS A 1 147 ? -15.001 14.546  0.219   1.00 26.40 ? 145 LYS A CD  1 
ATOM   1128 C CE  . LYS A 1 147 ? -13.838 14.887  -0.698  1.00 31.15 ? 145 LYS A CE  1 
ATOM   1129 N NZ  . LYS A 1 147 ? -14.311 15.304  -2.048  1.00 37.05 ? 145 LYS A NZ  1 
ATOM   1130 N N   . ILE A 1 148 ? -16.021 10.255  1.987   1.00 22.23 ? 146 ILE A N   1 
ATOM   1131 C CA  . ILE A 1 148 ? -15.004 9.238   2.236   1.00 22.87 ? 146 ILE A CA  1 
ATOM   1132 C C   . ILE A 1 148 ? -15.529 7.859   1.872   1.00 21.55 ? 146 ILE A C   1 
ATOM   1133 O O   . ILE A 1 148 ? -14.802 7.035   1.308   1.00 20.30 ? 146 ILE A O   1 
ATOM   1134 C CB  . ILE A 1 148 ? -14.534 9.292   3.702   1.00 25.23 ? 146 ILE A CB  1 
ATOM   1135 C CG1 . ILE A 1 148 ? -13.764 10.585  3.973   1.00 26.46 ? 146 ILE A CG1 1 
ATOM   1136 C CG2 . ILE A 1 148 ? -13.678 8.080   4.039   1.00 21.84 ? 146 ILE A CG2 1 
ATOM   1137 C CD1 . ILE A 1 148 ? -13.753 10.990  5.434   1.00 29.54 ? 146 ILE A CD1 1 
ATOM   1138 N N   . ALA A 1 149 ? -16.799 7.581   2.181   1.00 18.35 ? 147 ALA A N   1 
ATOM   1139 C CA  . ALA A 1 149 ? -17.356 6.274   1.853   1.00 18.30 ? 147 ALA A CA  1 
ATOM   1140 C C   . ALA A 1 149 ? -17.442 6.079   0.347   1.00 18.39 ? 147 ALA A C   1 
ATOM   1141 O O   . ALA A 1 149 ? -17.140 4.991   -0.161  1.00 16.41 ? 147 ALA A O   1 
ATOM   1142 C CB  . ALA A 1 149 ? -18.730 6.108   2.500   1.00 22.96 ? 147 ALA A CB  1 
ATOM   1143 N N   . ALA A 1 150 ? -17.848 7.119   -0.384  1.00 19.56 ? 148 ALA A N   1 
ATOM   1144 C CA  . ALA A 1 150 ? -17.892 7.018   -1.838  1.00 17.95 ? 148 ALA A CA  1 
ATOM   1145 C C   . ALA A 1 150 ? -16.501 6.760   -2.404  1.00 16.49 ? 148 ALA A C   1 
ATOM   1146 O O   . ALA A 1 150 ? -16.319 5.891   -3.267  1.00 16.37 ? 148 ALA A O   1 
ATOM   1147 C CB  . ALA A 1 150 ? -18.496 8.290   -2.436  1.00 16.68 ? 148 ALA A CB  1 
ATOM   1148 N N   . GLU A 1 151 ? -15.501 7.500   -1.914  1.00 17.71 ? 149 GLU A N   1 
ATOM   1149 C CA  . GLU A 1 151 ? -14.137 7.312   -2.401  1.00 20.89 ? 149 GLU A CA  1 
ATOM   1150 C C   . GLU A 1 151 ? -13.618 5.916   -2.075  1.00 17.51 ? 149 GLU A C   1 
ATOM   1151 O O   . GLU A 1 151 ? -12.976 5.273   -2.913  1.00 17.51 ? 149 GLU A O   1 
ATOM   1152 C CB  . GLU A 1 151 ? -13.215 8.375   -1.805  1.00 17.99 ? 149 GLU A CB  1 
ATOM   1153 C CG  . GLU A 1 151 ? -13.511 9.780   -2.276  1.00 18.90 ? 149 GLU A CG  1 
ATOM   1154 C CD  . GLU A 1 151 ? -12.605 10.811  -1.631  1.00 22.76 ? 149 GLU A CD  1 
ATOM   1155 O OE1 . GLU A 1 151 ? -11.692 10.417  -0.877  1.00 23.94 ? 149 GLU A OE1 1 
ATOM   1156 O OE2 . GLU A 1 151 ? -12.806 12.017  -1.883  1.00 23.10 ? 149 GLU A OE2 1 
ATOM   1157 N N   . TYR A 1 152 ? -13.886 5.435   -0.860  1.00 18.35 ? 150 TYR A N   1 
ATOM   1158 C CA  . TYR A 1 152 ? -13.431 4.109   -0.460  1.00 19.41 ? 150 TYR A CA  1 
ATOM   1159 C C   . TYR A 1 152 ? -14.060 3.030   -1.329  1.00 16.23 ? 150 TYR A C   1 
ATOM   1160 O O   . TYR A 1 152 ? -13.370 2.119   -1.806  1.00 16.89 ? 150 TYR A O   1 
ATOM   1161 C CB  . TYR A 1 152 ? -13.760 3.867   1.015   1.00 19.03 ? 150 TYR A CB  1 
ATOM   1162 C CG  . TYR A 1 152 ? -13.166 2.590   1.560   1.00 18.22 ? 150 TYR A CG  1 
ATOM   1163 C CD1 . TYR A 1 152 ? -13.794 1.364   1.361   1.00 15.18 ? 150 TYR A CD1 1 
ATOM   1164 C CD2 . TYR A 1 152 ? -11.971 2.608   2.264   1.00 17.49 ? 150 TYR A CD2 1 
ATOM   1165 C CE1 . TYR A 1 152 ? -13.249 0.196   1.847   1.00 16.90 ? 150 TYR A CE1 1 
ATOM   1166 C CE2 . TYR A 1 152 ? -11.422 1.445   2.761   1.00 19.46 ? 150 TYR A CE2 1 
ATOM   1167 C CZ  . TYR A 1 152 ? -12.062 0.243   2.548   1.00 23.15 ? 150 TYR A CZ  1 
ATOM   1168 O OH  . TYR A 1 152 ? -11.513 -0.917  3.038   1.00 20.12 ? 150 TYR A OH  1 
ATOM   1169 N N   . ASN A 1 153 ? -15.380 3.102   -1.524  1.00 17.89 ? 151 ASN A N   1 
ATOM   1170 C CA  . ASN A 1 153 ? -16.051 2.098   -2.342  1.00 19.41 ? 151 ASN A CA  1 
ATOM   1171 C C   . ASN A 1 153 ? -15.530 2.127   -3.771  1.00 19.93 ? 151 ASN A C   1 
ATOM   1172 O O   . ASN A 1 153 ? -15.284 1.073   -4.365  1.00 17.90 ? 151 ASN A O   1 
ATOM   1173 C CB  . ASN A 1 153 ? -17.565 2.312   -2.313  1.00 17.52 ? 151 ASN A CB  1 
ATOM   1174 C CG  . ASN A 1 153 ? -18.166 2.036   -0.948  1.00 23.98 ? 151 ASN A CG  1 
ATOM   1175 O OD1 . ASN A 1 153 ? -17.564 1.357   -0.116  1.00 23.01 ? 151 ASN A OD1 1 
ATOM   1176 N ND2 . ASN A 1 153 ? -19.359 2.568   -0.710  1.00 20.04 ? 151 ASN A ND2 1 
ATOM   1177 N N   . ALA A 1 154 ? -15.335 3.325   -4.333  1.00 17.56 ? 152 ALA A N   1 
ATOM   1178 C CA  . ALA A 1 154 ? -14.815 3.419   -5.694  1.00 17.93 ? 152 ALA A CA  1 
ATOM   1179 C C   . ALA A 1 154 ? -13.423 2.806   -5.792  1.00 17.53 ? 152 ALA A C   1 
ATOM   1180 O O   . ALA A 1 154 ? -13.136 2.018   -6.704  1.00 16.47 ? 152 ALA A O   1 
ATOM   1181 C CB  . ALA A 1 154 ? -14.797 4.879   -6.149  1.00 19.45 ? 152 ALA A CB  1 
ATOM   1182 N N   . LEU A 1 155 ? -12.545 3.150   -4.847  1.00 17.61 ? 153 LEU A N   1 
ATOM   1183 C CA  . LEU A 1 155 ? -11.179 2.640   -4.881  1.00 14.76 ? 153 LEU A CA  1 
ATOM   1184 C C   . LEU A 1 155 ? -11.156 1.120   -4.786  1.00 15.79 ? 153 LEU A C   1 
ATOM   1185 O O   . LEU A 1 155 ? -10.500 0.447   -5.591  1.00 15.31 ? 153 LEU A O   1 
ATOM   1186 C CB  . LEU A 1 155 ? -10.362 3.266   -3.750  1.00 15.92 ? 153 LEU A CB  1 
ATOM   1187 C CG  . LEU A 1 155 ? -8.946  2.724   -3.548  1.00 15.78 ? 153 LEU A CG  1 
ATOM   1188 C CD1 . LEU A 1 155 ? -8.056  3.078   -4.734  1.00 14.07 ? 153 LEU A CD1 1 
ATOM   1189 C CD2 . LEU A 1 155 ? -8.363  3.255   -2.251  1.00 13.29 ? 153 LEU A CD2 1 
ATOM   1190 N N   . THR A 1 156 ? -11.877 0.558   -3.813  1.00 19.16 ? 154 THR A N   1 
ATOM   1191 C CA  . THR A 1 156 ? -11.832 -0.891  -3.636  1.00 20.54 ? 154 THR A CA  1 
ATOM   1192 C C   . THR A 1 156 ? -12.498 -1.613  -4.802  1.00 19.21 ? 154 THR A C   1 
ATOM   1193 O O   . THR A 1 156 ? -12.024 -2.672  -5.228  1.00 18.97 ? 154 THR A O   1 
ATOM   1194 C CB  . THR A 1 156 ? -12.475 -1.295  -2.306  1.00 17.79 ? 154 THR A CB  1 
ATOM   1195 O OG1 . THR A 1 156 ? -13.688 -0.562  -2.107  1.00 20.66 ? 154 THR A OG1 1 
ATOM   1196 C CG2 . THR A 1 156 ? -11.526 -1.014  -1.148  1.00 20.56 ? 154 THR A CG2 1 
ATOM   1197 N N   . ALA A 1 157 ? -13.582 -1.051  -5.350  1.00 18.62 ? 155 ALA A N   1 
ATOM   1198 C CA  . ALA A 1 157 ? -14.232 -1.675  -6.498  1.00 18.36 ? 155 ALA A CA  1 
ATOM   1199 C C   . ALA A 1 157 ? -13.320 -1.673  -7.717  1.00 18.62 ? 155 ALA A C   1 
ATOM   1200 O O   . ALA A 1 157 ? -13.299 -2.641  -8.487  1.00 20.90 ? 155 ALA A O   1 
ATOM   1201 C CB  . ALA A 1 157 ? -15.545 -0.959  -6.809  1.00 24.11 ? 155 ALA A CB  1 
ATOM   1202 N N   . ARG A 1 158 ? -12.557 -0.595  -7.910  1.00 20.42 ? 156 ARG A N   1 
ATOM   1203 C CA  . ARG A 1 158 ? -11.637 -0.535  -9.041  1.00 17.35 ? 156 ARG A CA  1 
ATOM   1204 C C   . ARG A 1 158 ? -10.575 -1.626  -8.966  1.00 19.35 ? 156 ARG A C   1 
ATOM   1205 O O   . ARG A 1 158 ? -10.115 -2.114  -10.004 1.00 19.56 ? 156 ARG A O   1 
ATOM   1206 C CB  . ARG A 1 158 ? -10.983 0.847   -9.106  1.00 20.19 ? 156 ARG A CB  1 
ATOM   1207 C CG  . ARG A 1 158 ? -10.107 1.066   -10.323 1.00 21.68 ? 156 ARG A CG  1 
ATOM   1208 C CD  . ARG A 1 158 ? -10.007 2.544   -10.680 1.00 23.06 ? 156 ARG A CD  1 
ATOM   1209 N NE  . ARG A 1 158 ? -10.018 3.402   -9.497  1.00 18.11 ? 156 ARG A NE  1 
ATOM   1210 C CZ  . ARG A 1 158 ? -8.948  3.662   -8.752  1.00 18.25 ? 156 ARG A CZ  1 
ATOM   1211 N NH1 . ARG A 1 158 ? -7.776  3.127   -9.069  1.00 17.92 ? 156 ARG A NH1 1 
ATOM   1212 N NH2 . ARG A 1 158 ? -9.050  4.457   -7.696  1.00 14.05 ? 156 ARG A NH2 1 
ATOM   1213 N N   . TRP A 1 159 ? -10.178 -2.027  -7.760  1.00 17.87 ? 157 TRP A N   1 
ATOM   1214 C CA  . TRP A 1 159 ? -9.207  -3.098  -7.583  1.00 18.66 ? 157 TRP A CA  1 
ATOM   1215 C C   . TRP A 1 159 ? -9.856  -4.478  -7.500  1.00 21.29 ? 157 TRP A C   1 
ATOM   1216 O O   . TRP A 1 159 ? -9.174  -5.452  -7.165  1.00 19.44 ? 157 TRP A O   1 
ATOM   1217 C CB  . TRP A 1 159 ? -8.356  -2.841  -6.336  1.00 19.70 ? 157 TRP A CB  1 
ATOM   1218 C CG  . TRP A 1 159 ? -7.260  -1.832  -6.557  1.00 18.49 ? 157 TRP A CG  1 
ATOM   1219 C CD1 . TRP A 1 159 ? -7.339  -0.485  -6.362  1.00 16.52 ? 157 TRP A CD1 1 
ATOM   1220 C CD2 . TRP A 1 159 ? -5.926  -2.092  -7.017  1.00 16.19 ? 157 TRP A CD2 1 
ATOM   1221 N NE1 . TRP A 1 159 ? -6.138  0.111   -6.665  1.00 14.75 ? 157 TRP A NE1 1 
ATOM   1222 C CE2 . TRP A 1 159 ? -5.254  -0.853  -7.071  1.00 15.76 ? 157 TRP A CE2 1 
ATOM   1223 C CE3 . TRP A 1 159 ? -5.235  -3.250  -7.388  1.00 17.33 ? 157 TRP A CE3 1 
ATOM   1224 C CZ2 . TRP A 1 159 ? -3.925  -0.739  -7.480  1.00 16.89 ? 157 TRP A CZ2 1 
ATOM   1225 C CZ3 . TRP A 1 159 ? -3.914  -3.136  -7.793  1.00 16.77 ? 157 TRP A CZ3 1 
ATOM   1226 C CH2 . TRP A 1 159 ? -3.274  -1.890  -7.836  1.00 17.09 ? 157 TRP A CH2 1 
ATOM   1227 N N   . GLY A 1 160 ? -11.153 -4.581  -7.788  1.00 25.09 ? 158 GLY A N   1 
ATOM   1228 C CA  . GLY A 1 160 ? -11.813 -5.865  -7.921  1.00 22.13 ? 158 GLY A CA  1 
ATOM   1229 C C   . GLY A 1 160 ? -12.469 -6.414  -6.674  1.00 25.82 ? 158 GLY A C   1 
ATOM   1230 O O   . GLY A 1 160 ? -12.809 -7.603  -6.653  1.00 22.42 ? 158 GLY A O   1 
ATOM   1231 N N   . PHE A 1 161 ? -12.664 -5.601  -5.640  1.00 20.84 ? 159 PHE A N   1 
ATOM   1232 C CA  . PHE A 1 161 ? -13.291 -6.078  -4.412  1.00 21.83 ? 159 PHE A CA  1 
ATOM   1233 C C   . PHE A 1 161 ? -14.776 -5.728  -4.369  1.00 21.43 ? 159 PHE A C   1 
ATOM   1234 O O   . PHE A 1 161 ? -15.306 -5.129  -5.304  1.00 29.51 ? 159 PHE A O   1 
ATOM   1235 C CB  . PHE A 1 161 ? -12.585 -5.499  -3.188  1.00 20.20 ? 159 PHE A CB  1 
ATOM   1236 C CG  . PHE A 1 161 ? -11.214 -6.068  -2.957  1.00 26.86 ? 159 PHE A CG  1 
ATOM   1237 C CD1 . PHE A 1 161 ? -11.030 -7.145  -2.108  1.00 23.45 ? 159 PHE A CD1 1 
ATOM   1238 C CD2 . PHE A 1 161 ? -10.109 -5.526  -3.592  1.00 23.75 ? 159 PHE A CD2 1 
ATOM   1239 C CE1 . PHE A 1 161 ? -9.770  -7.669  -1.891  1.00 24.38 ? 159 PHE A CE1 1 
ATOM   1240 C CE2 . PHE A 1 161 ? -8.848  -6.048  -3.380  1.00 22.67 ? 159 PHE A CE2 1 
ATOM   1241 C CZ  . PHE A 1 161 ? -8.679  -7.121  -2.528  1.00 22.45 ? 159 PHE A CZ  1 
HETATM 1242 O O   . HOH B 2 .   ? -4.232  -5.112  -12.091 1.00 22.41 ? 201 HOH A O   1 
HETATM 1243 O O   . HOH B 2 .   ? -9.804  -2.662  5.318   1.00 38.89 ? 202 HOH A O   1 
HETATM 1244 O O   . HOH B 2 .   ? -14.199 12.646  -3.543  1.00 20.93 ? 203 HOH A O   1 
HETATM 1245 O O   . HOH B 2 .   ? 6.885   -7.154  -10.946 1.00 22.71 ? 204 HOH A O   1 
HETATM 1246 O O   . HOH B 2 .   ? -5.202  -4.702  8.407   1.00 34.61 ? 205 HOH A O   1 
HETATM 1247 O O   . HOH B 2 .   ? -2.564  -3.131  8.777   1.00 35.57 ? 206 HOH A O   1 
HETATM 1248 O O   . HOH B 2 .   ? 2.371   -10.377 11.039  1.00 39.82 ? 207 HOH A O   1 
HETATM 1249 O O   . HOH B 2 .   ? 8.682   -1.819  11.653  1.00 38.49 ? 208 HOH A O   1 
HETATM 1250 O O   . HOH B 2 .   ? 0.082   -24.132 1.556   1.00 50.98 ? 209 HOH A O   1 
HETATM 1251 O O   . HOH B 2 .   ? 17.167  13.348  -18.636 1.00 44.17 ? 210 HOH A O   1 
HETATM 1252 O O   . HOH B 2 .   ? -7.529  -14.789 2.517   1.00 28.92 ? 211 HOH A O   1 
HETATM 1253 O O   . HOH B 2 .   ? 12.637  -2.726  -2.151  1.00 28.54 ? 212 HOH A O   1 
HETATM 1254 O O   . HOH B 2 .   ? 16.387  9.041   -23.936 1.00 47.16 ? 213 HOH A O   1 
HETATM 1255 O O   . HOH B 2 .   ? 5.091   -14.388 -1.002  1.00 19.12 ? 214 HOH A O   1 
HETATM 1256 O O   . HOH B 2 .   ? 7.572   -14.373 0.408   1.00 19.11 ? 215 HOH A O   1 
HETATM 1257 O O   . HOH B 2 .   ? 4.262   -5.687  -13.657 1.00 26.02 ? 216 HOH A O   1 
HETATM 1258 O O   . HOH B 2 .   ? 5.781   22.085  -24.942 1.00 45.44 ? 217 HOH A O   1 
HETATM 1259 O O   . HOH B 2 .   ? -8.097  -10.084 5.588   1.00 28.76 ? 218 HOH A O   1 
HETATM 1260 O O   . HOH B 2 .   ? 10.713  -9.283  10.871  1.00 37.21 ? 219 HOH A O   1 
HETATM 1261 O O   . HOH B 2 .   ? 18.119  -5.667  2.096   1.00 23.08 ? 220 HOH A O   1 
HETATM 1262 O O   . HOH B 2 .   ? -7.165  -10.824 -0.991  1.00 23.73 ? 221 HOH A O   1 
HETATM 1263 O O   . HOH B 2 .   ? -2.445  -18.129 5.889   1.00 37.55 ? 222 HOH A O   1 
HETATM 1264 O O   . HOH B 2 .   ? -1.556  6.025   -10.412 1.00 24.21 ? 223 HOH A O   1 
HETATM 1265 O O   . HOH B 2 .   ? 9.632   19.063  -23.818 1.00 35.27 ? 224 HOH A O   1 
HETATM 1266 O O   . HOH B 2 .   ? 5.325   -13.349 9.404   1.00 32.31 ? 225 HOH A O   1 
HETATM 1267 O O   . HOH B 2 .   ? -11.297 15.233  12.649  1.00 39.78 ? 227 HOH A O   1 
HETATM 1268 O O   . HOH B 2 .   ? 3.904   2.665   -10.338 1.00 22.24 ? 228 HOH A O   1 
HETATM 1269 O O   . HOH B 2 .   ? 9.132   -14.514 -6.790  1.00 25.96 ? 229 HOH A O   1 
HETATM 1270 O O   . HOH B 2 .   ? 1.557   12.603  12.642  1.00 33.04 ? 230 HOH A O   1 
HETATM 1271 O O   . HOH B 2 .   ? -4.113  -14.379 6.692   1.00 33.19 ? 231 HOH A O   1 
HETATM 1272 O O   . HOH B 2 .   ? 13.120  -13.768 7.726   1.00 31.08 ? 232 HOH A O   1 
HETATM 1273 O O   . HOH B 2 .   ? -14.568 2.319   -8.936  1.00 18.33 ? 233 HOH A O   1 
HETATM 1274 O O   . HOH B 2 .   ? 2.526   -7.090  7.812   1.00 16.19 ? 234 HOH A O   1 
HETATM 1275 O O   . HOH B 2 .   ? -6.858  3.743   11.630  1.00 25.22 ? 235 HOH A O   1 
HETATM 1276 O O   . HOH B 2 .   ? -4.133  10.257  0.893   1.00 28.10 ? 236 HOH A O   1 
HETATM 1277 O O   . HOH B 2 .   ? -14.914 -4.755  -8.061  1.00 26.96 ? 237 HOH A O   1 
HETATM 1278 O O   . HOH B 2 .   ? -8.528  -8.067  -7.056  1.00 30.67 ? 238 HOH A O   1 
HETATM 1279 O O   . HOH B 2 .   ? 3.567   23.602  -21.876 1.00 33.01 ? 239 HOH A O   1 
HETATM 1280 O O   . HOH B 2 .   ? 17.218  2.392   8.496   1.00 39.18 ? 240 HOH A O   1 
HETATM 1281 O O   . HOH B 2 .   ? 12.952  -18.668 8.196   1.00 32.68 ? 241 HOH A O   1 
HETATM 1282 O O   . HOH B 2 .   ? 0.637   -19.874 0.274   1.00 34.23 ? 242 HOH A O   1 
HETATM 1283 O O   . HOH B 2 .   ? -0.269  -10.216 1.412   1.00 16.14 ? 243 HOH A O   1 
HETATM 1284 O O   . HOH B 2 .   ? 8.733   -19.490 3.535   1.00 35.93 ? 244 HOH A O   1 
HETATM 1285 O O   . HOH B 2 .   ? -2.501  2.706   -6.548  1.00 23.53 ? 245 HOH A O   1 
HETATM 1286 O O   . HOH B 2 .   ? 11.515  -12.845 -6.719  1.00 30.14 ? 246 HOH A O   1 
HETATM 1287 O O   . HOH B 2 .   ? 5.784   -20.462 -4.932  1.00 37.05 ? 247 HOH A O   1 
HETATM 1288 O O   . HOH B 2 .   ? 15.295  -9.867  -3.695  1.00 32.66 ? 248 HOH A O   1 
HETATM 1289 O O   . HOH B 2 .   ? 4.265   -10.619 -11.910 1.00 29.87 ? 249 HOH A O   1 
HETATM 1290 O O   . HOH B 2 .   ? -17.487 -3.445  -5.293  1.00 36.68 ? 250 HOH A O   1 
HETATM 1291 O O   . HOH B 2 .   ? 0.097   -12.410 4.776   1.00 18.10 ? 251 HOH A O   1 
HETATM 1292 O O   . HOH B 2 .   ? 7.148   5.177   4.346   1.00 37.71 ? 252 HOH A O   1 
HETATM 1293 O O   . HOH B 2 .   ? -2.720  -7.790  3.231   1.00 20.54 ? 253 HOH A O   1 
HETATM 1294 O O   . HOH B 2 .   ? -2.907  -3.386  5.005   1.00 19.19 ? 254 HOH A O   1 
HETATM 1295 O O   . HOH B 2 .   ? -5.441  -4.141  4.061   1.00 22.30 ? 255 HOH A O   1 
HETATM 1296 O O   . HOH B 2 .   ? 9.988   7.729   -3.601  1.00 46.50 ? 256 HOH A O   1 
HETATM 1297 O O   . HOH B 2 .   ? -2.400  7.690   -1.348  1.00 27.60 ? 257 HOH A O   1 
HETATM 1298 O O   . HOH B 2 .   ? 9.932   13.349  -26.021 1.00 43.75 ? 258 HOH A O   1 
HETATM 1299 O O   . HOH B 2 .   ? 5.477   10.028  5.901   1.00 34.20 ? 259 HOH A O   1 
HETATM 1300 O O   . HOH B 2 .   ? 4.944   24.713  -20.482 1.00 34.01 ? 260 HOH A O   1 
HETATM 1301 O O   . HOH B 2 .   ? -6.225  -21.582 1.489   1.00 36.76 ? 261 HOH A O   1 
HETATM 1302 O O   . HOH B 2 .   ? -15.690 6.846   14.796  1.00 36.17 ? 262 HOH A O   1 
HETATM 1303 O O   . HOH B 2 .   ? 6.680   -3.368  -9.677  1.00 21.98 ? 263 HOH A O   1 
HETATM 1304 O O   . HOH B 2 .   ? -12.444 14.667  10.117  1.00 40.79 ? 264 HOH A O   1 
HETATM 1305 O O   . HOH B 2 .   ? -21.350 7.942   -0.200  1.00 28.78 ? 265 HOH A O   1 
HETATM 1306 O O   . HOH B 2 .   ? 12.648  -20.449 6.004   1.00 34.20 ? 266 HOH A O   1 
HETATM 1307 O O   . HOH B 2 .   ? -11.203 6.852   -4.440  1.00 19.60 ? 267 HOH A O   1 
HETATM 1308 O O   . HOH B 2 .   ? -7.332  2.141   9.219   1.00 20.08 ? 268 HOH A O   1 
HETATM 1309 O O   . HOH B 2 .   ? -2.288  -7.148  -13.565 1.00 24.06 ? 269 HOH A O   1 
HETATM 1310 O O   . HOH B 2 .   ? 4.434   -0.006  8.321   1.00 23.36 ? 270 HOH A O   1 
HETATM 1311 O O   . HOH B 2 .   ? 10.426  -22.137 3.919   1.00 39.40 ? 271 HOH A O   1 
HETATM 1312 O O   . HOH B 2 .   ? -20.957 2.213   9.973   1.00 42.73 ? 272 HOH A O   1 
HETATM 1313 O O   . HOH B 2 .   ? -0.245  11.248  -8.001  1.00 28.00 ? 273 HOH A O   1 
HETATM 1314 O O   . HOH B 2 .   ? 2.398   4.522   -9.396  1.00 26.50 ? 274 HOH A O   1 
HETATM 1315 O O   . HOH B 2 .   ? -18.539 4.628   -4.610  1.00 22.63 ? 275 HOH A O   1 
HETATM 1316 O O   . HOH B 2 .   ? -1.995  5.523   -2.875  1.00 37.27 ? 276 HOH A O   1 
HETATM 1317 O O   . HOH B 2 .   ? -3.024  -21.215 2.900   1.00 37.55 ? 277 HOH A O   1 
HETATM 1318 O O   . HOH B 2 .   ? -20.489 14.500  0.608   1.00 34.60 ? 278 HOH A O   1 
HETATM 1319 O O   . HOH B 2 .   ? 7.775   -15.295 3.098   1.00 20.77 ? 279 HOH A O   1 
HETATM 1320 O O   . HOH B 2 .   ? -7.207  -17.175 -3.770  1.00 29.05 ? 280 HOH A O   1 
HETATM 1321 O O   . HOH B 2 .   ? 4.313   -14.949 -12.873 1.00 37.10 ? 281 HOH A O   1 
HETATM 1322 O O   . HOH B 2 .   ? -11.634 12.874  8.302   1.00 37.34 ? 282 HOH A O   1 
HETATM 1323 O O   . HOH B 2 .   ? -10.339 11.828  1.357   1.00 37.94 ? 283 HOH A O   1 
HETATM 1324 O O   . HOH B 2 .   ? -10.941 13.513  5.208   1.00 38.87 ? 284 HOH A O   1 
HETATM 1325 O O   . HOH B 2 .   ? -5.263  2.976   -6.737  1.00 23.38 ? 285 HOH A O   1 
HETATM 1326 O O   . HOH B 2 .   ? -0.233  18.328  -23.138 1.00 32.77 ? 286 HOH A O   1 
HETATM 1327 O O   . HOH B 2 .   ? 5.939   17.185  10.246  1.00 42.96 ? 287 HOH A O   1 
HETATM 1328 O O   . HOH B 2 .   ? 5.532   15.273  0.626   1.00 44.17 ? 288 HOH A O   1 
HETATM 1329 O O   . HOH B 2 .   ? -20.665 4.417   -2.710  1.00 28.34 ? 289 HOH A O   1 
HETATM 1330 O O   . HOH B 2 .   ? 6.789   -0.174  -8.401  1.00 21.67 ? 290 HOH A O   1 
HETATM 1331 O O   . HOH B 2 .   ? -6.911  10.838  1.221   1.00 25.17 ? 291 HOH A O   1 
HETATM 1332 O O   . HOH B 2 .   ? -7.750  -1.396  10.900  1.00 22.99 ? 292 HOH A O   1 
HETATM 1333 O O   . HOH B 2 .   ? -1.895  -13.988 4.462   1.00 32.97 ? 293 HOH A O   1 
HETATM 1334 O O   . HOH B 2 .   ? -19.282 17.158  6.832   1.00 39.84 ? 294 HOH A O   1 
HETATM 1335 O O   . HOH B 2 .   ? -6.097  -25.213 0.041   1.00 39.94 ? 295 HOH A O   1 
HETATM 1336 O O   . HOH B 2 .   ? 1.800   -19.058 7.312   1.00 35.30 ? 296 HOH A O   1 
HETATM 1337 O O   . HOH B 2 .   ? -5.154  -26.482 -7.006  1.00 41.25 ? 297 HOH A O   1 
HETATM 1338 O O   . HOH B 2 .   ? -9.182  7.810   -2.190  1.00 27.26 ? 298 HOH A O   1 
HETATM 1339 O O   . HOH B 2 .   ? 11.636  -8.172  -7.681  1.00 36.59 ? 299 HOH A O   1 
HETATM 1340 O O   . HOH B 2 .   ? 2.846   3.930   -0.797  1.00 30.38 ? 300 HOH A O   1 
HETATM 1341 O O   . HOH B 2 .   ? 12.878  0.223   3.171   1.00 25.07 ? 301 HOH A O   1 
HETATM 1342 O O   . HOH B 2 .   ? 6.566   -2.351  12.386  1.00 38.81 ? 302 HOH A O   1 
HETATM 1343 O O   . HOH B 2 .   ? -3.991  21.513  -22.545 1.00 32.73 ? 303 HOH A O   1 
HETATM 1344 O O   . HOH B 2 .   ? 18.943  0.134   8.213   1.00 39.54 ? 304 HOH A O   1 
HETATM 1345 O O   . HOH B 2 .   ? 11.417  -1.996  19.691  1.00 42.70 ? 305 HOH A O   1 
HETATM 1346 O O   . HOH B 2 .   ? -16.893 16.934  -3.251  1.00 44.20 ? 306 HOH A O   1 
HETATM 1347 O O   . HOH B 2 .   ? -13.377 -3.467  -11.753 1.00 39.18 ? 307 HOH A O   1 
HETATM 1348 O O   . HOH B 2 .   ? -18.240 2.554   -5.894  1.00 25.33 ? 308 HOH A O   1 
HETATM 1349 O O   . HOH B 2 .   ? 4.927   -18.087 2.366   1.00 39.60 ? 309 HOH A O   1 
HETATM 1350 O O   . HOH B 2 .   ? -9.181  -4.894  -11.733 1.00 38.85 ? 310 HOH A O   1 
HETATM 1351 O O   . HOH B 2 .   ? -11.389 17.489  12.628  1.00 53.20 ? 311 HOH A O   1 
HETATM 1352 O O   . HOH B 2 .   ? 5.298   5.136   1.627   1.00 11.70 ? 312 HOH A O   1 
HETATM 1353 O O   . HOH B 2 .   ? -22.399 1.706   13.781  1.00 37.89 ? 313 HOH A O   1 
HETATM 1354 O O   . HOH B 2 .   ? -8.492  -11.308 -3.153  1.00 27.70 ? 314 HOH A O   1 
HETATM 1355 O O   . HOH B 2 .   ? -14.607 0.160   -10.821 1.00 33.36 ? 315 HOH A O   1 
HETATM 1356 O O   . HOH B 2 .   ? -9.554  -11.142 1.269   1.00 35.39 ? 316 HOH A O   1 
HETATM 1357 O O   . HOH B 2 .   ? 15.551  -10.989 -6.165  1.00 40.50 ? 317 HOH A O   1 
HETATM 1358 O O   . HOH B 2 .   ? 13.844  -0.015  0.870   1.00 31.57 ? 318 HOH A O   1 
HETATM 1359 O O   . HOH B 2 .   ? -8.984  0.534   10.399  1.00 26.73 ? 319 HOH A O   1 
HETATM 1360 O O   . HOH B 2 .   ? -9.497  -9.906  -5.363  1.00 34.62 ? 320 HOH A O   1 
HETATM 1361 O O   . HOH B 2 .   ? -11.938 -5.255  -11.639 1.00 36.19 ? 321 HOH A O   1 
HETATM 1362 O O   . HOH B 2 .   ? 3.057   6.710   -7.906  1.00 31.59 ? 322 HOH A O   1 
HETATM 1363 O O   . HOH B 2 .   ? -18.280 7.111   16.155  1.00 41.02 ? 323 HOH A O   1 
HETATM 1364 O O   . HOH B 2 .   ? 6.841   2.148   -10.148 1.00 36.81 ? 324 HOH A O   1 
HETATM 1365 O O   . HOH B 2 .   ? 6.720   -14.925 -11.264 1.00 42.97 ? 325 HOH A O   1 
HETATM 1366 O O   . HOH B 2 .   ? 3.816   -12.556 -13.417 1.00 38.52 ? 326 HOH A O   1 
HETATM 1367 O O   . HOH B 2 .   ? 0.476   0.494   19.938  1.00 40.79 ? 327 HOH A O   1 
HETATM 1368 O O   . HOH B 2 .   ? -21.920 2.959   -4.285  1.00 48.14 ? 328 HOH A O   1 
HETATM 1369 O O   . HOH B 2 .   ? 1.804   -22.007 -0.114  1.00 43.52 ? 329 HOH A O   1 
HETATM 1370 O O   . HOH B 2 .   ? 3.892   -21.449 -11.124 1.00 49.00 ? 330 HOH A O   1 
HETATM 1371 O O   . HOH B 2 .   ? -7.901  -20.914 3.395   1.00 46.78 ? 331 HOH A O   1 
HETATM 1372 O O   . HOH B 2 .   ? -17.600 2.232   -8.384  1.00 28.94 ? 332 HOH A O   1 
HETATM 1373 O O   . HOH B 2 .   ? 6.981   7.665   4.336   1.00 36.62 ? 333 HOH A O   1 
HETATM 1374 O O   . HOH B 2 .   ? -18.311 -0.484  -9.082  1.00 43.10 ? 334 HOH A O   1 
# 
